data_3HII
#
_entry.id   3HII
#
_cell.length_a   92.455
_cell.length_b   94.690
_cell.length_c   196.279
_cell.angle_alpha   90.00
_cell.angle_beta   90.00
_cell.angle_gamma   90.00
#
_symmetry.space_group_name_H-M   'P 21 21 21'
#
loop_
_entity.id
_entity.type
_entity.pdbx_description
1 polymer 'Amiloride-sensitive amine oxidase'
2 branched beta-D-mannopyranose-(1-4)-2-acetamido-2-deoxy-beta-D-glucopyranose-(1-4)-2-acetamido-2-deoxy-beta-D-glucopyranose
3 branched 2-acetamido-2-deoxy-beta-D-glucopyranose-(1-4)-2-acetamido-2-deoxy-beta-D-glucopyranose
4 non-polymer 'COPPER (II) ION'
5 non-polymer 'CALCIUM ION'
6 non-polymer GLYCEROL
7 non-polymer 1,5-BIS(4-AMIDINOPHENOXY)PENTANE
8 water water
#
_entity_poly.entity_id   1
_entity_poly.type   'polypeptide(L)'
_entity_poly.pdbx_seq_one_letter_code
;RSPGTLPRKAGVFSDLSNQELKAVHSFLWSKKELRLQPSSTTTMAKNTVFLIEMLLPKKYHVLRFLDKGERHPVREARAV
IFFGDQEHPNVTEFAVGPLPGPCYMRALSPRPGYQSSWASRPISTAEYALLYHTLQEATKPLHQFFLNTTGFSFQDCHDR
CLAFTDVAPRGVASGQRRSWLIIQRYVEGYFLHPTGLELLVDHGSTDAGHWAVEQVWYNGKFYGSPEELARKYADGEVDV
VVLEDPLPGGKGHDSTEEPPLFSSHKPRGDFPSPIHVSGPRLVQPHGPRFRLEGNAVLYGGWSFAFRLRSSSGLQVLNVH
FGGERIAYEVSVQEAVALYGGHTPAGMQTKYLDVGWGLGSVTHELAPGIDCPETATFLDTFHYYDADDPVHYPRALCLFE
MPTGVPLRRHFNSNFKGGFNFYAGLKGQVLVLRTTSTVYN(TPQ)DYIWDFIFYPNGVMEAKMHATGYVHATFYTPEGLR
HGTRLHTHLIGNIHTHLVHYRVDLDVAGTKNSFQTLQMKLENITNPWSPRHRVVQPTLEQTQYSWERQAAFRFKRKLPKY
LLFTSPQENPWGHKRSYRLQIHSMADQVLPPGWQEEQAITWARYPLAVTKYRESELCSSSIYHQNDPWDPPVVFEQFLHN
NENIENEDLVAWVTVGFLHIPHSEDIPNTATPGNSVGFLLRPFNFFPEDPSLASRDTVIVWPRDNGPNYVQRWIPEDRDC
SMPPPFSYNGTYRPV
;
_entity_poly.pdbx_strand_id   A,B
#
loop_
_chem_comp.id
_chem_comp.type
_chem_comp.name
_chem_comp.formula
BMA D-saccharide, beta linking beta-D-mannopyranose 'C6 H12 O6'
CA non-polymer 'CALCIUM ION' 'Ca 2'
CU non-polymer 'COPPER (II) ION' 'Cu 2'
GOL non-polymer GLYCEROL 'C3 H8 O3'
NAG D-saccharide, beta linking 2-acetamido-2-deoxy-beta-D-glucopyranose 'C8 H15 N O6'
PNT non-polymer 1,5-BIS(4-AMIDINOPHENOXY)PENTANE 'C19 H24 N4 O2'
#
# COMPACT_ATOMS: atom_id res chain seq x y z
N PRO A 7 -1.02 -28.30 18.35
CA PRO A 7 -1.55 -28.22 16.97
C PRO A 7 -2.92 -28.89 16.79
N ARG A 8 -3.20 -29.91 17.60
CA ARG A 8 -4.53 -30.52 17.67
C ARG A 8 -5.57 -29.56 18.26
N LYS A 9 -5.11 -28.61 19.08
CA LYS A 9 -5.99 -27.60 19.67
C LYS A 9 -6.63 -26.68 18.64
N ALA A 10 -5.93 -26.39 17.55
CA ALA A 10 -6.46 -25.53 16.48
C ALA A 10 -7.74 -26.09 15.85
N GLY A 11 -7.95 -27.40 15.98
CA GLY A 11 -9.16 -28.08 15.55
C GLY A 11 -10.46 -27.46 16.06
N VAL A 12 -10.41 -26.81 17.23
CA VAL A 12 -11.56 -26.11 17.77
C VAL A 12 -12.05 -25.02 16.81
N PHE A 13 -11.14 -24.42 16.04
CA PHE A 13 -11.47 -23.39 15.07
C PHE A 13 -11.73 -23.94 13.67
N SER A 14 -11.62 -25.25 13.51
CA SER A 14 -11.65 -25.85 12.18
C SER A 14 -13.04 -25.99 11.58
N ASP A 15 -13.09 -25.82 10.26
CA ASP A 15 -14.31 -26.03 9.51
C ASP A 15 -14.77 -27.48 9.57
N LEU A 16 -16.03 -27.69 9.24
CA LEU A 16 -16.60 -29.02 9.23
C LEU A 16 -16.00 -29.82 8.06
N SER A 17 -15.68 -31.10 8.31
CA SER A 17 -15.21 -32.02 7.28
C SER A 17 -16.38 -32.48 6.43
N ASN A 18 -16.06 -33.07 5.28
CA ASN A 18 -17.07 -33.73 4.43
C ASN A 18 -17.92 -34.72 5.25
N GLN A 19 -17.26 -35.51 6.11
CA GLN A 19 -17.94 -36.46 6.98
C GLN A 19 -18.92 -35.79 7.95
N GLU A 20 -18.48 -34.73 8.60
CA GLU A 20 -19.32 -34.01 9.57
C GLU A 20 -20.50 -33.31 8.90
N LEU A 21 -20.28 -32.72 7.74
CA LEU A 21 -21.36 -32.11 6.98
C LEU A 21 -22.45 -33.16 6.70
N LYS A 22 -22.02 -34.33 6.21
CA LYS A 22 -22.95 -35.44 5.94
C LYS A 22 -23.66 -35.89 7.20
N ALA A 23 -22.94 -35.97 8.31
CA ALA A 23 -23.52 -36.39 9.58
C ALA A 23 -24.62 -35.44 10.04
N VAL A 24 -24.39 -34.14 9.85
CA VAL A 24 -25.38 -33.12 10.23
C VAL A 24 -26.58 -33.19 9.29
N HIS A 25 -26.31 -33.28 8.00
CA HIS A 25 -27.36 -33.37 7.01
C HIS A 25 -28.23 -34.61 7.21
N SER A 26 -27.60 -35.73 7.52
CA SER A 26 -28.31 -36.99 7.78
CA SER A 26 -28.30 -37.00 7.79
C SER A 26 -29.19 -36.89 9.01
N PHE A 27 -28.66 -36.28 10.07
CA PHE A 27 -29.41 -36.06 11.29
C PHE A 27 -30.64 -35.20 11.03
N LEU A 28 -30.49 -34.14 10.25
CA LEU A 28 -31.64 -33.30 9.91
C LEU A 28 -32.67 -34.11 9.11
N TRP A 29 -32.19 -34.87 8.12
CA TRP A 29 -33.08 -35.71 7.33
C TRP A 29 -33.77 -36.84 8.12
N SER A 30 -33.20 -37.27 9.24
CA SER A 30 -33.82 -38.31 10.06
C SER A 30 -35.04 -37.81 10.85
N LYS A 31 -35.17 -36.48 10.99
CA LYS A 31 -36.35 -35.87 11.61
C LYS A 31 -37.45 -35.72 10.55
N LYS A 32 -38.29 -36.74 10.43
CA LYS A 32 -39.31 -36.80 9.37
C LYS A 32 -40.30 -35.63 9.41
N GLU A 33 -40.52 -35.07 10.59
CA GLU A 33 -41.45 -33.95 10.74
C GLU A 33 -40.99 -32.66 10.03
N LEU A 34 -39.70 -32.57 9.68
CA LEU A 34 -39.18 -31.40 8.97
C LEU A 34 -39.54 -31.43 7.49
N ARG A 35 -39.95 -32.59 6.99
CA ARG A 35 -40.39 -32.76 5.61
C ARG A 35 -39.37 -32.18 4.61
N LEU A 36 -38.10 -32.50 4.85
CA LEU A 36 -37.01 -31.89 4.09
C LEU A 36 -36.90 -32.47 2.69
N GLN A 37 -36.71 -31.59 1.70
CA GLN A 37 -36.49 -31.99 0.32
C GLN A 37 -35.13 -31.47 -0.16
N PRO A 38 -34.62 -32.02 -1.28
CA PRO A 38 -33.36 -31.54 -1.82
C PRO A 38 -33.46 -30.10 -2.33
N SER A 39 -32.34 -29.38 -2.25
CA SER A 39 -32.29 -27.96 -2.62
C SER A 39 -32.61 -27.76 -4.10
N SER A 40 -32.29 -28.76 -4.91
CA SER A 40 -32.53 -28.69 -6.34
C SER A 40 -33.99 -28.90 -6.75
N THR A 41 -34.85 -29.32 -5.82
CA THR A 41 -36.28 -29.42 -6.12
C THR A 41 -36.81 -28.04 -6.53
N THR A 42 -37.39 -27.95 -7.73
CA THR A 42 -37.76 -26.66 -8.31
C THR A 42 -39.16 -26.18 -7.91
N THR A 43 -39.36 -26.02 -6.61
CA THR A 43 -40.51 -25.32 -6.05
C THR A 43 -40.02 -24.53 -4.86
N MET A 44 -40.60 -23.35 -4.64
CA MET A 44 -40.30 -22.55 -3.46
C MET A 44 -41.03 -23.09 -2.22
N ALA A 45 -42.17 -23.75 -2.43
CA ALA A 45 -42.96 -24.25 -1.33
C ALA A 45 -42.42 -25.60 -0.90
N LYS A 46 -41.21 -25.60 -0.35
CA LYS A 46 -40.54 -26.80 0.14
C LYS A 46 -39.76 -26.44 1.39
N ASN A 47 -39.51 -27.44 2.23
CA ASN A 47 -38.58 -27.31 3.35
C ASN A 47 -37.20 -27.85 2.94
N THR A 48 -36.15 -27.04 3.09
CA THR A 48 -34.80 -27.42 2.66
CA THR A 48 -34.79 -27.43 2.67
C THR A 48 -33.74 -26.88 3.62
N VAL A 49 -32.61 -27.58 3.73
CA VAL A 49 -31.48 -27.10 4.50
C VAL A 49 -30.59 -26.28 3.55
N PHE A 50 -30.52 -24.98 3.77
CA PHE A 50 -29.86 -24.10 2.83
C PHE A 50 -28.35 -24.03 3.07
N LEU A 51 -27.96 -24.04 4.33
CA LEU A 51 -26.57 -23.86 4.73
C LEU A 51 -26.26 -24.69 5.96
N ILE A 52 -25.08 -25.31 5.96
CA ILE A 52 -24.49 -25.94 7.15
C ILE A 52 -23.03 -25.52 7.22
N GLU A 53 -22.63 -25.01 8.38
CA GLU A 53 -21.22 -24.65 8.62
C GLU A 53 -20.93 -24.75 10.11
N MET A 54 -19.65 -24.81 10.46
CA MET A 54 -19.24 -24.91 11.86
C MET A 54 -19.63 -23.64 12.62
N LEU A 55 -20.13 -23.83 13.85
CA LEU A 55 -20.55 -22.76 14.73
C LEU A 55 -19.54 -22.66 15.86
N LEU A 56 -18.79 -21.56 15.87
CA LEU A 56 -17.73 -21.38 16.83
C LEU A 56 -18.25 -21.45 18.27
N PRO A 57 -17.55 -22.17 19.16
CA PRO A 57 -17.98 -22.15 20.57
C PRO A 57 -17.74 -20.78 21.20
N LYS A 58 -18.25 -20.59 22.41
CA LYS A 58 -18.04 -19.36 23.15
C LYS A 58 -16.55 -19.14 23.45
N LYS A 59 -16.12 -17.89 23.33
CA LYS A 59 -14.73 -17.50 23.58
C LYS A 59 -14.29 -17.86 25.00
N TYR A 60 -15.18 -17.63 25.96
CA TYR A 60 -14.91 -17.99 27.35
C TYR A 60 -14.42 -19.45 27.46
N HIS A 61 -15.14 -20.33 26.79
CA HIS A 61 -14.85 -21.76 26.84
C HIS A 61 -13.62 -22.13 26.02
N VAL A 62 -13.50 -21.54 24.83
CA VAL A 62 -12.33 -21.75 23.98
C VAL A 62 -11.05 -21.36 24.71
N LEU A 63 -11.05 -20.17 25.32
CA LEU A 63 -9.85 -19.69 26.00
C LEU A 63 -9.49 -20.57 27.21
N ARG A 64 -10.48 -21.06 27.95
CA ARG A 64 -10.21 -21.99 29.05
C ARG A 64 -9.63 -23.31 28.54
N PHE A 65 -10.08 -23.72 27.36
CA PHE A 65 -9.52 -24.89 26.69
C PHE A 65 -8.08 -24.60 26.28
N LEU A 66 -7.87 -23.48 25.60
CA LEU A 66 -6.56 -23.12 25.07
C LEU A 66 -5.54 -22.74 26.13
N ASP A 67 -5.95 -21.97 27.13
CA ASP A 67 -5.00 -21.35 28.05
C ASP A 67 -4.96 -21.99 29.44
N LYS A 68 -5.99 -22.77 29.82
CA LYS A 68 -6.09 -23.24 31.21
C LYS A 68 -6.27 -24.74 31.34
N GLY A 69 -6.03 -25.48 30.26
CA GLY A 69 -6.10 -26.93 30.28
C GLY A 69 -7.48 -27.55 30.45
N GLU A 70 -8.54 -26.75 30.35
CA GLU A 70 -9.89 -27.28 30.55
C GLU A 70 -10.37 -28.05 29.32
N ARG A 71 -11.56 -28.64 29.39
CA ARG A 71 -12.05 -29.52 28.34
C ARG A 71 -12.29 -28.82 27.01
N HIS A 72 -12.15 -29.59 25.94
CA HIS A 72 -12.53 -29.17 24.59
C HIS A 72 -14.01 -28.73 24.62
N PRO A 73 -14.32 -27.55 24.05
CA PRO A 73 -15.73 -27.17 23.96
C PRO A 73 -16.49 -28.09 23.02
N VAL A 74 -17.80 -28.22 23.26
CA VAL A 74 -18.67 -29.00 22.39
C VAL A 74 -18.63 -28.42 20.98
N ARG A 75 -18.54 -29.29 19.99
CA ARG A 75 -18.49 -28.90 18.60
C ARG A 75 -19.90 -28.97 18.01
N GLU A 76 -20.29 -27.89 17.32
CA GLU A 76 -21.62 -27.76 16.73
C GLU A 76 -21.57 -27.21 15.32
N ALA A 77 -22.68 -27.39 14.60
CA ALA A 77 -22.84 -26.82 13.27
C ALA A 77 -24.04 -25.89 13.27
N ARG A 78 -23.91 -24.77 12.57
CA ARG A 78 -25.04 -23.94 12.24
C ARG A 78 -25.76 -24.59 11.05
N ALA A 79 -27.08 -24.71 11.16
CA ALA A 79 -27.91 -25.23 10.07
C ALA A 79 -29.01 -24.23 9.79
N VAL A 80 -29.09 -23.73 8.56
CA VAL A 80 -30.13 -22.79 8.18
C VAL A 80 -31.17 -23.54 7.38
N ILE A 81 -32.40 -23.56 7.89
CA ILE A 81 -33.49 -24.26 7.22
C ILE A 81 -34.52 -23.29 6.65
N PHE A 82 -34.75 -23.40 5.34
CA PHE A 82 -35.83 -22.68 4.66
C PHE A 82 -37.12 -23.46 4.86
N PHE A 83 -38.07 -22.90 5.60
CA PHE A 83 -39.37 -23.54 5.79
C PHE A 83 -40.39 -22.95 4.83
N GLY A 84 -40.34 -23.39 3.57
CA GLY A 84 -41.28 -22.95 2.54
C GLY A 84 -42.60 -23.72 2.51
N ASP A 85 -42.63 -24.91 3.12
CA ASP A 85 -43.75 -25.86 2.96
C ASP A 85 -44.75 -25.73 4.11
N GLN A 86 -45.32 -24.55 4.22
CA GLN A 86 -46.24 -24.22 5.31
C GLN A 86 -46.92 -22.91 4.94
N GLU A 87 -48.00 -22.60 5.66
CA GLU A 87 -48.82 -21.42 5.36
C GLU A 87 -48.05 -20.10 5.52
N HIS A 88 -47.24 -20.01 6.58
CA HIS A 88 -46.43 -18.82 6.83
C HIS A 88 -44.95 -19.21 6.72
N PRO A 89 -44.41 -19.16 5.50
CA PRO A 89 -43.01 -19.55 5.28
C PRO A 89 -42.06 -18.73 6.15
N ASN A 90 -40.95 -19.34 6.57
CA ASN A 90 -39.92 -18.60 7.29
C ASN A 90 -38.56 -19.27 7.14
N VAL A 91 -37.52 -18.56 7.57
CA VAL A 91 -36.19 -19.15 7.71
C VAL A 91 -35.92 -19.27 9.20
N THR A 92 -35.50 -20.44 9.64
CA THR A 92 -35.11 -20.68 11.04
C THR A 92 -33.73 -21.32 11.06
N GLU A 93 -32.88 -20.90 11.99
CA GLU A 93 -31.57 -21.49 12.15
C GLU A 93 -31.55 -22.37 13.39
N PHE A 94 -30.72 -23.40 13.35
CA PHE A 94 -30.48 -24.26 14.52
C PHE A 94 -28.99 -24.46 14.71
N ALA A 95 -28.63 -24.79 15.95
CA ALA A 95 -27.30 -25.30 16.25
C ALA A 95 -27.46 -26.81 16.43
N VAL A 96 -26.78 -27.57 15.59
CA VAL A 96 -26.81 -29.03 15.65
C VAL A 96 -25.54 -29.55 16.31
N GLY A 97 -25.72 -30.45 17.27
CA GLY A 97 -24.59 -31.07 17.97
C GLY A 97 -25.00 -32.27 18.79
N PRO A 98 -24.03 -32.89 19.50
CA PRO A 98 -22.62 -32.55 19.41
C PRO A 98 -21.98 -33.22 18.20
N LEU A 99 -20.74 -32.82 17.89
CA LEU A 99 -20.00 -33.46 16.83
C LEU A 99 -18.72 -34.00 17.43
N PRO A 100 -18.48 -35.32 17.27
CA PRO A 100 -19.31 -36.28 16.56
C PRO A 100 -20.57 -36.70 17.33
N GLY A 101 -21.51 -37.32 16.62
CA GLY A 101 -22.71 -37.92 17.22
C GLY A 101 -23.85 -36.95 17.46
N PRO A 102 -24.34 -36.27 16.41
CA PRO A 102 -25.39 -35.27 16.65
C PRO A 102 -26.68 -35.86 17.24
N CYS A 103 -27.17 -35.23 18.31
N CYS A 103 -27.21 -35.22 18.28
CA CYS A 103 -28.42 -35.65 18.99
CA CYS A 103 -28.46 -35.67 18.91
C CYS A 103 -29.50 -34.56 19.03
C CYS A 103 -29.42 -34.54 19.29
N TYR A 104 -29.08 -33.29 18.98
CA TYR A 104 -29.99 -32.17 19.20
C TYR A 104 -29.90 -31.12 18.10
N MET A 105 -31.02 -30.42 17.89
CA MET A 105 -31.03 -29.17 17.17
C MET A 105 -31.71 -28.12 18.06
N ARG A 106 -30.94 -27.12 18.49
CA ARG A 106 -31.45 -26.03 19.33
C ARG A 106 -31.56 -24.73 18.53
N ALA A 107 -32.40 -23.81 19.01
CA ALA A 107 -32.64 -22.54 18.34
C ALA A 107 -31.36 -21.72 18.25
N LEU A 108 -31.20 -21.02 17.13
CA LEU A 108 -30.00 -20.22 16.90
C LEU A 108 -30.42 -18.90 16.28
N SER A 109 -29.92 -17.80 16.82
CA SER A 109 -30.27 -16.45 16.34
C SER A 109 -31.77 -16.28 16.14
N PRO A 110 -32.59 -16.69 17.13
CA PRO A 110 -34.03 -16.52 16.96
C PRO A 110 -34.39 -15.03 16.95
N ARG A 111 -35.35 -14.65 16.13
CA ARG A 111 -35.76 -13.25 16.02
C ARG A 111 -37.29 -13.18 16.10
N PRO A 112 -37.85 -13.56 17.27
CA PRO A 112 -39.30 -13.60 17.40
C PRO A 112 -39.94 -12.21 17.23
N GLY A 113 -41.08 -12.16 16.57
CA GLY A 113 -41.75 -10.90 16.28
C GLY A 113 -41.38 -10.25 14.96
N TYR A 114 -40.41 -10.82 14.25
CA TYR A 114 -40.01 -10.34 12.92
C TYR A 114 -40.71 -11.24 11.93
N GLN A 115 -41.29 -10.65 10.88
CA GLN A 115 -42.15 -11.39 9.98
C GLN A 115 -41.64 -11.51 8.55
N SER A 116 -40.56 -10.82 8.21
CA SER A 116 -40.06 -10.81 6.84
C SER A 116 -38.91 -11.78 6.58
N SER A 117 -38.75 -12.83 7.39
CA SER A 117 -37.59 -13.72 7.21
C SER A 117 -37.59 -14.41 5.85
N TRP A 118 -38.78 -14.82 5.36
CA TRP A 118 -38.83 -15.49 4.07
C TRP A 118 -38.38 -14.54 2.96
N ALA A 119 -38.89 -13.30 2.97
CA ALA A 119 -38.47 -12.32 1.97
C ALA A 119 -36.98 -11.97 2.08
N SER A 120 -36.41 -12.11 3.28
CA SER A 120 -34.98 -11.78 3.49
C SER A 120 -34.02 -12.86 2.99
N ARG A 121 -34.53 -14.06 2.70
CA ARG A 121 -33.66 -15.20 2.43
C ARG A 121 -32.89 -15.03 1.12
N PRO A 122 -31.67 -15.61 1.06
CA PRO A 122 -30.91 -15.59 -0.19
C PRO A 122 -31.65 -16.27 -1.32
N ILE A 123 -31.30 -15.84 -2.54
CA ILE A 123 -31.78 -16.49 -3.75
C ILE A 123 -31.11 -17.87 -3.85
N SER A 124 -31.65 -18.74 -4.69
CA SER A 124 -31.16 -20.11 -4.83
C SER A 124 -31.27 -20.58 -6.27
N THR A 125 -30.56 -21.65 -6.58
CA THR A 125 -30.59 -22.23 -7.92
C THR A 125 -32.01 -22.59 -8.36
N ALA A 126 -32.79 -23.18 -7.45
CA ALA A 126 -34.18 -23.54 -7.77
C ALA A 126 -34.97 -22.29 -8.16
N GLU A 127 -34.75 -21.21 -7.42
CA GLU A 127 -35.46 -19.95 -7.65
C GLU A 127 -35.05 -19.38 -8.99
N TYR A 128 -33.77 -19.43 -9.32
CA TYR A 128 -33.30 -18.94 -10.62
C TYR A 128 -33.95 -19.71 -11.78
N ALA A 129 -34.04 -21.02 -11.65
CA ALA A 129 -34.67 -21.86 -12.68
C ALA A 129 -36.11 -21.41 -12.92
N LEU A 130 -36.85 -21.24 -11.83
CA LEU A 130 -38.23 -20.76 -11.94
C LEU A 130 -38.29 -19.33 -12.51
N LEU A 131 -37.32 -18.49 -12.17
CA LEU A 131 -37.28 -17.14 -12.75
C LEU A 131 -37.10 -17.22 -14.26
N TYR A 132 -36.20 -18.09 -14.71
CA TYR A 132 -35.96 -18.24 -16.12
C TYR A 132 -37.24 -18.74 -16.81
N HIS A 133 -37.98 -19.63 -16.15
CA HIS A 133 -39.26 -20.11 -16.67
C HIS A 133 -40.28 -18.98 -16.77
N THR A 134 -40.35 -18.17 -15.73
CA THR A 134 -41.23 -17.00 -15.70
C THR A 134 -40.91 -16.04 -16.85
N LEU A 135 -39.62 -15.80 -17.08
CA LEU A 135 -39.21 -14.89 -18.16
C LEU A 135 -39.54 -15.45 -19.54
N GLN A 136 -39.30 -16.74 -19.73
CA GLN A 136 -39.58 -17.41 -21.01
C GLN A 136 -41.05 -17.28 -21.41
N GLU A 137 -41.95 -17.46 -20.45
CA GLU A 137 -43.39 -17.29 -20.67
C GLU A 137 -43.75 -15.81 -20.81
N ALA A 138 -43.38 -15.01 -19.82
CA ALA A 138 -43.79 -13.61 -19.76
C ALA A 138 -43.27 -12.80 -20.96
N THR A 139 -42.12 -13.16 -21.50
CA THR A 139 -41.51 -12.37 -22.57
C THR A 139 -41.85 -12.88 -23.99
N LYS A 140 -42.74 -13.86 -24.09
CA LYS A 140 -43.17 -14.38 -25.40
C LYS A 140 -43.61 -13.31 -26.40
N PRO A 141 -44.41 -12.32 -25.95
CA PRO A 141 -44.74 -11.23 -26.87
C PRO A 141 -43.53 -10.52 -27.47
N LEU A 142 -42.39 -10.55 -26.76
CA LEU A 142 -41.19 -9.85 -27.21
C LEU A 142 -40.24 -10.70 -28.05
N HIS A 143 -40.63 -11.93 -28.36
CA HIS A 143 -39.71 -12.85 -29.04
C HIS A 143 -39.15 -12.25 -30.33
N GLN A 144 -40.03 -11.79 -31.20
CA GLN A 144 -39.60 -11.24 -32.48
C GLN A 144 -38.80 -9.96 -32.28
N PHE A 145 -39.22 -9.16 -31.31
CA PHE A 145 -38.44 -8.00 -30.87
C PHE A 145 -37.01 -8.43 -30.49
N PHE A 146 -36.89 -9.50 -29.72
CA PHE A 146 -35.58 -10.00 -29.30
C PHE A 146 -34.71 -10.35 -30.51
N LEU A 147 -35.27 -11.11 -31.44
CA LEU A 147 -34.52 -11.57 -32.60
C LEU A 147 -34.08 -10.37 -33.45
N ASN A 148 -35.00 -9.44 -33.70
CA ASN A 148 -34.68 -8.26 -34.51
C ASN A 148 -33.64 -7.35 -33.86
N THR A 149 -33.74 -7.13 -32.55
CA THR A 149 -32.82 -6.20 -31.87
C THR A 149 -31.47 -6.82 -31.44
N THR A 150 -31.45 -8.13 -31.18
CA THR A 150 -30.26 -8.78 -30.62
C THR A 150 -29.75 -10.02 -31.35
N GLY A 151 -30.60 -10.66 -32.15
CA GLY A 151 -30.26 -11.96 -32.73
C GLY A 151 -30.28 -13.12 -31.73
N PHE A 152 -30.62 -12.83 -30.47
CA PHE A 152 -30.66 -13.86 -29.42
C PHE A 152 -32.10 -13.91 -28.90
N SER A 153 -32.42 -14.92 -28.09
CA SER A 153 -33.79 -15.10 -27.57
C SER A 153 -33.83 -15.84 -26.24
N PHE A 154 -35.01 -15.87 -25.61
CA PHE A 154 -35.25 -16.70 -24.43
C PHE A 154 -35.91 -18.04 -24.80
N GLN A 155 -36.72 -18.07 -25.86
CA GLN A 155 -37.40 -19.31 -26.26
C GLN A 155 -36.70 -19.97 -27.45
N ASP A 156 -36.61 -21.31 -27.41
CA ASP A 156 -35.99 -22.12 -28.48
C ASP A 156 -34.56 -21.69 -28.82
N CYS A 157 -33.75 -21.38 -27.80
CA CYS A 157 -32.37 -20.95 -28.03
C CYS A 157 -31.42 -22.09 -27.71
N HIS A 158 -30.23 -22.03 -28.28
CA HIS A 158 -29.20 -23.04 -28.03
C HIS A 158 -27.85 -22.38 -27.75
N ASP A 159 -27.29 -21.71 -28.76
CA ASP A 159 -26.03 -20.98 -28.63
C ASP A 159 -26.26 -19.45 -28.70
N ARG A 160 -27.51 -19.03 -28.87
CA ARG A 160 -27.83 -17.60 -28.92
C ARG A 160 -28.93 -17.28 -27.90
N CYS A 161 -28.60 -17.54 -26.63
CA CYS A 161 -29.56 -17.35 -25.54
C CYS A 161 -29.36 -16.01 -24.86
N LEU A 162 -30.47 -15.39 -24.50
CA LEU A 162 -30.44 -14.25 -23.60
C LEU A 162 -30.28 -14.79 -22.19
N ALA A 163 -29.70 -13.96 -21.34
CA ALA A 163 -29.55 -14.28 -19.95
C ALA A 163 -29.92 -13.03 -19.17
N PHE A 164 -30.04 -13.18 -17.86
CA PHE A 164 -30.29 -12.04 -17.00
C PHE A 164 -29.38 -12.05 -15.78
N THR A 165 -29.18 -10.87 -15.21
CA THR A 165 -28.48 -10.69 -13.93
C THR A 165 -29.46 -9.98 -13.02
N ASP A 166 -29.78 -10.58 -11.87
CA ASP A 166 -30.66 -9.91 -10.92
C ASP A 166 -29.83 -9.01 -10.02
N VAL A 167 -30.42 -7.87 -9.65
CA VAL A 167 -29.77 -6.95 -8.73
C VAL A 167 -30.57 -6.98 -7.44
N ALA A 168 -29.92 -6.63 -6.34
CA ALA A 168 -30.54 -6.60 -5.02
C ALA A 168 -30.16 -5.27 -4.32
N PRO A 169 -30.95 -4.84 -3.30
CA PRO A 169 -32.15 -5.47 -2.75
C PRO A 169 -33.34 -5.43 -3.73
N ARG A 170 -34.43 -6.09 -3.32
CA ARG A 170 -35.50 -6.48 -4.21
C ARG A 170 -36.82 -5.84 -3.78
N GLY A 171 -36.91 -4.53 -4.03
CA GLY A 171 -38.08 -3.74 -3.70
C GLY A 171 -37.76 -2.42 -3.03
N VAL A 172 -38.77 -1.86 -2.37
CA VAL A 172 -38.67 -0.56 -1.70
C VAL A 172 -38.90 -0.63 -0.20
N ALA A 173 -39.18 -1.82 0.33
CA ALA A 173 -39.45 -1.98 1.75
C ALA A 173 -39.34 -3.43 2.19
N SER A 174 -39.12 -3.61 3.49
CA SER A 174 -39.00 -4.93 4.11
C SER A 174 -40.20 -5.83 3.77
N GLY A 175 -39.93 -7.07 3.41
CA GLY A 175 -40.99 -8.03 3.06
C GLY A 175 -41.22 -8.19 1.57
N GLN A 176 -40.65 -7.29 0.77
CA GLN A 176 -40.79 -7.35 -0.69
C GLN A 176 -39.71 -8.23 -1.30
N ARG A 177 -40.05 -8.85 -2.41
CA ARG A 177 -39.12 -9.64 -3.20
C ARG A 177 -39.43 -9.37 -4.66
N ARG A 178 -39.07 -8.15 -5.07
CA ARG A 178 -39.35 -7.65 -6.42
C ARG A 178 -38.03 -7.25 -7.04
N SER A 179 -37.52 -8.06 -7.98
CA SER A 179 -36.16 -7.89 -8.48
C SER A 179 -36.10 -7.24 -9.86
N TRP A 180 -35.24 -6.25 -10.03
CA TRP A 180 -34.92 -5.75 -11.36
C TRP A 180 -33.92 -6.72 -12.01
N LEU A 181 -34.15 -7.01 -13.29
CA LEU A 181 -33.31 -7.96 -14.02
C LEU A 181 -32.74 -7.27 -15.23
N ILE A 182 -31.41 -7.31 -15.35
CA ILE A 182 -30.70 -6.79 -16.51
C ILE A 182 -30.58 -7.91 -17.55
N ILE A 183 -31.15 -7.69 -18.73
CA ILE A 183 -31.11 -8.65 -19.81
C ILE A 183 -29.80 -8.47 -20.59
N GLN A 184 -29.14 -9.59 -20.84
CA GLN A 184 -27.83 -9.62 -21.50
C GLN A 184 -27.81 -10.73 -22.54
N ARG A 185 -26.86 -10.61 -23.46
CA ARG A 185 -26.56 -11.70 -24.39
C ARG A 185 -25.57 -12.65 -23.77
N TYR A 186 -25.92 -13.93 -23.77
CA TYR A 186 -25.07 -14.94 -23.15
C TYR A 186 -23.92 -15.36 -24.07
N VAL A 187 -22.91 -14.49 -24.12
CA VAL A 187 -21.66 -14.76 -24.84
C VAL A 187 -20.51 -14.72 -23.82
N GLU A 188 -19.30 -14.99 -24.28
CA GLU A 188 -18.10 -14.94 -23.44
C GLU A 188 -18.00 -13.58 -22.76
N GLY A 189 -17.96 -13.60 -21.43
CA GLY A 189 -17.92 -12.37 -20.66
C GLY A 189 -19.25 -11.65 -20.77
N TYR A 190 -20.33 -12.44 -20.70
CA TYR A 190 -21.71 -11.97 -20.89
C TYR A 190 -22.10 -10.80 -20.00
N PHE A 191 -21.43 -10.65 -18.86
CA PHE A 191 -21.64 -9.53 -17.95
C PHE A 191 -21.60 -8.17 -18.66
N LEU A 192 -20.79 -8.08 -19.71
CA LEU A 192 -20.59 -6.83 -20.43
C LEU A 192 -21.48 -6.68 -21.67
N HIS A 193 -22.54 -7.48 -21.76
CA HIS A 193 -23.41 -7.47 -22.93
C HIS A 193 -24.90 -7.23 -22.62
N PRO A 194 -25.23 -6.08 -22.02
CA PRO A 194 -26.63 -5.73 -21.82
C PRO A 194 -27.32 -5.39 -23.13
N THR A 195 -28.62 -5.66 -23.21
CA THR A 195 -29.38 -5.45 -24.43
C THR A 195 -30.11 -4.12 -24.45
N GLY A 196 -30.32 -3.54 -23.27
CA GLY A 196 -31.09 -2.30 -23.15
C GLY A 196 -32.46 -2.55 -22.55
N LEU A 197 -32.82 -3.82 -22.36
CA LEU A 197 -34.05 -4.18 -21.67
C LEU A 197 -33.75 -4.50 -20.22
N GLU A 198 -34.59 -4.05 -19.31
CA GLU A 198 -34.54 -4.48 -17.93
C GLU A 198 -35.95 -4.82 -17.50
N LEU A 199 -36.11 -5.82 -16.64
CA LEU A 199 -37.44 -6.28 -16.21
C LEU A 199 -37.58 -6.39 -14.69
N LEU A 200 -38.69 -5.90 -14.16
CA LEU A 200 -39.00 -6.02 -12.74
C LEU A 200 -39.94 -7.20 -12.54
N VAL A 201 -39.54 -8.17 -11.75
CA VAL A 201 -40.36 -9.34 -11.46
C VAL A 201 -40.67 -9.43 -9.98
N ASP A 202 -41.94 -9.57 -9.65
CA ASP A 202 -42.37 -9.89 -8.28
C ASP A 202 -42.36 -11.41 -8.13
N HIS A 203 -41.39 -11.92 -7.37
CA HIS A 203 -41.27 -13.37 -7.14
C HIS A 203 -41.39 -13.73 -5.65
N GLY A 204 -42.28 -13.03 -4.95
CA GLY A 204 -42.48 -13.23 -3.52
C GLY A 204 -43.22 -14.51 -3.13
N SER A 205 -44.25 -14.86 -3.90
N SER A 205 -44.27 -14.86 -3.89
CA SER A 205 -45.11 -16.01 -3.56
CA SER A 205 -45.12 -16.00 -3.49
C SER A 205 -44.38 -17.33 -3.74
C SER A 205 -44.43 -17.33 -3.74
N THR A 206 -44.71 -18.30 -2.88
CA THR A 206 -44.13 -19.66 -2.99
C THR A 206 -44.74 -20.44 -4.17
N ASP A 207 -45.81 -19.91 -4.76
CA ASP A 207 -46.35 -20.42 -5.99
C ASP A 207 -45.83 -19.57 -7.15
N ALA A 208 -44.88 -20.12 -7.91
CA ALA A 208 -44.26 -19.39 -9.02
C ALA A 208 -45.23 -19.00 -10.13
N GLY A 209 -46.41 -19.62 -10.17
CA GLY A 209 -47.46 -19.24 -11.11
C GLY A 209 -48.02 -17.86 -10.86
N HIS A 210 -47.85 -17.35 -9.64
CA HIS A 210 -48.28 -16.00 -9.31
C HIS A 210 -47.25 -14.92 -9.70
N TRP A 211 -46.04 -15.35 -10.04
CA TRP A 211 -44.96 -14.41 -10.35
C TRP A 211 -45.27 -13.62 -11.61
N ALA A 212 -44.93 -12.33 -11.60
CA ALA A 212 -45.30 -11.46 -12.72
C ALA A 212 -44.22 -10.44 -13.02
N VAL A 213 -43.99 -10.21 -14.30
CA VAL A 213 -43.22 -9.05 -14.74
C VAL A 213 -44.15 -7.85 -14.56
N GLU A 214 -43.85 -6.99 -13.58
CA GLU A 214 -44.75 -5.88 -13.26
C GLU A 214 -44.35 -4.59 -13.95
N GLN A 215 -43.15 -4.55 -14.53
CA GLN A 215 -42.67 -3.36 -15.21
C GLN A 215 -41.55 -3.72 -16.16
N VAL A 216 -41.39 -2.89 -17.20
CA VAL A 216 -40.43 -3.10 -18.26
C VAL A 216 -39.75 -1.78 -18.58
N TRP A 217 -38.42 -1.78 -18.62
CA TRP A 217 -37.66 -0.61 -19.02
C TRP A 217 -36.86 -1.00 -20.26
N TYR A 218 -36.96 -0.21 -21.32
CA TYR A 218 -36.13 -0.43 -22.50
C TYR A 218 -35.60 0.89 -23.04
N ASN A 219 -34.27 0.99 -23.13
CA ASN A 219 -33.61 2.12 -23.78
C ASN A 219 -34.17 3.48 -23.39
N GLY A 220 -34.39 3.67 -22.10
CA GLY A 220 -34.72 4.99 -21.56
C GLY A 220 -36.18 5.22 -21.23
N LYS A 221 -37.05 4.26 -21.53
CA LYS A 221 -38.48 4.41 -21.25
C LYS A 221 -39.07 3.21 -20.53
N PHE A 222 -40.07 3.49 -19.70
CA PHE A 222 -40.84 2.46 -19.03
C PHE A 222 -42.00 2.10 -19.93
N TYR A 223 -42.46 0.85 -19.84
CA TYR A 223 -43.51 0.34 -20.73
C TYR A 223 -44.64 -0.42 -20.06
N GLY A 224 -44.55 -0.70 -18.77
CA GLY A 224 -45.69 -1.32 -18.08
C GLY A 224 -45.75 -2.83 -18.18
N SER A 225 -45.74 -3.37 -19.40
CA SER A 225 -45.77 -4.82 -19.64
C SER A 225 -44.97 -5.22 -20.88
N PRO A 226 -44.59 -6.49 -20.99
CA PRO A 226 -44.00 -7.00 -22.23
C PRO A 226 -44.88 -6.77 -23.47
N GLU A 227 -46.19 -7.00 -23.32
CA GLU A 227 -47.14 -6.82 -24.41
C GLU A 227 -47.16 -5.40 -24.95
N GLU A 228 -47.13 -4.41 -24.04
CA GLU A 228 -47.14 -3.01 -24.43
C GLU A 228 -45.90 -2.65 -25.25
N LEU A 229 -44.71 -3.09 -24.79
CA LEU A 229 -43.49 -2.86 -25.56
C LEU A 229 -43.57 -3.57 -26.94
N ALA A 230 -44.06 -4.81 -26.93
CA ALA A 230 -44.26 -5.56 -28.16
C ALA A 230 -45.16 -4.79 -29.13
N ARG A 231 -46.31 -4.32 -28.63
CA ARG A 231 -47.25 -3.53 -29.42
C ARG A 231 -46.58 -2.30 -30.02
N LYS A 232 -46.05 -1.45 -29.14
CA LYS A 232 -45.42 -0.19 -29.57
C LYS A 232 -44.28 -0.42 -30.54
N TYR A 233 -43.53 -1.50 -30.34
CA TYR A 233 -42.50 -1.89 -31.29
C TYR A 233 -43.09 -2.29 -32.63
N ALA A 234 -44.13 -3.13 -32.59
CA ALA A 234 -44.81 -3.56 -33.82
C ALA A 234 -45.32 -2.33 -34.58
N ASP A 235 -45.91 -1.38 -33.86
CA ASP A 235 -46.44 -0.15 -34.45
C ASP A 235 -45.37 0.91 -34.77
N GLY A 236 -44.10 0.52 -34.76
CA GLY A 236 -43.02 1.43 -35.15
C GLY A 236 -42.82 2.64 -34.25
N GLU A 237 -43.30 2.56 -33.01
CA GLU A 237 -43.23 3.68 -32.06
C GLU A 237 -42.09 3.56 -31.06
N VAL A 238 -41.15 2.64 -31.28
CA VAL A 238 -40.02 2.46 -30.35
C VAL A 238 -38.69 2.71 -31.04
N ASP A 239 -37.93 3.68 -30.54
CA ASP A 239 -36.56 3.90 -30.99
C ASP A 239 -35.70 2.79 -30.41
N VAL A 240 -35.42 1.78 -31.21
CA VAL A 240 -34.67 0.61 -30.76
C VAL A 240 -33.19 0.73 -31.13
N VAL A 241 -32.36 0.00 -30.39
CA VAL A 241 -30.95 -0.14 -30.71
C VAL A 241 -30.74 -1.57 -31.15
N VAL A 242 -30.47 -1.75 -32.44
CA VAL A 242 -30.17 -3.06 -33.02
C VAL A 242 -28.69 -3.37 -32.77
N LEU A 243 -28.43 -4.40 -31.97
CA LEU A 243 -27.07 -4.78 -31.61
C LEU A 243 -26.44 -5.59 -32.75
N GLU A 244 -25.14 -5.39 -32.98
CA GLU A 244 -24.42 -6.16 -34.00
C GLU A 244 -24.26 -7.62 -33.58
N ASP A 245 -23.86 -8.46 -34.53
CA ASP A 245 -23.64 -9.88 -34.28
C ASP A 245 -22.35 -10.03 -33.46
N PRO A 246 -22.42 -10.74 -32.33
CA PRO A 246 -21.20 -11.06 -31.58
C PRO A 246 -20.53 -12.34 -32.06
N LEU A 247 -21.32 -13.38 -32.34
CA LEU A 247 -20.80 -14.68 -32.77
C LEU A 247 -20.78 -14.75 -34.29
N GLU A 258 -12.61 -13.36 -36.28
CA GLU A 258 -11.20 -13.60 -36.00
C GLU A 258 -10.75 -12.89 -34.72
N PRO A 259 -10.98 -11.57 -34.61
CA PRO A 259 -10.51 -10.88 -33.39
C PRO A 259 -11.21 -11.37 -32.13
N PRO A 260 -10.54 -11.31 -30.98
CA PRO A 260 -11.25 -11.65 -29.74
C PRO A 260 -12.44 -10.71 -29.46
N LEU A 261 -13.44 -11.23 -28.79
CA LEU A 261 -14.55 -10.42 -28.29
C LEU A 261 -13.98 -9.44 -27.26
N PHE A 262 -14.45 -8.20 -27.27
CA PHE A 262 -13.93 -7.20 -26.33
C PHE A 262 -14.00 -7.68 -24.88
N SER A 263 -14.95 -8.57 -24.57
CA SER A 263 -15.15 -9.07 -23.21
C SER A 263 -14.38 -10.35 -22.91
N SER A 264 -13.51 -10.77 -23.84
CA SER A 264 -12.64 -11.92 -23.67
CA SER A 264 -12.65 -11.92 -23.66
C SER A 264 -11.30 -11.50 -23.07
N HIS A 265 -10.66 -12.44 -22.36
CA HIS A 265 -9.30 -12.22 -21.86
C HIS A 265 -8.23 -12.53 -22.93
N LYS A 266 -8.64 -13.02 -24.10
CA LYS A 266 -7.68 -13.42 -25.12
C LYS A 266 -6.77 -12.26 -25.53
N PRO A 267 -5.45 -12.50 -25.64
CA PRO A 267 -4.57 -11.39 -25.99
C PRO A 267 -4.87 -10.75 -27.36
N ARG A 268 -4.72 -9.44 -27.42
CA ARG A 268 -4.70 -8.72 -28.69
C ARG A 268 -3.85 -7.48 -28.53
N GLY A 269 -3.42 -6.92 -29.66
CA GLY A 269 -2.43 -5.84 -29.68
C GLY A 269 -1.03 -6.40 -29.45
N ASP A 270 -0.02 -5.57 -29.69
CA ASP A 270 1.38 -5.95 -29.47
C ASP A 270 2.09 -4.83 -28.75
N PHE A 271 2.91 -5.18 -27.76
CA PHE A 271 3.80 -4.20 -27.13
C PHE A 271 4.91 -3.83 -28.11
N PRO A 272 5.41 -2.59 -28.03
CA PRO A 272 6.54 -2.24 -28.88
C PRO A 272 7.80 -3.02 -28.56
N SER A 273 7.99 -3.42 -27.31
CA SER A 273 9.15 -4.24 -26.91
C SER A 273 8.73 -5.68 -26.61
N PRO A 274 8.85 -6.59 -27.60
CA PRO A 274 8.33 -7.97 -27.47
C PRO A 274 8.84 -8.74 -26.25
N ILE A 275 7.93 -9.47 -25.59
CA ILE A 275 8.27 -10.35 -24.47
C ILE A 275 7.91 -11.80 -24.86
N HIS A 276 8.94 -12.58 -25.21
CA HIS A 276 8.74 -13.94 -25.72
C HIS A 276 8.94 -15.04 -24.70
N VAL A 277 9.44 -14.71 -23.51
CA VAL A 277 9.78 -15.71 -22.50
C VAL A 277 9.01 -15.52 -21.21
N SER A 278 8.97 -16.57 -20.40
CA SER A 278 8.33 -16.49 -19.09
C SER A 278 9.13 -15.56 -18.19
N GLY A 279 8.44 -14.83 -17.33
CA GLY A 279 9.11 -13.96 -16.37
C GLY A 279 9.77 -14.75 -15.26
N PRO A 280 10.47 -14.07 -14.37
CA PRO A 280 11.05 -14.77 -13.22
C PRO A 280 9.99 -15.48 -12.38
N ARG A 281 10.42 -16.50 -11.66
CA ARG A 281 9.53 -17.34 -10.88
C ARG A 281 10.15 -17.68 -9.53
N LEU A 282 9.30 -17.88 -8.53
CA LEU A 282 9.75 -18.38 -7.22
C LEU A 282 10.15 -19.85 -7.31
N VAL A 283 11.29 -20.22 -6.73
CA VAL A 283 11.60 -21.63 -6.47
C VAL A 283 11.72 -21.84 -4.97
N GLN A 284 11.42 -23.03 -4.52
CA GLN A 284 11.45 -23.36 -3.09
C GLN A 284 12.09 -24.75 -2.87
N PRO A 285 13.38 -24.89 -3.21
CA PRO A 285 14.12 -26.15 -3.10
C PRO A 285 14.12 -26.77 -1.71
N HIS A 286 14.09 -25.93 -0.68
CA HIS A 286 14.11 -26.40 0.70
C HIS A 286 12.71 -26.68 1.25
N GLY A 287 11.67 -26.42 0.45
CA GLY A 287 10.30 -26.65 0.88
C GLY A 287 9.79 -25.52 1.75
N PRO A 288 8.56 -25.63 2.25
CA PRO A 288 7.99 -24.56 3.06
C PRO A 288 8.76 -24.34 4.36
N ARG A 289 8.87 -23.08 4.76
CA ARG A 289 9.51 -22.73 6.03
C ARG A 289 8.48 -22.52 7.15
N PHE A 290 7.20 -22.46 6.77
CA PHE A 290 6.11 -22.49 7.74
C PHE A 290 5.66 -23.94 7.95
N ARG A 291 5.02 -24.20 9.09
CA ARG A 291 4.48 -25.51 9.40
C ARG A 291 2.96 -25.44 9.37
N LEU A 292 2.37 -25.99 8.32
CA LEU A 292 0.92 -26.05 8.18
C LEU A 292 0.52 -27.48 8.49
N GLU A 293 -0.29 -27.64 9.52
CA GLU A 293 -0.86 -28.92 9.85
C GLU A 293 -2.33 -28.71 10.24
N GLY A 294 -3.23 -29.30 9.45
CA GLY A 294 -4.65 -29.04 9.56
C GLY A 294 -4.93 -27.56 9.28
N ASN A 295 -5.58 -26.93 10.23
CA ASN A 295 -5.81 -25.49 10.15
C ASN A 295 -4.91 -24.72 11.12
N ALA A 296 -3.76 -25.31 11.48
CA ALA A 296 -2.78 -24.67 12.38
C ALA A 296 -1.54 -24.28 11.59
N VAL A 297 -1.05 -23.06 11.82
CA VAL A 297 0.13 -22.57 11.14
C VAL A 297 1.16 -22.06 12.15
N LEU A 298 2.40 -22.48 11.95
CA LEU A 298 3.57 -21.91 12.63
C LEU A 298 4.49 -21.32 11.57
N TYR A 299 5.00 -20.12 11.82
CA TYR A 299 5.89 -19.43 10.88
C TYR A 299 6.76 -18.46 11.69
N GLY A 300 7.99 -18.89 11.96
CA GLY A 300 8.92 -18.14 12.83
C GLY A 300 8.31 -17.80 14.16
N GLY A 301 8.07 -16.50 14.37
CA GLY A 301 7.46 -16.02 15.60
C GLY A 301 5.99 -16.32 15.68
N TRP A 302 5.36 -16.57 14.53
CA TRP A 302 3.89 -16.66 14.45
C TRP A 302 3.30 -18.00 14.81
N SER A 303 2.10 -17.96 15.38
CA SER A 303 1.24 -19.11 15.55
C SER A 303 -0.19 -18.68 15.38
N PHE A 304 -0.93 -19.32 14.48
CA PHE A 304 -2.34 -19.01 14.29
C PHE A 304 -3.12 -20.17 13.71
N ALA A 305 -4.44 -20.11 13.83
CA ALA A 305 -5.33 -21.06 13.18
C ALA A 305 -6.16 -20.29 12.17
N PHE A 306 -6.76 -20.98 11.23
CA PHE A 306 -7.63 -20.31 10.27
C PHE A 306 -8.87 -21.13 10.01
N ARG A 307 -9.85 -20.49 9.42
CA ARG A 307 -11.00 -21.20 8.90
C ARG A 307 -11.59 -20.37 7.79
N LEU A 308 -12.44 -21.00 7.01
CA LEU A 308 -13.12 -20.36 5.92
C LEU A 308 -14.62 -20.56 6.14
N ARG A 309 -15.25 -19.58 6.76
CA ARG A 309 -16.68 -19.64 7.05
C ARG A 309 -17.44 -19.52 5.73
N SER A 310 -18.22 -20.54 5.40
CA SER A 310 -19.00 -20.56 4.15
C SER A 310 -19.85 -19.30 3.95
N SER A 311 -20.42 -18.78 5.03
CA SER A 311 -21.29 -17.60 4.92
C SER A 311 -20.49 -16.32 4.62
N SER A 312 -19.52 -16.01 5.48
CA SER A 312 -18.82 -14.71 5.48
C SER A 312 -17.38 -14.71 4.94
N GLY A 313 -16.70 -15.86 4.99
CA GLY A 313 -15.35 -15.99 4.43
C GLY A 313 -14.22 -16.23 5.44
N LEU A 314 -13.03 -15.76 5.08
CA LEU A 314 -11.77 -16.11 5.73
C LEU A 314 -11.63 -15.51 7.12
N GLN A 315 -11.12 -16.31 8.05
CA GLN A 315 -10.78 -15.84 9.40
C GLN A 315 -9.45 -16.40 9.84
N VAL A 316 -8.66 -15.58 10.54
CA VAL A 316 -7.51 -16.11 11.26
C VAL A 316 -7.80 -15.95 12.75
N LEU A 317 -7.52 -17.01 13.49
CA LEU A 317 -7.89 -17.09 14.90
C LEU A 317 -6.70 -17.40 15.79
N ASN A 318 -6.78 -16.93 17.03
CA ASN A 318 -5.83 -17.28 18.09
C ASN A 318 -4.40 -16.92 17.69
N VAL A 319 -4.25 -15.73 17.12
CA VAL A 319 -2.99 -15.29 16.55
C VAL A 319 -2.03 -14.91 17.65
N HIS A 320 -0.88 -15.61 17.69
CA HIS A 320 0.21 -15.30 18.59
C HIS A 320 1.45 -14.89 17.80
N PHE A 321 2.28 -14.06 18.43
CA PHE A 321 3.67 -13.90 18.05
C PHE A 321 4.52 -13.96 19.29
N GLY A 322 5.63 -14.70 19.23
CA GLY A 322 6.53 -14.89 20.36
C GLY A 322 5.94 -15.70 21.51
N GLY A 323 4.91 -16.49 21.24
CA GLY A 323 4.21 -17.21 22.29
C GLY A 323 3.22 -16.35 23.08
N GLU A 324 2.93 -15.15 22.58
CA GLU A 324 1.95 -14.30 23.23
C GLU A 324 0.84 -13.91 22.27
N ARG A 325 -0.40 -13.95 22.76
CA ARG A 325 -1.56 -13.63 21.94
C ARG A 325 -1.56 -12.15 21.55
N ILE A 326 -1.97 -11.92 20.32
CA ILE A 326 -2.13 -10.59 19.76
C ILE A 326 -3.59 -10.33 19.36
N ALA A 327 -4.22 -11.33 18.72
CA ALA A 327 -5.61 -11.23 18.26
C ALA A 327 -6.35 -12.58 18.39
N TYR A 328 -7.53 -12.57 19.01
CA TYR A 328 -8.35 -13.77 19.06
C TYR A 328 -8.99 -14.09 17.70
N GLU A 329 -9.33 -13.04 16.94
CA GLU A 329 -9.99 -13.19 15.65
C GLU A 329 -9.75 -11.97 14.78
N VAL A 330 -9.47 -12.22 13.51
CA VAL A 330 -9.51 -11.20 12.49
C VAL A 330 -10.29 -11.83 11.34
N SER A 331 -11.40 -11.21 10.95
CA SER A 331 -12.30 -11.82 9.98
C SER A 331 -13.01 -10.81 9.10
N VAL A 332 -13.23 -11.21 7.86
CA VAL A 332 -14.10 -10.49 6.94
C VAL A 332 -15.55 -10.63 7.46
N GLN A 333 -16.24 -9.50 7.53
CA GLN A 333 -17.61 -9.45 8.01
C GLN A 333 -18.64 -9.19 6.91
N GLU A 334 -18.30 -8.32 5.97
CA GLU A 334 -19.19 -7.95 4.86
C GLU A 334 -18.38 -7.25 3.79
N ALA A 335 -18.86 -7.32 2.56
CA ALA A 335 -18.22 -6.65 1.43
C ALA A 335 -19.34 -6.19 0.50
N VAL A 336 -19.36 -4.89 0.20
CA VAL A 336 -20.49 -4.29 -0.49
C VAL A 336 -20.02 -3.45 -1.67
N ALA A 337 -20.92 -3.31 -2.63
CA ALA A 337 -20.71 -2.47 -3.79
C ALA A 337 -22.00 -1.67 -4.00
N LEU A 338 -21.91 -0.36 -3.80
CA LEU A 338 -23.09 0.51 -3.75
C LEU A 338 -23.12 1.35 -5.00
N TYR A 339 -24.17 1.18 -5.81
CA TYR A 339 -24.20 1.74 -7.15
C TYR A 339 -25.09 2.94 -7.29
N GLY A 340 -24.79 3.76 -8.30
CA GLY A 340 -25.74 4.72 -8.85
C GLY A 340 -26.00 4.31 -10.28
N GLY A 341 -27.12 4.77 -10.85
CA GLY A 341 -27.40 4.48 -12.25
C GLY A 341 -28.53 5.26 -12.90
N HIS A 342 -28.48 5.27 -14.23
CA HIS A 342 -29.53 5.84 -15.06
C HIS A 342 -30.66 4.84 -15.32
N THR A 343 -30.34 3.55 -15.34
CA THR A 343 -31.38 2.53 -15.51
C THR A 343 -31.92 2.14 -14.13
N PRO A 344 -33.14 1.58 -14.08
CA PRO A 344 -33.73 1.14 -12.80
C PRO A 344 -32.90 0.09 -12.04
N ALA A 345 -32.34 -0.87 -12.79
CA ALA A 345 -31.45 -1.88 -12.21
C ALA A 345 -30.23 -1.23 -11.58
N GLY A 346 -29.67 -0.24 -12.28
CA GLY A 346 -28.47 0.45 -11.81
C GLY A 346 -28.72 1.24 -10.56
N MET A 347 -29.81 2.00 -10.54
CA MET A 347 -30.15 2.78 -9.35
C MET A 347 -30.68 1.91 -8.19
N GLN A 348 -30.96 0.63 -8.46
CA GLN A 348 -31.40 -0.29 -7.42
C GLN A 348 -30.24 -0.96 -6.69
N THR A 349 -29.08 -1.07 -7.35
CA THR A 349 -28.04 -2.01 -6.91
C THR A 349 -27.24 -1.59 -5.69
N LYS A 350 -27.50 -2.28 -4.59
CA LYS A 350 -26.61 -2.26 -3.44
C LYS A 350 -26.30 -3.70 -3.09
N TYR A 351 -25.21 -4.22 -3.63
CA TYR A 351 -24.84 -5.61 -3.38
C TYR A 351 -24.17 -5.79 -2.02
N LEU A 352 -24.71 -6.69 -1.20
CA LEU A 352 -24.09 -7.13 0.06
C LEU A 352 -23.71 -8.61 -0.06
N ASP A 353 -22.42 -8.88 -0.20
CA ASP A 353 -21.97 -10.18 -0.68
C ASP A 353 -22.12 -11.36 0.30
N VAL A 354 -22.17 -11.11 1.60
CA VAL A 354 -22.46 -12.18 2.55
C VAL A 354 -23.87 -12.76 2.28
N GLY A 355 -24.72 -11.94 1.65
CA GLY A 355 -26.02 -12.39 1.18
C GLY A 355 -25.96 -13.41 0.06
N TRP A 356 -24.76 -13.64 -0.48
CA TRP A 356 -24.51 -14.56 -1.58
C TRP A 356 -23.52 -15.66 -1.22
N GLY A 357 -23.24 -15.83 0.07
CA GLY A 357 -22.29 -16.83 0.52
C GLY A 357 -20.89 -16.46 0.06
N LEU A 358 -20.44 -15.30 0.48
CA LEU A 358 -19.10 -14.79 0.18
C LEU A 358 -18.00 -15.83 0.41
N GLY A 359 -18.14 -16.61 1.48
CA GLY A 359 -17.15 -17.62 1.84
C GLY A 359 -17.23 -18.97 1.13
N SER A 360 -18.24 -19.14 0.26
CA SER A 360 -18.43 -20.42 -0.42
C SER A 360 -18.33 -20.30 -1.96
N VAL A 361 -17.81 -19.18 -2.43
CA VAL A 361 -17.52 -18.99 -3.84
C VAL A 361 -16.00 -18.89 -4.02
N THR A 362 -15.33 -19.71 -3.22
CA THR A 362 -13.90 -19.86 -3.20
C THR A 362 -13.44 -20.82 -4.29
N HIS A 363 -13.45 -20.37 -5.53
CA HIS A 363 -13.21 -21.27 -6.65
C HIS A 363 -11.71 -21.48 -6.91
N GLU A 364 -11.41 -22.42 -7.78
CA GLU A 364 -10.09 -23.03 -7.83
C GLU A 364 -8.98 -22.03 -8.18
N LEU A 365 -7.99 -21.98 -7.29
CA LEU A 365 -6.82 -21.13 -7.47
C LEU A 365 -5.87 -21.77 -8.47
N ALA A 366 -5.50 -21.01 -9.51
CA ALA A 366 -4.63 -21.50 -10.57
C ALA A 366 -3.15 -21.40 -10.18
N PRO A 367 -2.46 -22.55 -10.05
CA PRO A 367 -1.06 -22.50 -9.60
C PRO A 367 -0.14 -21.76 -10.56
N GLY A 368 0.64 -20.84 -10.02
CA GLY A 368 1.51 -19.99 -10.81
C GLY A 368 0.88 -18.66 -11.20
N ILE A 369 -0.44 -18.53 -11.04
CA ILE A 369 -1.15 -17.30 -11.40
C ILE A 369 -1.78 -16.70 -10.15
N ASP A 370 -2.76 -17.40 -9.58
CA ASP A 370 -3.48 -16.94 -8.38
C ASP A 370 -2.61 -17.00 -7.12
N CYS A 371 -1.76 -18.03 -7.04
CA CYS A 371 -0.71 -18.10 -6.03
C CYS A 371 0.56 -18.59 -6.74
N PRO A 372 1.73 -18.40 -6.12
CA PRO A 372 2.95 -18.94 -6.73
C PRO A 372 2.89 -20.46 -6.93
N GLU A 373 3.64 -20.95 -7.92
CA GLU A 373 3.71 -22.38 -8.20
C GLU A 373 4.21 -23.14 -6.98
N THR A 374 4.92 -22.44 -6.11
CA THR A 374 5.48 -23.02 -4.89
C THR A 374 4.51 -23.02 -3.69
N ALA A 375 3.29 -22.52 -3.86
CA ALA A 375 2.33 -22.44 -2.74
C ALA A 375 1.79 -23.82 -2.33
N THR A 376 1.37 -23.90 -1.06
CA THR A 376 0.58 -25.02 -0.60
C THR A 376 -0.86 -24.67 -0.89
N PHE A 377 -1.54 -25.52 -1.66
CA PHE A 377 -2.91 -25.33 -2.07
C PHE A 377 -3.78 -26.28 -1.26
N LEU A 378 -4.93 -25.78 -0.80
CA LEU A 378 -5.78 -26.52 0.11
C LEU A 378 -7.19 -26.61 -0.41
N ASP A 379 -7.77 -27.80 -0.29
CA ASP A 379 -9.17 -28.03 -0.62
C ASP A 379 -10.07 -27.65 0.53
N THR A 380 -11.34 -27.42 0.22
CA THR A 380 -12.35 -27.39 1.26
C THR A 380 -13.66 -27.98 0.79
N PHE A 381 -14.61 -28.06 1.72
CA PHE A 381 -15.97 -28.47 1.43
C PHE A 381 -16.93 -27.37 1.85
N HIS A 382 -17.94 -27.11 1.02
CA HIS A 382 -19.03 -26.19 1.36
C HIS A 382 -20.38 -26.88 1.22
N TYR A 383 -21.30 -26.55 2.12
CA TYR A 383 -22.69 -26.90 1.93
C TYR A 383 -23.50 -25.60 1.95
N TYR A 384 -23.78 -25.08 0.76
CA TYR A 384 -24.50 -23.83 0.57
C TYR A 384 -25.37 -24.00 -0.69
N ASP A 385 -26.69 -24.01 -0.53
CA ASP A 385 -27.62 -24.24 -1.65
C ASP A 385 -27.27 -25.52 -2.45
N ALA A 386 -27.13 -26.63 -1.76
CA ALA A 386 -26.66 -27.86 -2.39
C ALA A 386 -27.40 -29.06 -1.82
N ASP A 387 -27.40 -30.15 -2.58
CA ASP A 387 -28.02 -31.40 -2.12
C ASP A 387 -27.08 -32.23 -1.26
N ASP A 388 -25.78 -32.08 -1.50
CA ASP A 388 -24.75 -32.77 -0.73
C ASP A 388 -23.57 -31.81 -0.54
N PRO A 389 -22.71 -32.09 0.45
CA PRO A 389 -21.48 -31.32 0.57
C PRO A 389 -20.66 -31.38 -0.73
N VAL A 390 -20.05 -30.27 -1.10
CA VAL A 390 -19.37 -30.11 -2.38
C VAL A 390 -17.88 -29.83 -2.16
N HIS A 391 -17.03 -30.57 -2.88
CA HIS A 391 -15.59 -30.41 -2.81
C HIS A 391 -15.14 -29.24 -3.68
N TYR A 392 -14.37 -28.34 -3.07
CA TYR A 392 -13.84 -27.15 -3.74
C TYR A 392 -12.33 -27.30 -3.79
N PRO A 393 -11.77 -27.66 -4.96
CA PRO A 393 -10.33 -27.85 -5.06
C PRO A 393 -9.57 -26.52 -4.99
N ARG A 394 -8.47 -26.51 -4.24
CA ARG A 394 -7.60 -25.34 -4.16
C ARG A 394 -8.40 -24.08 -3.87
N ALA A 395 -9.23 -24.16 -2.85
CA ALA A 395 -10.02 -23.04 -2.38
C ALA A 395 -9.15 -21.99 -1.70
N LEU A 396 -8.10 -22.44 -0.99
CA LEU A 396 -7.15 -21.55 -0.32
C LEU A 396 -5.70 -21.89 -0.71
N CYS A 397 -4.79 -20.94 -0.51
CA CYS A 397 -3.37 -21.24 -0.59
C CYS A 397 -2.60 -20.51 0.51
N LEU A 398 -1.46 -21.09 0.86
CA LEU A 398 -0.58 -20.53 1.88
C LEU A 398 0.81 -20.64 1.27
N PHE A 399 1.55 -19.52 1.30
CA PHE A 399 2.86 -19.47 0.67
C PHE A 399 3.74 -18.37 1.24
N GLU A 400 5.06 -18.62 1.19
CA GLU A 400 6.04 -17.60 1.54
C GLU A 400 6.53 -17.01 0.25
N MET A 401 6.67 -15.69 0.21
CA MET A 401 7.19 -15.03 -0.98
C MET A 401 8.12 -13.90 -0.62
N PRO A 402 9.15 -13.71 -1.43
CA PRO A 402 9.99 -12.55 -1.23
C PRO A 402 9.20 -11.29 -1.58
N THR A 403 9.31 -10.29 -0.72
CA THR A 403 8.62 -9.02 -0.95
C THR A 403 9.37 -8.15 -1.96
N GLY A 404 10.63 -8.48 -2.23
CA GLY A 404 11.49 -7.67 -3.09
C GLY A 404 12.17 -6.49 -2.40
N VAL A 405 11.85 -6.24 -1.13
CA VAL A 405 12.48 -5.15 -0.37
C VAL A 405 12.93 -5.69 0.99
N PRO A 406 14.17 -5.37 1.41
CA PRO A 406 14.66 -5.99 2.64
C PRO A 406 13.84 -5.56 3.85
N LEU A 407 13.71 -6.43 4.86
CA LEU A 407 12.95 -6.06 6.07
C LEU A 407 13.68 -4.92 6.77
N ARG A 408 15.00 -5.02 6.81
CA ARG A 408 15.86 -3.95 7.30
C ARG A 408 17.22 -4.06 6.61
N ARG A 409 17.85 -2.92 6.40
CA ARG A 409 19.19 -2.88 5.86
C ARG A 409 19.88 -1.61 6.27
N HIS A 410 21.20 -1.67 6.34
CA HIS A 410 22.01 -0.52 6.66
C HIS A 410 23.40 -0.64 6.08
N PHE A 411 23.87 0.43 5.44
CA PHE A 411 25.26 0.57 5.03
C PHE A 411 25.96 1.53 6.00
N ASN A 412 26.83 0.99 6.85
CA ASN A 412 27.55 1.79 7.83
C ASN A 412 28.86 2.29 7.22
N SER A 413 28.81 3.47 6.61
CA SER A 413 29.97 4.02 5.90
C SER A 413 31.06 4.41 6.89
N ASN A 414 32.32 4.38 6.43
CA ASN A 414 33.41 4.98 7.21
C ASN A 414 33.74 6.39 6.69
N PHE A 415 32.99 6.86 5.70
CA PHE A 415 33.17 8.21 5.15
C PHE A 415 34.60 8.45 4.65
N LYS A 416 35.31 7.35 4.36
CA LYS A 416 36.69 7.40 3.88
C LYS A 416 36.87 6.45 2.71
N GLY A 417 35.83 6.33 1.88
CA GLY A 417 35.88 5.44 0.71
C GLY A 417 35.56 3.98 0.99
N GLY A 418 35.14 3.66 2.22
CA GLY A 418 34.82 2.29 2.59
C GLY A 418 33.69 2.20 3.58
N PHE A 419 33.71 1.14 4.40
CA PHE A 419 32.61 0.89 5.31
C PHE A 419 33.06 0.16 6.57
N ASN A 420 32.23 0.21 7.60
CA ASN A 420 32.45 -0.54 8.83
C ASN A 420 31.68 -1.83 8.80
N PHE A 421 30.51 -1.79 8.14
CA PHE A 421 29.76 -3.01 7.84
C PHE A 421 28.57 -2.72 6.93
N TYR A 422 28.10 -3.74 6.22
CA TYR A 422 26.74 -3.76 5.68
C TYR A 422 25.96 -4.85 6.41
N ALA A 423 24.72 -4.54 6.77
CA ALA A 423 23.83 -5.53 7.38
C ALA A 423 22.46 -5.48 6.71
N GLY A 424 21.89 -6.64 6.45
CA GLY A 424 20.58 -6.71 5.82
C GLY A 424 19.88 -8.02 6.06
N LEU A 425 18.55 -7.97 6.03
CA LEU A 425 17.72 -9.16 6.15
C LEU A 425 16.75 -9.16 4.96
N LYS A 426 16.87 -10.19 4.11
CA LYS A 426 16.04 -10.33 2.91
C LYS A 426 14.56 -10.34 3.29
N GLY A 427 13.76 -9.64 2.51
CA GLY A 427 12.33 -9.52 2.76
C GLY A 427 11.55 -10.73 2.31
N GLN A 428 10.85 -11.35 3.26
CA GLN A 428 9.91 -12.43 3.02
C GLN A 428 8.60 -12.13 3.76
N VAL A 429 7.50 -12.70 3.27
CA VAL A 429 6.20 -12.63 3.93
CA VAL A 429 6.23 -12.64 3.97
C VAL A 429 5.45 -13.93 3.73
N LEU A 430 4.63 -14.30 4.70
CA LEU A 430 3.74 -15.46 4.59
C LEU A 430 2.38 -14.93 4.18
N VAL A 431 1.74 -15.58 3.20
CA VAL A 431 0.45 -15.12 2.69
C VAL A 431 -0.55 -16.26 2.75
N LEU A 432 -1.68 -16.02 3.44
CA LEU A 432 -2.85 -16.88 3.43
C LEU A 432 -3.89 -16.20 2.57
N ARG A 433 -4.38 -16.92 1.56
CA ARG A 433 -5.22 -16.32 0.55
C ARG A 433 -6.39 -17.20 0.20
N THR A 434 -7.53 -16.57 -0.04
CA THR A 434 -8.63 -17.20 -0.75
C THR A 434 -9.22 -16.16 -1.69
N THR A 435 -10.28 -16.53 -2.37
CA THR A 435 -10.95 -15.63 -3.27
C THR A 435 -12.46 -15.75 -3.07
N SER A 436 -13.20 -14.80 -3.61
CA SER A 436 -14.63 -14.92 -3.71
C SER A 436 -15.07 -14.40 -5.07
N THR A 437 -15.65 -15.30 -5.85
CA THR A 437 -16.22 -14.96 -7.15
C THR A 437 -17.69 -15.35 -7.12
N VAL A 438 -18.54 -14.44 -6.66
CA VAL A 438 -19.98 -14.72 -6.61
C VAL A 438 -20.56 -14.76 -8.04
N TYR A 439 -20.08 -13.86 -8.88
CA TYR A 439 -20.63 -13.72 -10.22
C TYR A 439 -19.66 -12.98 -11.14
N ASN A 440 -19.73 -11.66 -11.18
CA ASN A 440 -18.91 -10.87 -12.12
C ASN A 440 -17.52 -10.54 -11.59
N TPQ A 441 -17.44 -10.07 -10.34
CA TPQ A 441 -16.19 -9.68 -9.70
CB TPQ A 441 -16.48 -8.69 -8.55
C TPQ A 441 -15.45 -10.83 -9.00
O TPQ A 441 -16.08 -11.76 -8.52
C1 TPQ A 441 -16.41 -7.25 -8.97
C2 TPQ A 441 -17.56 -6.36 -8.71
O2 TPQ A 441 -18.60 -6.78 -8.17
C3 TPQ A 441 -17.45 -4.93 -9.12
C4 TPQ A 441 -16.29 -4.43 -9.72
O4 TPQ A 441 -16.20 -3.24 -10.06
C5 TPQ A 441 -15.14 -5.31 -9.97
O5 TPQ A 441 -14.10 -4.86 -10.51
C6 TPQ A 441 -15.24 -6.75 -9.57
N ASP A 442 -14.13 -10.72 -8.93
CA ASP A 442 -13.32 -11.64 -8.15
C ASP A 442 -12.59 -10.84 -7.09
N TYR A 443 -12.92 -11.08 -5.83
CA TYR A 443 -12.14 -10.48 -4.76
CA TYR A 443 -12.20 -10.53 -4.67
C TYR A 443 -11.07 -11.47 -4.31
N ILE A 444 -9.89 -10.93 -4.05
CA ILE A 444 -8.77 -11.71 -3.55
C ILE A 444 -8.52 -11.27 -2.10
N TRP A 445 -8.60 -12.23 -1.18
CA TRP A 445 -8.51 -11.95 0.25
C TRP A 445 -7.21 -12.50 0.80
N ASP A 446 -6.36 -11.61 1.32
CA ASP A 446 -5.08 -12.00 1.89
C ASP A 446 -5.01 -11.65 3.36
N PHE A 447 -4.37 -12.53 4.11
CA PHE A 447 -3.84 -12.22 5.42
C PHE A 447 -2.34 -12.51 5.32
N ILE A 448 -1.55 -11.51 5.70
CA ILE A 448 -0.13 -11.50 5.43
C ILE A 448 0.62 -11.37 6.74
N PHE A 449 1.69 -12.14 6.89
CA PHE A 449 2.43 -12.18 8.14
C PHE A 449 3.91 -11.94 7.89
N TYR A 450 4.44 -10.88 8.50
CA TYR A 450 5.81 -10.46 8.30
C TYR A 450 6.63 -11.00 9.46
N PRO A 451 7.93 -11.29 9.24
CA PRO A 451 8.75 -11.92 10.27
C PRO A 451 8.99 -11.06 11.52
N ASN A 452 8.74 -9.75 11.40
CA ASN A 452 8.84 -8.83 12.54
C ASN A 452 7.54 -8.59 13.31
N GLY A 453 6.55 -9.48 13.18
CA GLY A 453 5.33 -9.39 14.02
C GLY A 453 4.23 -8.46 13.47
N VAL A 454 4.45 -7.94 12.28
CA VAL A 454 3.45 -7.15 11.58
C VAL A 454 2.52 -8.11 10.82
N MET A 455 1.21 -7.90 10.92
N MET A 455 1.21 -7.90 10.97
CA MET A 455 0.30 -8.62 10.04
CA MET A 455 0.19 -8.61 10.18
C MET A 455 -0.60 -7.64 9.33
C MET A 455 -0.49 -7.57 9.28
N GLU A 456 -1.03 -8.03 8.15
CA GLU A 456 -1.72 -7.14 7.24
C GLU A 456 -2.87 -7.89 6.65
N ALA A 457 -4.01 -7.21 6.53
CA ALA A 457 -5.17 -7.73 5.83
C ALA A 457 -5.31 -6.92 4.55
N LYS A 458 -5.70 -7.59 3.48
CA LYS A 458 -5.77 -6.95 2.17
C LYS A 458 -6.91 -7.59 1.36
N MET A 459 -7.65 -6.75 0.66
CA MET A 459 -8.55 -7.22 -0.38
C MET A 459 -8.07 -6.61 -1.70
N HIS A 460 -8.06 -7.39 -2.77
CA HIS A 460 -7.84 -6.86 -4.13
C HIS A 460 -9.09 -7.11 -4.95
N ALA A 461 -9.44 -6.19 -5.83
CA ALA A 461 -10.56 -6.38 -6.76
C ALA A 461 -10.09 -6.66 -8.18
N THR A 462 -10.68 -7.69 -8.81
CA THR A 462 -10.52 -7.94 -10.23
C THR A 462 -11.80 -8.61 -10.80
N GLY A 463 -11.74 -9.16 -12.02
CA GLY A 463 -12.97 -9.70 -12.61
C GLY A 463 -13.74 -8.64 -13.37
N TYR A 464 -15.02 -8.90 -13.62
CA TYR A 464 -15.85 -8.01 -14.46
C TYR A 464 -16.63 -6.98 -13.64
N VAL A 465 -16.69 -5.74 -14.13
CA VAL A 465 -17.54 -4.70 -13.50
C VAL A 465 -19.03 -4.99 -13.69
N HIS A 466 -19.84 -4.43 -12.79
CA HIS A 466 -21.29 -4.42 -12.90
C HIS A 466 -21.66 -3.27 -13.84
N ALA A 467 -22.33 -3.60 -14.94
CA ALA A 467 -22.48 -2.65 -16.06
C ALA A 467 -23.89 -2.69 -16.62
N THR A 468 -24.33 -1.56 -17.18
CA THR A 468 -25.68 -1.41 -17.75
C THR A 468 -25.63 -0.85 -19.17
N PHE A 469 -26.80 -0.83 -19.81
CA PHE A 469 -26.91 -0.41 -21.21
C PHE A 469 -26.65 1.08 -21.33
N TYR A 470 -25.82 1.45 -22.29
CA TYR A 470 -25.49 2.87 -22.52
C TYR A 470 -26.68 3.66 -23.06
N THR A 471 -26.97 4.76 -22.40
CA THR A 471 -27.72 5.87 -22.98
C THR A 471 -26.98 7.11 -22.50
N PRO A 472 -27.19 8.28 -23.18
CA PRO A 472 -26.52 9.53 -22.78
C PRO A 472 -26.72 9.91 -21.31
N GLU A 473 -27.91 9.67 -20.78
CA GLU A 473 -28.23 9.92 -19.37
C GLU A 473 -27.37 9.08 -18.41
N GLY A 474 -26.83 7.98 -18.89
CA GLY A 474 -25.93 7.13 -18.09
C GLY A 474 -24.64 7.80 -17.68
N LEU A 475 -24.21 8.80 -18.44
CA LEU A 475 -22.94 9.50 -18.15
C LEU A 475 -22.95 10.29 -16.83
N ARG A 476 -24.14 10.57 -16.28
CA ARG A 476 -24.23 11.15 -14.95
C ARG A 476 -24.01 10.14 -13.81
N HIS A 477 -23.91 8.85 -14.14
CA HIS A 477 -23.81 7.80 -13.13
C HIS A 477 -22.73 6.77 -13.46
N GLY A 478 -21.77 7.15 -14.31
CA GLY A 478 -20.77 6.21 -14.80
C GLY A 478 -20.10 6.62 -16.11
N THR A 479 -19.43 5.66 -16.73
CA THR A 479 -18.55 5.90 -17.87
C THR A 479 -18.86 4.94 -19.00
N ARG A 480 -18.91 5.48 -20.22
CA ARG A 480 -19.04 4.65 -21.43
C ARG A 480 -17.76 3.89 -21.67
N LEU A 481 -17.85 2.56 -21.70
CA LEU A 481 -16.68 1.68 -21.82
C LEU A 481 -16.60 0.96 -23.14
N HIS A 482 -17.75 0.86 -23.80
CA HIS A 482 -17.86 0.26 -25.12
C HIS A 482 -19.09 0.86 -25.79
N THR A 483 -19.40 0.40 -27.00
CA THR A 483 -20.47 0.99 -27.82
C THR A 483 -21.78 1.09 -27.06
N HIS A 484 -22.21 -0.02 -26.46
CA HIS A 484 -23.50 -0.09 -25.76
C HIS A 484 -23.38 -0.26 -24.24
N LEU A 485 -22.22 0.08 -23.67
CA LEU A 485 -21.91 -0.31 -22.29
C LEU A 485 -21.56 0.89 -21.39
N ILE A 486 -22.22 0.97 -20.24
CA ILE A 486 -21.85 1.93 -19.19
C ILE A 486 -21.35 1.17 -17.98
N GLY A 487 -20.18 1.57 -17.48
CA GLY A 487 -19.70 1.11 -16.19
C GLY A 487 -20.23 2.05 -15.12
N ASN A 488 -21.18 1.56 -14.32
CA ASN A 488 -21.80 2.35 -13.27
C ASN A 488 -20.84 2.73 -12.16
N ILE A 489 -20.95 3.97 -11.69
CA ILE A 489 -20.23 4.44 -10.53
C ILE A 489 -20.66 3.66 -9.31
N HIS A 490 -19.71 3.34 -8.44
CA HIS A 490 -19.99 2.62 -7.21
C HIS A 490 -18.87 2.77 -6.21
N THR A 491 -19.16 2.39 -4.97
CA THR A 491 -18.15 2.34 -3.94
C THR A 491 -18.10 0.94 -3.36
N HIS A 492 -16.89 0.39 -3.30
CA HIS A 492 -16.61 -0.85 -2.61
C HIS A 492 -16.36 -0.52 -1.16
N LEU A 493 -17.02 -1.23 -0.24
CA LEU A 493 -16.73 -1.08 1.19
C LEU A 493 -16.63 -2.47 1.80
N VAL A 494 -15.57 -2.71 2.56
CA VAL A 494 -15.39 -3.96 3.28
C VAL A 494 -15.32 -3.69 4.78
N HIS A 495 -16.00 -4.52 5.55
CA HIS A 495 -15.94 -4.46 7.00
C HIS A 495 -15.16 -5.64 7.56
N TYR A 496 -14.23 -5.33 8.48
CA TYR A 496 -13.44 -6.36 9.17
C TYR A 496 -13.70 -6.32 10.66
N ARG A 497 -13.73 -7.50 11.28
CA ARG A 497 -13.76 -7.65 12.73
C ARG A 497 -12.37 -7.96 13.18
N VAL A 498 -11.87 -7.19 14.13
CA VAL A 498 -10.50 -7.31 14.58
C VAL A 498 -10.46 -7.41 16.10
N ASP A 499 -10.70 -8.63 16.59
CA ASP A 499 -10.76 -8.88 18.03
C ASP A 499 -9.33 -9.03 18.53
N LEU A 500 -8.69 -7.89 18.79
CA LEU A 500 -7.35 -7.88 19.34
C LEU A 500 -7.44 -8.25 20.83
N ASP A 501 -6.56 -9.16 21.26
CA ASP A 501 -6.34 -9.49 22.66
C ASP A 501 -4.85 -9.27 22.91
N VAL A 502 -4.45 -8.03 23.14
CA VAL A 502 -3.03 -7.69 23.18
C VAL A 502 -2.42 -8.21 24.48
N ALA A 503 -1.54 -9.21 24.34
CA ALA A 503 -0.96 -9.92 25.47
C ALA A 503 -2.01 -10.47 26.46
N GLY A 504 -3.24 -10.68 26.00
CA GLY A 504 -4.34 -11.00 26.91
C GLY A 504 -5.65 -10.35 26.50
N THR A 505 -6.72 -10.78 27.15
CA THR A 505 -8.07 -10.31 26.88
CA THR A 505 -8.07 -10.30 26.85
C THR A 505 -8.26 -8.83 27.21
N LYS A 506 -7.77 -8.42 28.39
CA LYS A 506 -8.04 -7.06 28.90
C LYS A 506 -7.11 -5.99 28.32
N ASN A 507 -7.70 -5.12 27.51
CA ASN A 507 -6.99 -4.03 26.86
C ASN A 507 -7.66 -2.67 27.05
N SER A 508 -6.91 -1.63 26.69
CA SER A 508 -7.45 -0.29 26.57
CA SER A 508 -7.42 -0.28 26.57
C SER A 508 -7.13 0.23 25.17
N PHE A 509 -7.71 1.38 24.84
CA PHE A 509 -7.48 2.00 23.54
C PHE A 509 -7.03 3.43 23.78
N GLN A 510 -5.99 3.85 23.08
CA GLN A 510 -5.49 5.22 23.16
C GLN A 510 -4.93 5.63 21.80
N THR A 511 -4.76 6.93 21.62
CA THR A 511 -4.17 7.44 20.38
C THR A 511 -3.02 8.37 20.72
N LEU A 512 -2.10 8.55 19.76
CA LEU A 512 -1.01 9.49 19.88
C LEU A 512 -1.02 10.43 18.69
N GLN A 513 -0.70 11.69 18.97
CA GLN A 513 -0.62 12.73 17.95
C GLN A 513 0.59 13.58 18.22
N MET A 514 1.11 14.22 17.18
CA MET A 514 2.10 15.25 17.35
C MET A 514 1.39 16.55 17.63
N LYS A 515 1.83 17.28 18.65
CA LYS A 515 1.33 18.61 18.93
C LYS A 515 2.52 19.54 19.14
N LEU A 516 2.49 20.70 18.50
CA LEU A 516 3.58 21.65 18.62
C LEU A 516 3.49 22.38 19.96
N GLU A 517 4.65 22.71 20.51
CA GLU A 517 4.74 23.68 21.60
C GLU A 517 5.61 24.84 21.11
N ASN A 518 5.50 25.95 21.84
CA ASN A 518 6.20 27.17 21.51
C ASN A 518 6.79 27.63 22.82
N ILE A 519 8.10 27.42 22.97
CA ILE A 519 8.81 27.75 24.20
C ILE A 519 9.93 28.73 23.93
N THR A 520 10.42 29.35 24.99
CA THR A 520 11.66 30.11 24.96
C THR A 520 12.77 29.17 24.56
N ASN A 521 13.59 29.58 23.59
CA ASN A 521 14.79 28.83 23.22
C ASN A 521 15.73 28.80 24.43
N PRO A 522 15.93 27.61 25.02
CA PRO A 522 16.63 27.49 26.30
C PRO A 522 18.07 27.96 26.31
N TRP A 523 18.73 27.95 25.14
CA TRP A 523 20.14 28.34 25.03
C TRP A 523 20.32 29.67 24.29
N SER A 524 19.21 30.29 23.89
CA SER A 524 19.23 31.61 23.26
C SER A 524 17.92 32.33 23.62
N PRO A 525 17.86 32.91 24.84
CA PRO A 525 16.67 33.52 25.47
C PRO A 525 15.86 34.46 24.56
N ARG A 526 16.53 35.19 23.67
CA ARG A 526 15.84 36.12 22.76
C ARG A 526 15.01 35.41 21.68
N HIS A 527 15.05 34.07 21.67
CA HIS A 527 14.43 33.32 20.59
C HIS A 527 13.43 32.28 21.06
N ARG A 528 12.63 31.79 20.11
CA ARG A 528 11.63 30.76 20.36
C ARG A 528 12.02 29.44 19.71
N VAL A 529 11.62 28.35 20.35
CA VAL A 529 11.63 27.04 19.72
C VAL A 529 10.18 26.59 19.54
N VAL A 530 9.73 26.48 18.30
CA VAL A 530 8.43 25.90 17.99
C VAL A 530 8.65 24.48 17.50
N GLN A 531 8.20 23.48 18.25
CA GLN A 531 8.61 22.10 17.97
C GLN A 531 7.58 21.04 18.37
N PRO A 532 7.67 19.86 17.74
CA PRO A 532 6.81 18.72 18.05
C PRO A 532 6.90 18.26 19.50
N THR A 533 5.75 17.90 20.05
CA THR A 533 5.70 17.11 21.27
C THR A 533 4.79 15.92 21.03
N LEU A 534 4.88 14.94 21.92
CA LEU A 534 4.07 13.72 21.84
C LEU A 534 2.87 13.91 22.76
N GLU A 535 1.67 13.85 22.19
CA GLU A 535 0.41 13.93 22.94
C GLU A 535 -0.30 12.57 22.95
N GLN A 536 -0.62 12.08 24.16
CA GLN A 536 -1.42 10.86 24.35
C GLN A 536 -2.87 11.22 24.63
N THR A 537 -3.81 10.51 24.02
CA THR A 537 -5.22 10.63 24.37
C THR A 537 -5.76 9.27 24.79
N GLN A 538 -6.37 9.23 25.96
CA GLN A 538 -7.01 8.02 26.48
C GLN A 538 -8.49 8.04 26.12
N TYR A 539 -9.08 6.86 26.03
CA TYR A 539 -10.48 6.70 25.65
C TYR A 539 -11.12 5.80 26.70
N SER A 540 -12.25 6.25 27.26
CA SER A 540 -12.91 5.50 28.32
C SER A 540 -14.25 4.88 27.91
N TRP A 541 -14.87 5.39 26.85
CA TRP A 541 -16.22 4.95 26.46
C TRP A 541 -16.32 4.68 24.98
N GLU A 542 -17.12 3.68 24.61
CA GLU A 542 -17.21 3.25 23.21
C GLU A 542 -17.39 4.43 22.25
N ARG A 543 -18.31 5.34 22.57
CA ARG A 543 -18.65 6.44 21.67
CA ARG A 543 -18.64 6.43 21.67
C ARG A 543 -17.45 7.33 21.38
N GLN A 544 -16.54 7.46 22.35
CA GLN A 544 -15.35 8.27 22.14
C GLN A 544 -14.42 7.63 21.10
N ALA A 545 -14.46 6.30 21.01
CA ALA A 545 -13.59 5.54 20.10
C ALA A 545 -14.31 5.14 18.80
N ALA A 546 -15.46 5.76 18.53
CA ALA A 546 -16.20 5.55 17.29
C ALA A 546 -15.88 6.68 16.33
N PHE A 547 -14.94 6.46 15.42
CA PHE A 547 -14.46 7.52 14.55
C PHE A 547 -15.26 7.54 13.27
N ARG A 548 -15.96 8.64 13.03
CA ARG A 548 -16.71 8.81 11.78
C ARG A 548 -15.76 9.30 10.70
N PHE A 549 -16.20 9.23 9.45
CA PHE A 549 -15.37 9.64 8.32
C PHE A 549 -15.09 11.15 8.31
N LYS A 550 -16.00 11.94 8.86
CA LYS A 550 -15.77 13.39 8.98
C LYS A 550 -14.67 13.70 10.00
N ARG A 551 -14.65 12.94 11.09
CA ARG A 551 -13.67 13.13 12.18
C ARG A 551 -12.23 12.89 11.70
N LYS A 552 -11.29 13.65 12.28
CA LYS A 552 -9.86 13.45 12.03
C LYS A 552 -9.42 12.15 12.70
N LEU A 553 -8.83 11.23 11.92
CA LEU A 553 -8.39 9.93 12.44
C LEU A 553 -6.95 10.08 12.91
N PRO A 554 -6.68 9.87 14.21
CA PRO A 554 -5.30 10.01 14.68
C PRO A 554 -4.34 9.06 13.97
N LYS A 555 -3.07 9.48 13.93
CA LYS A 555 -2.03 8.76 13.20
C LYS A 555 -1.60 7.51 13.93
N TYR A 556 -1.75 7.49 15.25
CA TYR A 556 -1.47 6.29 16.03
C TYR A 556 -2.70 5.81 16.77
N LEU A 557 -3.23 4.68 16.31
CA LEU A 557 -4.40 4.05 16.91
C LEU A 557 -3.89 2.82 17.64
N LEU A 558 -3.80 2.89 18.97
CA LEU A 558 -3.13 1.87 19.76
C LEU A 558 -4.11 1.06 20.64
N PHE A 559 -3.91 -0.25 20.64
CA PHE A 559 -4.59 -1.15 21.57
C PHE A 559 -3.56 -1.67 22.54
N THR A 560 -3.73 -1.33 23.82
CA THR A 560 -2.67 -1.51 24.81
C THR A 560 -3.00 -2.53 25.88
N SER A 561 -1.95 -3.13 26.44
CA SER A 561 -2.02 -3.95 27.61
C SER A 561 -1.46 -3.18 28.80
N PRO A 562 -1.94 -3.45 30.03
CA PRO A 562 -1.32 -2.77 31.18
C PRO A 562 0.14 -3.16 31.42
N GLN A 563 0.59 -4.28 30.86
CA GLN A 563 1.98 -4.70 30.98
C GLN A 563 2.90 -3.71 30.24
N GLU A 564 4.05 -3.43 30.84
CA GLU A 564 5.04 -2.51 30.29
C GLU A 564 6.18 -3.33 29.70
N ASN A 565 6.83 -2.81 28.66
CA ASN A 565 8.07 -3.39 28.16
C ASN A 565 9.21 -2.99 29.12
N PRO A 566 10.44 -3.48 28.90
CA PRO A 566 11.55 -3.14 29.79
C PRO A 566 11.92 -1.67 29.89
N TRP A 567 11.39 -0.84 28.99
CA TRP A 567 11.74 0.58 28.96
C TRP A 567 10.62 1.46 29.53
N GLY A 568 9.64 0.85 30.18
CA GLY A 568 8.57 1.58 30.87
C GLY A 568 7.38 1.96 30.01
N HIS A 569 7.29 1.41 28.80
CA HIS A 569 6.19 1.73 27.90
C HIS A 569 5.23 0.57 27.77
N LYS A 570 3.93 0.90 27.73
CA LYS A 570 2.90 -0.14 27.66
C LYS A 570 2.99 -0.92 26.35
N ARG A 571 2.75 -2.21 26.47
CA ARG A 571 2.87 -3.11 25.33
C ARG A 571 1.62 -2.96 24.49
N SER A 572 1.81 -2.57 23.24
CA SER A 572 0.68 -2.25 22.37
CA SER A 572 0.65 -2.32 22.38
C SER A 572 0.84 -2.82 20.96
N TYR A 573 -0.28 -2.91 20.25
CA TYR A 573 -0.31 -3.13 18.83
C TYR A 573 -1.04 -1.97 18.21
N ARG A 574 -0.54 -1.50 17.07
CA ARG A 574 -1.04 -0.32 16.41
C ARG A 574 -1.83 -0.74 15.18
N LEU A 575 -3.02 -0.16 14.99
CA LEU A 575 -3.81 -0.40 13.79
C LEU A 575 -3.55 0.74 12.78
N GLN A 576 -3.20 0.36 11.56
CA GLN A 576 -2.89 1.31 10.51
C GLN A 576 -3.76 0.98 9.29
N ILE A 577 -4.64 1.92 8.93
CA ILE A 577 -5.65 1.66 7.92
C ILE A 577 -5.22 2.21 6.55
N HIS A 578 -5.38 1.38 5.52
N HIS A 578 -5.32 1.36 5.52
CA HIS A 578 -5.09 1.76 4.14
CA HIS A 578 -5.07 1.77 4.13
C HIS A 578 -6.38 1.76 3.34
C HIS A 578 -6.39 1.77 3.36
N SER A 579 -6.92 2.95 3.13
CA SER A 579 -8.27 3.09 2.57
C SER A 579 -8.51 4.44 1.88
N MET A 580 -9.46 4.42 0.95
CA MET A 580 -9.95 5.64 0.31
CA MET A 580 -9.95 5.63 0.30
C MET A 580 -11.46 5.79 0.52
N ALA A 581 -12.00 5.03 1.48
CA ALA A 581 -13.44 5.04 1.77
C ALA A 581 -13.92 6.35 2.41
N ASP A 582 -15.22 6.55 2.39
CA ASP A 582 -15.86 7.74 2.92
C ASP A 582 -17.31 7.37 3.20
N GLN A 583 -18.09 8.31 3.69
CA GLN A 583 -19.51 8.12 3.88
C GLN A 583 -20.20 8.07 2.51
N VAL A 584 -20.95 7.00 2.24
CA VAL A 584 -21.61 6.86 0.93
C VAL A 584 -23.09 7.20 1.05
N LEU A 585 -23.83 6.41 1.81
CA LEU A 585 -25.25 6.67 2.00
C LEU A 585 -25.44 7.59 3.21
N PRO A 586 -26.54 8.37 3.24
CA PRO A 586 -26.78 9.22 4.40
C PRO A 586 -27.20 8.41 5.61
N PRO A 587 -26.57 8.68 6.78
CA PRO A 587 -26.92 7.95 8.00
C PRO A 587 -28.42 8.04 8.33
N GLY A 588 -29.05 6.89 8.54
CA GLY A 588 -30.43 6.84 8.95
C GLY A 588 -31.42 6.70 7.80
N TRP A 589 -30.95 6.76 6.56
CA TRP A 589 -31.85 6.68 5.42
C TRP A 589 -32.05 5.26 4.90
N GLN A 590 -33.23 4.70 5.16
CA GLN A 590 -33.69 3.46 4.54
C GLN A 590 -32.66 2.31 4.56
N GLU A 591 -32.11 1.95 3.40
CA GLU A 591 -31.23 0.78 3.27
C GLU A 591 -29.91 0.94 4.01
N GLU A 592 -29.54 2.18 4.32
CA GLU A 592 -28.31 2.48 5.05
C GLU A 592 -28.31 1.79 6.42
N GLN A 593 -29.49 1.44 6.92
CA GLN A 593 -29.61 0.65 8.15
C GLN A 593 -28.87 -0.72 8.06
N ALA A 594 -28.70 -1.23 6.83
CA ALA A 594 -28.01 -2.50 6.61
C ALA A 594 -26.49 -2.35 6.81
N ILE A 595 -25.97 -1.13 6.60
CA ILE A 595 -24.53 -0.89 6.59
C ILE A 595 -24.10 0.29 7.48
N THR A 596 -24.63 0.31 8.70
CA THR A 596 -24.29 1.38 9.65
C THR A 596 -22.82 1.31 10.08
N TRP A 597 -22.20 0.15 9.95
CA TRP A 597 -20.75 0.01 10.18
C TRP A 597 -19.93 0.88 9.25
N ALA A 598 -20.45 1.16 8.05
CA ALA A 598 -19.75 1.94 7.05
C ALA A 598 -19.75 3.43 7.38
N ARG A 599 -20.31 3.79 8.53
CA ARG A 599 -20.13 5.13 9.09
C ARG A 599 -18.75 5.32 9.69
N TYR A 600 -18.09 4.20 10.01
CA TYR A 600 -16.90 4.23 10.85
C TYR A 600 -15.69 3.56 10.20
N PRO A 601 -14.64 4.35 9.88
CA PRO A 601 -13.41 3.68 9.51
C PRO A 601 -12.88 2.82 10.67
N LEU A 602 -13.06 3.30 11.90
CA LEU A 602 -12.73 2.52 13.08
C LEU A 602 -13.78 2.78 14.14
N ALA A 603 -14.20 1.69 14.77
CA ALA A 603 -15.03 1.75 15.95
C ALA A 603 -14.60 0.61 16.87
N VAL A 604 -14.66 0.85 18.17
CA VAL A 604 -14.22 -0.13 19.16
C VAL A 604 -15.41 -0.52 20.03
N THR A 605 -15.66 -1.81 20.19
CA THR A 605 -16.75 -2.26 21.08
C THR A 605 -16.27 -3.16 22.20
N LYS A 606 -17.06 -3.26 23.25
CA LYS A 606 -16.83 -4.27 24.28
C LYS A 606 -17.31 -5.63 23.76
N TYR A 607 -16.45 -6.64 23.86
CA TYR A 607 -16.76 -7.99 23.40
C TYR A 607 -18.09 -8.52 23.97
N ARG A 608 -18.82 -9.24 23.14
CA ARG A 608 -20.08 -9.83 23.53
C ARG A 608 -20.45 -10.93 22.53
N GLU A 609 -20.86 -12.09 23.05
CA GLU A 609 -21.28 -13.23 22.20
C GLU A 609 -22.49 -12.93 21.34
N SER A 610 -23.33 -12.00 21.77
CA SER A 610 -24.45 -11.56 20.96
C SER A 610 -24.02 -10.54 19.89
N GLU A 611 -22.74 -10.21 19.79
CA GLU A 611 -22.25 -9.21 18.82
C GLU A 611 -21.02 -9.68 18.03
N LEU A 612 -21.03 -10.96 17.65
CA LEU A 612 -19.90 -11.54 16.94
C LEU A 612 -19.81 -11.07 15.48
N CYS A 613 -20.94 -10.63 14.92
CA CYS A 613 -20.99 -10.27 13.51
C CYS A 613 -21.67 -8.95 13.27
N SER A 614 -21.17 -8.23 12.28
CA SER A 614 -21.72 -6.94 11.92
C SER A 614 -22.69 -7.09 10.77
N SER A 615 -22.69 -8.25 10.10
CA SER A 615 -23.67 -8.49 9.05
C SER A 615 -24.24 -9.89 9.12
N SER A 616 -24.90 -10.31 8.05
CA SER A 616 -25.49 -11.62 7.98
C SER A 616 -25.91 -11.88 6.55
N ILE A 617 -26.24 -13.14 6.29
CA ILE A 617 -26.76 -13.54 4.98
C ILE A 617 -28.12 -12.95 4.65
N TYR A 618 -28.83 -12.40 5.64
CA TYR A 618 -30.17 -11.83 5.42
C TYR A 618 -30.17 -10.33 5.05
N HIS A 619 -29.04 -9.66 5.26
CA HIS A 619 -28.96 -8.21 5.06
C HIS A 619 -29.24 -7.76 3.62
N GLN A 620 -28.77 -8.55 2.64
CA GLN A 620 -28.93 -8.19 1.23
C GLN A 620 -30.41 -8.00 0.86
N ASN A 621 -31.25 -8.94 1.27
CA ASN A 621 -32.66 -8.94 0.86
C ASN A 621 -33.65 -8.32 1.86
N ASP A 622 -33.19 -7.96 3.06
CA ASP A 622 -33.94 -6.99 3.89
C ASP A 622 -33.01 -5.97 4.55
N PRO A 623 -32.47 -5.05 3.75
CA PRO A 623 -31.58 -4.01 4.26
C PRO A 623 -32.29 -2.97 5.12
N TRP A 624 -33.62 -2.92 5.01
CA TRP A 624 -34.44 -1.97 5.76
C TRP A 624 -34.57 -2.38 7.22
N ASP A 625 -34.63 -3.68 7.49
CA ASP A 625 -34.89 -4.16 8.85
C ASP A 625 -34.10 -5.44 9.12
N PRO A 626 -32.75 -5.37 9.05
CA PRO A 626 -31.90 -6.56 9.16
C PRO A 626 -31.71 -7.00 10.61
N PRO A 627 -31.21 -8.24 10.82
CA PRO A 627 -31.11 -8.79 12.20
C PRO A 627 -29.96 -8.23 13.04
N VAL A 628 -29.04 -7.51 12.41
CA VAL A 628 -27.92 -6.88 13.12
C VAL A 628 -27.73 -5.48 12.57
N VAL A 629 -27.75 -4.49 13.46
CA VAL A 629 -27.48 -3.09 13.09
C VAL A 629 -26.27 -2.65 13.91
N PHE A 630 -25.13 -2.49 13.23
CA PHE A 630 -23.87 -2.26 13.94
C PHE A 630 -23.96 -1.07 14.90
N GLU A 631 -24.65 -0.01 14.48
CA GLU A 631 -24.83 1.19 15.33
C GLU A 631 -25.37 0.86 16.73
N GLN A 632 -26.20 -0.18 16.81
CA GLN A 632 -26.78 -0.58 18.08
C GLN A 632 -25.75 -1.08 19.08
N PHE A 633 -24.61 -1.59 18.58
CA PHE A 633 -23.51 -2.02 19.46
C PHE A 633 -22.91 -0.82 20.22
N LEU A 634 -23.08 0.38 19.67
CA LEU A 634 -22.56 1.62 20.28
C LEU A 634 -23.58 2.30 21.20
N HIS A 635 -24.85 1.94 21.09
CA HIS A 635 -25.90 2.60 21.87
C HIS A 635 -25.67 2.66 23.36
N ASN A 636 -25.24 1.55 23.96
CA ASN A 636 -25.02 1.52 25.40
C ASN A 636 -23.70 2.17 25.86
N ASN A 637 -22.88 2.60 24.91
CA ASN A 637 -21.70 3.42 25.20
C ASN A 637 -20.89 2.92 26.39
N GLU A 638 -20.46 1.67 26.31
CA GLU A 638 -19.87 1.00 27.46
C GLU A 638 -18.46 1.44 27.75
N ASN A 639 -18.07 1.29 29.00
CA ASN A 639 -16.73 1.60 29.42
C ASN A 639 -15.78 0.64 28.74
N ILE A 640 -14.69 1.18 28.21
CA ILE A 640 -13.70 0.36 27.49
C ILE A 640 -12.29 0.46 28.07
N GLU A 641 -12.19 0.77 29.36
CA GLU A 641 -10.92 0.73 30.07
C GLU A 641 -10.75 -0.69 30.60
N ASN A 642 -9.63 -1.33 30.33
CA ASN A 642 -9.37 -2.65 30.86
CA ASN A 642 -9.37 -2.66 30.85
C ASN A 642 -10.55 -3.60 30.60
N GLU A 643 -10.85 -3.79 29.32
CA GLU A 643 -11.94 -4.67 28.88
CA GLU A 643 -11.93 -4.66 28.88
C GLU A 643 -11.49 -5.46 27.65
N ASP A 644 -12.22 -6.51 27.35
CA ASP A 644 -12.07 -7.26 26.11
C ASP A 644 -12.66 -6.41 24.98
N LEU A 645 -11.80 -5.84 24.15
CA LEU A 645 -12.20 -4.91 23.08
C LEU A 645 -12.20 -5.59 21.72
N VAL A 646 -13.09 -5.13 20.84
CA VAL A 646 -13.06 -5.51 19.44
C VAL A 646 -12.95 -4.24 18.61
N ALA A 647 -11.94 -4.15 17.75
CA ALA A 647 -11.84 -3.09 16.76
C ALA A 647 -12.60 -3.53 15.52
N TRP A 648 -13.34 -2.61 14.91
CA TRP A 648 -14.04 -2.90 13.68
C TRP A 648 -13.58 -1.88 12.66
N VAL A 649 -13.19 -2.36 11.48
CA VAL A 649 -12.54 -1.51 10.49
C VAL A 649 -13.28 -1.55 9.16
N THR A 650 -13.60 -0.36 8.65
CA THR A 650 -14.13 -0.22 7.31
C THR A 650 -13.01 0.26 6.37
N VAL A 651 -12.87 -0.42 5.25
CA VAL A 651 -11.97 0.04 4.19
C VAL A 651 -12.74 -0.02 2.88
N GLY A 652 -12.25 0.72 1.89
CA GLY A 652 -12.82 0.66 0.55
C GLY A 652 -12.36 1.79 -0.35
N PHE A 653 -13.07 1.96 -1.45
CA PHE A 653 -12.75 2.98 -2.45
C PHE A 653 -13.89 3.21 -3.42
N LEU A 654 -14.02 4.47 -3.84
CA LEU A 654 -14.87 4.82 -4.96
C LEU A 654 -14.24 4.25 -6.22
N HIS A 655 -15.05 3.56 -7.02
CA HIS A 655 -14.65 3.09 -8.32
C HIS A 655 -15.52 3.79 -9.38
N ILE A 656 -14.91 4.72 -10.12
CA ILE A 656 -15.52 5.30 -11.33
C ILE A 656 -14.92 4.51 -12.47
N PRO A 657 -15.71 3.62 -13.10
CA PRO A 657 -15.07 2.82 -14.15
C PRO A 657 -14.47 3.64 -15.30
N HIS A 658 -13.48 3.04 -15.94
CA HIS A 658 -12.79 3.66 -17.07
C HIS A 658 -12.52 2.53 -18.06
N SER A 659 -12.17 2.91 -19.29
CA SER A 659 -12.02 1.97 -20.41
C SER A 659 -10.99 0.87 -20.16
N GLU A 660 -9.96 1.17 -19.37
CA GLU A 660 -8.99 0.16 -18.96
C GLU A 660 -9.59 -0.98 -18.11
N ASP A 661 -10.79 -0.77 -17.54
CA ASP A 661 -11.50 -1.88 -16.87
C ASP A 661 -12.05 -2.96 -17.83
N ILE A 662 -11.88 -2.78 -19.15
CA ILE A 662 -12.35 -3.76 -20.12
C ILE A 662 -11.21 -4.65 -20.61
N PRO A 663 -11.37 -5.98 -20.52
CA PRO A 663 -12.53 -6.73 -20.05
C PRO A 663 -12.69 -6.80 -18.53
N ASN A 664 -11.59 -6.68 -17.80
CA ASN A 664 -11.62 -6.83 -16.34
C ASN A 664 -10.95 -5.68 -15.61
N THR A 665 -11.43 -5.39 -14.41
N THR A 665 -11.43 -5.38 -14.41
CA THR A 665 -10.72 -4.53 -13.48
CA THR A 665 -10.70 -4.49 -13.52
C THR A 665 -9.41 -5.23 -13.12
C THR A 665 -9.41 -5.21 -13.12
N ALA A 666 -8.33 -4.46 -13.01
CA ALA A 666 -7.01 -5.02 -12.68
C ALA A 666 -6.66 -4.71 -11.22
N THR A 667 -5.78 -5.51 -10.61
CA THR A 667 -5.45 -5.37 -9.18
C THR A 667 -4.50 -4.22 -8.80
N PRO A 668 -3.63 -3.76 -9.73
CA PRO A 668 -2.72 -2.66 -9.34
C PRO A 668 -3.48 -1.41 -8.91
N GLY A 669 -3.21 -0.94 -7.70
CA GLY A 669 -3.89 0.22 -7.13
C GLY A 669 -5.33 -0.04 -6.71
N ASN A 670 -5.80 -1.28 -6.86
CA ASN A 670 -7.18 -1.61 -6.49
C ASN A 670 -7.20 -2.57 -5.29
N SER A 671 -6.45 -2.21 -4.25
CA SER A 671 -6.51 -2.96 -3.00
C SER A 671 -6.57 -2.03 -1.79
N VAL A 672 -7.16 -2.56 -0.71
CA VAL A 672 -7.31 -1.85 0.53
C VAL A 672 -7.17 -2.83 1.68
N GLY A 673 -7.03 -2.30 2.88
CA GLY A 673 -6.92 -3.14 4.06
C GLY A 673 -6.25 -2.37 5.18
N PHE A 674 -5.53 -3.10 6.02
CA PHE A 674 -4.89 -2.52 7.20
C PHE A 674 -3.74 -3.37 7.71
N LEU A 675 -2.92 -2.76 8.57
CA LEU A 675 -1.79 -3.43 9.20
C LEU A 675 -1.95 -3.40 10.71
N LEU A 676 -1.50 -4.48 11.36
CA LEU A 676 -1.36 -4.52 12.80
C LEU A 676 0.13 -4.64 13.07
N ARG A 677 0.67 -3.66 13.80
CA ARG A 677 2.09 -3.50 14.02
CA ARG A 677 2.09 -3.58 14.03
C ARG A 677 2.39 -3.41 15.52
N PRO A 678 3.37 -4.17 16.02
CA PRO A 678 3.69 -4.04 17.43
C PRO A 678 4.29 -2.66 17.73
N PHE A 679 3.93 -2.12 18.88
CA PHE A 679 4.34 -0.79 19.29
C PHE A 679 4.64 -0.88 20.77
N ASN A 680 5.93 -1.01 21.07
CA ASN A 680 6.45 -1.20 22.43
C ASN A 680 5.99 -2.52 23.05
N PHE A 681 5.64 -3.47 22.17
CA PHE A 681 5.20 -4.78 22.59
C PHE A 681 6.39 -5.65 22.95
N PHE A 682 7.39 -5.65 22.08
CA PHE A 682 8.61 -6.44 22.27
C PHE A 682 9.77 -5.54 22.72
N PRO A 683 10.77 -6.12 23.42
CA PRO A 683 11.90 -5.31 23.90
C PRO A 683 12.76 -4.67 22.82
N GLU A 684 12.79 -5.30 21.64
CA GLU A 684 13.54 -4.81 20.47
C GLU A 684 12.94 -5.53 19.26
N ASP A 685 13.47 -5.24 18.07
CA ASP A 685 12.96 -5.82 16.81
C ASP A 685 12.76 -7.35 16.90
N PRO A 686 11.49 -7.81 16.85
CA PRO A 686 11.25 -9.24 17.04
C PRO A 686 11.82 -10.12 15.92
N SER A 687 12.19 -9.52 14.78
CA SER A 687 12.81 -10.27 13.69
C SER A 687 14.29 -10.56 13.96
N LEU A 688 14.85 -10.07 15.05
CA LEU A 688 16.23 -10.37 15.39
C LEU A 688 16.54 -11.86 15.58
N ALA A 689 15.52 -12.67 15.88
CA ALA A 689 15.73 -14.12 15.98
C ALA A 689 15.89 -14.80 14.61
N SER A 690 15.58 -14.09 13.52
CA SER A 690 15.79 -14.62 12.18
C SER A 690 17.27 -14.88 11.94
N ARG A 691 17.60 -16.06 11.46
CA ARG A 691 18.97 -16.40 11.12
C ARG A 691 19.33 -16.09 9.66
N ASP A 692 18.41 -15.47 8.91
CA ASP A 692 18.65 -15.09 7.52
C ASP A 692 19.47 -13.82 7.39
N THR A 693 19.61 -13.07 8.49
CA THR A 693 20.39 -11.84 8.48
C THR A 693 21.82 -12.08 7.99
N VAL A 694 22.31 -11.16 7.18
CA VAL A 694 23.69 -11.23 6.70
C VAL A 694 24.39 -9.93 7.06
N ILE A 695 25.61 -10.03 7.58
CA ILE A 695 26.46 -8.87 7.85
C ILE A 695 27.81 -9.06 7.17
N VAL A 696 28.19 -8.09 6.33
CA VAL A 696 29.49 -8.09 5.66
C VAL A 696 30.41 -7.12 6.40
N TRP A 697 31.61 -7.61 6.74
CA TRP A 697 32.58 -6.86 7.51
C TRP A 697 33.88 -6.69 6.71
N PRO A 698 34.50 -5.50 6.75
CA PRO A 698 35.79 -5.35 6.08
C PRO A 698 36.94 -6.05 6.83
N ARG A 699 37.99 -6.40 6.10
CA ARG A 699 39.21 -6.97 6.68
CA ARG A 699 39.22 -6.96 6.68
C ARG A 699 40.41 -6.27 6.06
N ASP A 700 41.39 -5.89 6.88
CA ASP A 700 42.57 -5.19 6.37
C ASP A 700 43.38 -6.05 5.43
N ASN A 701 43.59 -5.56 4.21
CA ASN A 701 44.37 -6.26 3.19
C ASN A 701 43.79 -7.63 2.78
N GLY A 702 42.47 -7.77 2.82
CA GLY A 702 41.83 -9.03 2.40
C GLY A 702 40.40 -8.82 1.89
N PRO A 703 39.78 -9.88 1.37
CA PRO A 703 38.36 -9.80 1.03
C PRO A 703 37.52 -9.63 2.29
N ASN A 704 36.29 -9.18 2.15
CA ASN A 704 35.40 -8.98 3.30
C ASN A 704 35.00 -10.32 3.93
N TYR A 705 34.71 -10.33 5.22
CA TYR A 705 34.11 -11.50 5.87
C TYR A 705 32.59 -11.38 5.81
N VAL A 706 31.95 -12.28 5.08
CA VAL A 706 30.49 -12.31 4.99
C VAL A 706 29.95 -13.20 6.10
N GLN A 707 29.46 -12.59 7.17
CA GLN A 707 28.92 -13.32 8.31
C GLN A 707 27.49 -13.81 8.03
N ARG A 708 27.28 -15.12 8.12
CA ARG A 708 25.98 -15.76 7.90
C ARG A 708 25.63 -16.62 9.10
N TRP A 709 24.34 -16.91 9.27
CA TRP A 709 23.91 -17.93 10.22
C TRP A 709 23.10 -19.05 9.53
N ILE A 710 22.92 -18.92 8.22
CA ILE A 710 22.37 -19.97 7.38
C ILE A 710 23.22 -19.98 6.11
N PRO A 711 23.62 -21.16 5.63
CA PRO A 711 24.48 -21.17 4.44
C PRO A 711 23.81 -20.53 3.23
N GLU A 712 24.62 -19.95 2.36
CA GLU A 712 24.13 -19.39 1.11
C GLU A 712 23.42 -20.48 0.30
N ASP A 713 22.26 -20.15 -0.25
CA ASP A 713 21.52 -21.10 -1.08
C ASP A 713 21.56 -20.75 -2.55
N ARG A 714 21.93 -21.71 -3.38
CA ARG A 714 21.70 -21.57 -4.83
C ARG A 714 21.01 -22.79 -5.43
N ASP A 715 20.48 -23.67 -4.56
CA ASP A 715 19.82 -24.90 -5.00
C ASP A 715 18.69 -24.65 -5.99
N CYS A 716 18.34 -25.70 -6.72
CA CYS A 716 17.28 -25.64 -7.70
C CYS A 716 16.27 -26.77 -7.49
N SER A 717 15.04 -26.48 -7.88
CA SER A 717 13.97 -27.47 -7.86
C SER A 717 13.00 -27.06 -8.94
N MET A 718 12.02 -27.91 -9.21
CA MET A 718 11.00 -27.62 -10.20
C MET A 718 9.64 -27.87 -9.60
N PRO A 719 8.66 -27.02 -9.97
CA PRO A 719 7.29 -27.22 -9.55
C PRO A 719 6.61 -28.28 -10.40
N PRO A 720 5.50 -28.86 -9.89
CA PRO A 720 4.80 -29.82 -10.73
C PRO A 720 4.24 -29.11 -11.95
N PRO A 721 3.98 -29.84 -13.04
CA PRO A 721 3.33 -29.23 -14.19
C PRO A 721 2.01 -28.61 -13.78
N PHE A 722 1.64 -27.53 -14.47
CA PHE A 722 0.39 -26.87 -14.26
C PHE A 722 -0.78 -27.82 -14.54
N SER A 723 -1.76 -27.83 -13.65
CA SER A 723 -3.05 -28.45 -13.93
C SER A 723 -4.16 -27.53 -13.42
N TYR A 724 -5.36 -27.74 -13.94
CA TYR A 724 -6.54 -27.01 -13.50
C TYR A 724 -7.80 -27.83 -13.80
N ASN A 725 -8.67 -27.95 -12.81
CA ASN A 725 -9.84 -28.80 -12.91
C ASN A 725 -11.12 -28.10 -13.34
N GLY A 726 -11.52 -27.08 -12.58
CA GLY A 726 -12.69 -26.27 -12.91
C GLY A 726 -14.03 -26.81 -12.43
N THR A 727 -14.06 -28.02 -11.90
CA THR A 727 -15.29 -28.59 -11.36
C THR A 727 -15.23 -28.66 -9.84
N TYR A 728 -16.42 -28.67 -9.25
CA TYR A 728 -16.59 -28.68 -7.81
C TYR A 728 -17.84 -29.51 -7.55
N ARG A 729 -17.66 -30.66 -6.92
CA ARG A 729 -18.71 -31.67 -6.82
C ARG A 729 -18.65 -32.41 -5.50
N PRO A 730 -19.76 -33.07 -5.11
CA PRO A 730 -19.71 -33.93 -3.92
C PRO A 730 -18.71 -35.08 -4.02
N VAL A 731 -18.21 -35.53 -2.90
CA VAL A 731 -17.34 -36.70 -2.86
C VAL A 731 -17.90 -37.66 -1.83
N ARG B 8 21.04 5.81 -28.75
CA ARG B 8 19.84 6.18 -27.96
C ARG B 8 19.76 7.70 -27.78
N LYS B 9 18.56 8.24 -27.99
CA LYS B 9 18.27 9.64 -27.69
C LYS B 9 18.22 9.93 -26.19
N ALA B 10 17.88 8.90 -25.40
CA ALA B 10 17.86 8.97 -23.93
C ALA B 10 19.19 9.45 -23.30
N GLY B 11 20.29 9.35 -24.07
CA GLY B 11 21.58 9.92 -23.69
C GLY B 11 21.53 11.40 -23.30
N VAL B 12 20.61 12.16 -23.87
CA VAL B 12 20.39 13.56 -23.47
C VAL B 12 20.10 13.68 -21.95
N PHE B 13 19.46 12.64 -21.39
CA PHE B 13 19.13 12.59 -19.96
C PHE B 13 20.21 11.89 -19.09
N SER B 14 21.30 11.42 -19.69
CA SER B 14 22.24 10.57 -18.96
C SER B 14 23.18 11.37 -18.06
N ASP B 15 23.57 10.77 -16.94
CA ASP B 15 24.51 11.37 -16.01
C ASP B 15 25.89 11.41 -16.66
N LEU B 16 26.79 12.21 -16.10
CA LEU B 16 28.13 12.32 -16.62
C LEU B 16 28.89 11.03 -16.36
N SER B 17 29.64 10.60 -17.36
CA SER B 17 30.55 9.47 -17.18
C SER B 17 31.77 9.89 -16.36
N ASN B 18 32.58 8.92 -15.99
CA ASN B 18 33.87 9.16 -15.35
C ASN B 18 34.70 10.10 -16.22
N GLN B 19 34.74 9.81 -17.51
CA GLN B 19 35.48 10.61 -18.48
C GLN B 19 35.01 12.06 -18.48
N GLU B 20 33.70 12.25 -18.55
CA GLU B 20 33.14 13.59 -18.53
C GLU B 20 33.42 14.35 -17.23
N LEU B 21 33.32 13.65 -16.10
CA LEU B 21 33.60 14.27 -14.80
C LEU B 21 35.04 14.77 -14.72
N LYS B 22 35.98 13.91 -15.11
CA LYS B 22 37.40 14.27 -15.23
C LYS B 22 37.62 15.43 -16.19
N ALA B 23 36.87 15.45 -17.28
CA ALA B 23 36.99 16.53 -18.27
C ALA B 23 36.55 17.86 -17.69
N VAL B 24 35.46 17.87 -16.92
CA VAL B 24 34.97 19.13 -16.33
C VAL B 24 35.93 19.62 -15.24
N HIS B 25 36.43 18.67 -14.45
CA HIS B 25 37.37 18.95 -13.38
C HIS B 25 38.70 19.49 -13.93
N SER B 26 39.22 18.84 -14.98
CA SER B 26 40.46 19.30 -15.62
CA SER B 26 40.45 19.28 -15.63
C SER B 26 40.33 20.73 -16.14
N PHE B 27 39.24 21.00 -16.84
CA PHE B 27 38.98 22.32 -17.40
C PHE B 27 39.01 23.41 -16.32
N LEU B 28 38.32 23.17 -15.21
CA LEU B 28 38.27 24.15 -14.12
C LEU B 28 39.66 24.29 -13.49
N TRP B 29 40.36 23.18 -13.31
CA TRP B 29 41.70 23.22 -12.72
C TRP B 29 42.73 23.92 -13.61
N SER B 30 42.50 23.95 -14.93
CA SER B 30 43.39 24.66 -15.85
C SER B 30 43.24 26.19 -15.77
N LYS B 31 42.19 26.66 -15.11
CA LYS B 31 42.00 28.08 -14.87
C LYS B 31 42.71 28.48 -13.57
N LYS B 32 43.93 28.98 -13.70
CA LYS B 32 44.81 29.23 -12.55
C LYS B 32 44.26 30.30 -11.61
N GLU B 33 43.50 31.24 -12.15
CA GLU B 33 42.92 32.31 -11.34
C GLU B 33 41.85 31.83 -10.35
N LEU B 34 41.35 30.61 -10.52
CA LEU B 34 40.41 30.02 -9.57
C LEU B 34 41.08 29.54 -8.28
N ARG B 35 42.39 29.35 -8.30
CA ARG B 35 43.16 28.94 -7.12
C ARG B 35 42.59 27.68 -6.48
N LEU B 36 42.18 26.72 -7.30
CA LEU B 36 41.52 25.52 -6.80
C LEU B 36 42.48 24.63 -6.03
N GLN B 37 41.94 24.02 -4.97
CA GLN B 37 42.66 23.05 -4.17
C GLN B 37 41.75 21.84 -3.94
N PRO B 38 42.32 20.67 -3.60
CA PRO B 38 41.48 19.49 -3.39
C PRO B 38 40.47 19.65 -2.24
N SER B 39 39.36 18.94 -2.33
CA SER B 39 38.38 18.89 -1.24
C SER B 39 39.06 18.45 0.05
N SER B 40 40.05 17.56 -0.05
CA SER B 40 40.69 16.96 1.13
C SER B 40 41.63 17.88 1.90
N THR B 41 42.02 19.03 1.33
CA THR B 41 42.88 19.98 2.02
C THR B 41 42.13 20.53 3.23
N THR B 42 42.74 20.44 4.42
CA THR B 42 42.03 20.67 5.69
C THR B 42 42.09 22.13 6.15
N THR B 43 41.57 23.01 5.29
CA THR B 43 41.33 24.39 5.62
C THR B 43 40.04 24.79 4.94
N MET B 44 39.30 25.72 5.55
CA MET B 44 38.10 26.26 4.93
C MET B 44 38.46 27.41 3.98
N ALA B 45 39.67 27.97 4.15
CA ALA B 45 40.10 29.13 3.35
C ALA B 45 40.74 28.68 2.05
N LYS B 46 39.96 28.00 1.22
CA LYS B 46 40.41 27.47 -0.05
C LYS B 46 39.26 27.57 -1.04
N ASN B 47 39.60 27.59 -2.31
CA ASN B 47 38.62 27.44 -3.37
C ASN B 47 38.66 25.97 -3.82
N THR B 48 37.49 25.36 -3.96
CA THR B 48 37.41 23.96 -4.32
CA THR B 48 37.39 23.94 -4.29
C THR B 48 36.10 23.69 -5.06
N VAL B 49 36.14 22.74 -5.99
CA VAL B 49 34.94 22.32 -6.72
C VAL B 49 34.23 21.27 -5.85
N PHE B 50 33.07 21.65 -5.31
CA PHE B 50 32.33 20.80 -4.37
C PHE B 50 31.53 19.72 -5.10
N LEU B 51 30.91 20.08 -6.22
CA LEU B 51 29.99 19.18 -6.90
C LEU B 51 30.03 19.40 -8.39
N ILE B 52 30.06 18.30 -9.14
CA ILE B 52 29.84 18.31 -10.58
C ILE B 52 28.81 17.23 -10.94
N GLU B 53 27.75 17.63 -11.65
CA GLU B 53 26.75 16.70 -12.17
C GLU B 53 26.20 17.27 -13.49
N MET B 54 25.48 16.45 -14.25
CA MET B 54 24.94 16.90 -15.53
C MET B 54 23.81 17.91 -15.29
N LEU B 55 23.81 18.97 -16.11
CA LEU B 55 22.82 20.03 -16.05
C LEU B 55 21.85 19.87 -17.22
N LEU B 56 20.61 19.48 -16.92
CA LEU B 56 19.63 19.19 -17.96
C LEU B 56 19.40 20.40 -18.89
N PRO B 57 19.37 20.17 -20.22
CA PRO B 57 18.98 21.23 -21.15
C PRO B 57 17.53 21.64 -20.96
N LYS B 58 17.17 22.76 -21.58
CA LYS B 58 15.79 23.24 -21.55
C LYS B 58 14.84 22.22 -22.19
N LYS B 59 13.65 22.08 -21.61
CA LYS B 59 12.66 21.13 -22.08
C LYS B 59 12.27 21.41 -23.54
N TYR B 60 12.18 22.69 -23.88
CA TYR B 60 11.87 23.12 -25.24
C TYR B 60 12.82 22.47 -26.24
N HIS B 61 14.12 22.57 -25.96
CA HIS B 61 15.14 22.01 -26.84
C HIS B 61 15.15 20.48 -26.82
N VAL B 62 14.93 19.89 -25.64
CA VAL B 62 14.90 18.43 -25.51
C VAL B 62 13.74 17.82 -26.31
N LEU B 63 12.56 18.43 -26.23
CA LEU B 63 11.39 17.92 -26.96
C LEU B 63 11.53 18.08 -28.48
N ARG B 64 12.17 19.16 -28.92
CA ARG B 64 12.41 19.36 -30.36
C ARG B 64 13.39 18.32 -30.89
N PHE B 65 14.35 17.93 -30.04
CA PHE B 65 15.28 16.86 -30.34
C PHE B 65 14.60 15.49 -30.39
N LEU B 66 13.71 15.24 -29.42
CA LEU B 66 13.06 13.94 -29.28
C LEU B 66 11.91 13.77 -30.25
N ASP B 67 11.09 14.81 -30.39
CA ASP B 67 9.81 14.70 -31.08
C ASP B 67 9.83 15.27 -32.50
N LYS B 68 10.71 16.24 -32.78
CA LYS B 68 10.68 16.95 -34.07
C LYS B 68 11.98 16.83 -34.85
N GLY B 69 12.78 15.81 -34.52
CA GLY B 69 13.99 15.51 -35.26
C GLY B 69 15.04 16.61 -35.37
N GLU B 70 15.11 17.48 -34.36
CA GLU B 70 16.06 18.60 -34.37
C GLU B 70 17.38 18.22 -33.71
N ARG B 71 18.30 19.18 -33.62
CA ARG B 71 19.64 18.93 -33.11
C ARG B 71 19.62 18.45 -31.66
N HIS B 72 20.57 17.57 -31.32
CA HIS B 72 20.83 17.21 -29.93
C HIS B 72 21.17 18.49 -29.19
N PRO B 73 20.53 18.73 -28.04
CA PRO B 73 20.88 19.93 -27.27
C PRO B 73 22.33 19.92 -26.78
N VAL B 74 22.85 21.08 -26.41
CA VAL B 74 24.20 21.17 -25.86
C VAL B 74 24.24 20.48 -24.50
N ARG B 75 25.22 19.59 -24.32
CA ARG B 75 25.42 18.92 -23.05
C ARG B 75 26.30 19.77 -22.14
N GLU B 76 25.88 19.96 -20.90
CA GLU B 76 26.62 20.76 -19.91
C GLU B 76 26.67 20.10 -18.55
N ALA B 77 27.60 20.59 -17.73
CA ALA B 77 27.71 20.20 -16.33
C ALA B 77 27.37 21.39 -15.45
N ARG B 78 26.78 21.08 -14.29
CA ARG B 78 26.62 22.03 -13.19
C ARG B 78 27.85 21.84 -12.30
N ALA B 79 28.53 22.93 -11.98
CA ALA B 79 29.71 22.89 -11.13
C ALA B 79 29.52 23.87 -10.00
N VAL B 80 29.56 23.37 -8.77
CA VAL B 80 29.40 24.19 -7.59
C VAL B 80 30.79 24.45 -7.00
N ILE B 81 31.17 25.73 -6.92
CA ILE B 81 32.51 26.09 -6.43
C ILE B 81 32.38 26.84 -5.12
N PHE B 82 33.06 26.33 -4.10
CA PHE B 82 33.18 26.99 -2.82
C PHE B 82 34.36 27.94 -2.97
N PHE B 83 34.10 29.25 -2.94
CA PHE B 83 35.17 30.27 -2.96
C PHE B 83 35.49 30.74 -1.55
N GLY B 84 36.31 29.96 -0.83
CA GLY B 84 36.69 30.29 0.53
C GLY B 84 37.98 31.08 0.64
N ASP B 85 38.76 31.13 -0.44
CA ASP B 85 40.07 31.80 -0.45
C ASP B 85 39.91 33.21 -1.00
N GLN B 86 39.13 34.01 -0.29
CA GLN B 86 38.92 35.43 -0.63
C GLN B 86 38.35 36.11 0.60
N GLU B 87 38.40 37.44 0.62
CA GLU B 87 37.96 38.23 1.77
C GLU B 87 36.51 37.96 2.13
N HIS B 88 35.67 37.84 1.11
CA HIS B 88 34.25 37.63 1.31
C HIS B 88 33.87 36.29 0.65
N PRO B 89 34.04 35.19 1.40
CA PRO B 89 33.77 33.86 0.86
C PRO B 89 32.36 33.71 0.33
N ASN B 90 32.20 32.94 -0.74
CA ASN B 90 30.86 32.59 -1.21
C ASN B 90 30.84 31.27 -1.95
N VAL B 91 29.64 30.80 -2.26
CA VAL B 91 29.46 29.68 -3.18
C VAL B 91 28.90 30.28 -4.47
N THR B 92 29.47 29.92 -5.61
CA THR B 92 28.90 30.26 -6.91
C THR B 92 28.80 29.01 -7.78
N GLU B 93 27.69 28.91 -8.50
CA GLU B 93 27.48 27.78 -9.40
C GLU B 93 27.68 28.21 -10.83
N PHE B 94 28.21 27.30 -11.63
CA PHE B 94 28.45 27.55 -13.04
C PHE B 94 27.89 26.47 -13.94
N ALA B 95 27.51 26.86 -15.14
CA ALA B 95 27.26 25.91 -16.21
C ALA B 95 28.57 25.77 -16.97
N VAL B 96 29.11 24.56 -17.02
CA VAL B 96 30.35 24.28 -17.73
C VAL B 96 30.02 23.44 -18.96
N GLY B 97 30.52 23.88 -20.11
CA GLY B 97 30.22 23.23 -21.38
C GLY B 97 31.09 23.73 -22.52
N PRO B 98 30.93 23.16 -23.73
CA PRO B 98 30.04 22.03 -24.00
C PRO B 98 30.74 20.73 -23.68
N LEU B 99 30.02 19.62 -23.80
CA LEU B 99 30.59 18.30 -23.60
C LEU B 99 30.31 17.48 -24.83
N PRO B 100 31.33 16.79 -25.38
CA PRO B 100 32.73 16.83 -24.98
C PRO B 100 33.43 18.14 -25.35
N GLY B 101 34.59 18.38 -24.73
CA GLY B 101 35.44 19.53 -25.05
C GLY B 101 34.99 20.86 -24.47
N PRO B 102 34.94 20.98 -23.12
CA PRO B 102 34.45 22.22 -22.50
C PRO B 102 35.29 23.46 -22.82
N CYS B 103 34.61 24.58 -23.07
N CYS B 103 34.63 24.59 -23.05
CA CYS B 103 35.25 25.88 -23.36
CA CYS B 103 35.36 25.85 -23.29
C CYS B 103 34.88 26.96 -22.36
C CYS B 103 34.75 27.08 -22.60
N TYR B 104 33.65 26.92 -21.87
CA TYR B 104 33.10 28.01 -21.08
C TYR B 104 32.66 27.58 -19.68
N MET B 105 32.41 28.61 -18.88
CA MET B 105 32.07 28.48 -17.49
C MET B 105 31.18 29.69 -17.22
N ARG B 106 29.88 29.47 -17.06
CA ARG B 106 28.92 30.58 -16.92
C ARG B 106 28.21 30.54 -15.56
N ALA B 107 28.32 31.63 -14.80
CA ALA B 107 27.70 31.74 -13.48
C ALA B 107 26.18 31.61 -13.55
N LEU B 108 25.59 30.95 -12.55
CA LEU B 108 24.16 30.68 -12.52
C LEU B 108 23.49 31.38 -11.35
N SER B 109 22.18 31.61 -11.49
CA SER B 109 21.28 32.01 -10.39
C SER B 109 21.86 32.99 -9.35
N PRO B 110 22.17 34.23 -9.75
CA PRO B 110 22.55 35.27 -8.78
C PRO B 110 21.42 35.63 -7.81
N ARG B 111 21.77 36.02 -6.57
CA ARG B 111 20.79 36.50 -5.59
C ARG B 111 21.21 37.86 -5.04
N PRO B 112 20.88 38.96 -5.76
CA PRO B 112 21.28 40.29 -5.28
C PRO B 112 20.74 40.58 -3.88
N GLY B 113 21.61 41.03 -2.98
CA GLY B 113 21.21 41.33 -1.61
C GLY B 113 21.36 40.19 -0.61
N TYR B 114 21.53 38.96 -1.10
CA TYR B 114 21.67 37.80 -0.20
C TYR B 114 23.11 37.68 0.24
N GLN B 115 23.34 37.64 1.56
CA GLN B 115 24.68 37.69 2.12
C GLN B 115 25.14 36.39 2.80
N SER B 116 24.28 35.37 2.88
CA SER B 116 24.56 34.17 3.70
C SER B 116 25.00 32.95 2.90
N SER B 117 25.42 33.19 1.66
CA SER B 117 25.86 32.13 0.76
C SER B 117 26.82 31.12 1.40
N TRP B 118 27.86 31.63 2.05
CA TRP B 118 28.89 30.77 2.60
C TRP B 118 28.33 29.95 3.76
N ALA B 119 27.51 30.59 4.60
CA ALA B 119 26.88 29.92 5.74
C ALA B 119 25.94 28.81 5.29
N SER B 120 25.36 28.99 4.10
CA SER B 120 24.35 28.09 3.56
C SER B 120 24.94 26.81 3.02
N ARG B 121 26.25 26.82 2.78
CA ARG B 121 26.88 25.71 2.06
C ARG B 121 26.89 24.44 2.91
N PRO B 122 26.84 23.27 2.25
CA PRO B 122 26.92 22.00 2.98
C PRO B 122 28.22 21.80 3.76
N ILE B 123 28.15 20.94 4.78
CA ILE B 123 29.33 20.52 5.51
C ILE B 123 30.16 19.61 4.61
N SER B 124 31.43 19.41 4.96
CA SER B 124 32.37 18.65 4.14
C SER B 124 33.31 17.81 5.02
N THR B 125 33.97 16.85 4.39
CA THR B 125 34.95 16.03 5.08
C THR B 125 36.00 16.89 5.79
N ALA B 126 36.55 17.87 5.08
CA ALA B 126 37.55 18.75 5.66
C ALA B 126 37.01 19.53 6.85
N GLU B 127 35.74 19.94 6.79
CA GLU B 127 35.16 20.69 7.89
C GLU B 127 34.99 19.78 9.11
N TYR B 128 34.64 18.52 8.88
CA TYR B 128 34.56 17.50 9.93
C TYR B 128 35.90 17.22 10.62
N ALA B 129 36.96 17.05 9.84
CA ALA B 129 38.30 16.88 10.41
C ALA B 129 38.67 18.07 11.31
N LEU B 130 38.27 19.27 10.91
CA LEU B 130 38.56 20.46 11.71
C LEU B 130 37.66 20.54 12.95
N LEU B 131 36.40 20.18 12.79
CA LEU B 131 35.49 20.12 13.94
C LEU B 131 36.00 19.16 14.99
N TYR B 132 36.42 17.98 14.55
CA TYR B 132 36.92 16.95 15.44
C TYR B 132 38.15 17.46 16.19
N HIS B 133 39.02 18.17 15.48
CA HIS B 133 40.21 18.74 16.12
C HIS B 133 39.80 19.75 17.18
N THR B 134 38.80 20.57 16.87
CA THR B 134 38.29 21.56 17.80
C THR B 134 37.72 20.88 19.05
N LEU B 135 36.94 19.82 18.86
CA LEU B 135 36.34 19.09 19.98
C LEU B 135 37.41 18.47 20.84
N GLN B 136 38.38 17.81 20.20
CA GLN B 136 39.45 17.14 20.90
C GLN B 136 40.17 18.12 21.82
N GLU B 137 40.48 19.30 21.29
CA GLU B 137 41.16 20.33 22.05
C GLU B 137 40.26 20.96 23.11
N ALA B 138 39.07 21.40 22.69
CA ALA B 138 38.15 22.07 23.59
C ALA B 138 37.68 21.20 24.76
N THR B 139 37.65 19.87 24.60
CA THR B 139 37.16 18.99 25.66
C THR B 139 38.24 18.36 26.56
N LYS B 140 39.49 18.75 26.39
CA LYS B 140 40.57 18.21 27.24
C LYS B 140 40.28 18.30 28.76
N PRO B 141 39.69 19.40 29.22
CA PRO B 141 39.34 19.48 30.65
C PRO B 141 38.36 18.40 31.11
N LEU B 142 37.58 17.85 30.17
CA LEU B 142 36.58 16.82 30.47
C LEU B 142 37.12 15.39 30.36
N HIS B 143 38.43 15.25 30.16
CA HIS B 143 39.02 13.93 29.95
C HIS B 143 38.68 12.90 31.03
N GLN B 144 38.90 13.25 32.30
CA GLN B 144 38.57 12.35 33.42
C GLN B 144 37.06 12.14 33.55
N PHE B 145 36.29 13.19 33.29
CA PHE B 145 34.83 13.13 33.31
C PHE B 145 34.35 12.09 32.29
N PHE B 146 34.90 12.17 31.08
CA PHE B 146 34.61 11.21 30.01
C PHE B 146 34.94 9.79 30.45
N LEU B 147 36.15 9.59 30.98
CA LEU B 147 36.57 8.26 31.37
C LEU B 147 35.65 7.73 32.47
N ASN B 148 35.42 8.55 33.50
CA ASN B 148 34.59 8.12 34.63
C ASN B 148 33.13 7.83 34.27
N THR B 149 32.58 8.58 33.33
CA THR B 149 31.16 8.49 33.02
C THR B 149 30.85 7.53 31.88
N THR B 150 31.83 7.31 31.00
CA THR B 150 31.63 6.48 29.81
C THR B 150 32.69 5.40 29.55
N GLY B 151 33.86 5.52 30.17
CA GLY B 151 35.01 4.63 29.86
C GLY B 151 35.61 4.87 28.48
N PHE B 152 35.16 5.91 27.78
CA PHE B 152 35.63 6.28 26.46
C PHE B 152 36.17 7.71 26.55
N SER B 153 36.89 8.15 25.53
CA SER B 153 37.40 9.53 25.49
C SER B 153 37.77 9.92 24.06
N PHE B 154 38.34 11.10 23.89
CA PHE B 154 38.83 11.57 22.59
C PHE B 154 40.35 11.41 22.44
N GLN B 155 41.05 11.09 23.53
CA GLN B 155 42.50 11.08 23.49
C GLN B 155 43.02 9.73 23.89
N ASP B 156 43.94 9.20 23.08
CA ASP B 156 44.54 7.90 23.29
C ASP B 156 43.43 6.88 23.58
N CYS B 157 42.40 6.90 22.74
CA CYS B 157 41.17 6.17 23.00
C CYS B 157 41.10 4.83 22.25
N HIS B 158 41.67 4.78 21.05
CA HIS B 158 41.81 3.54 20.28
C HIS B 158 40.48 2.80 20.02
N ASP B 159 40.17 1.77 20.80
CA ASP B 159 38.91 1.03 20.62
C ASP B 159 37.75 1.59 21.47
N ARG B 160 38.02 2.64 22.24
CA ARG B 160 37.04 3.27 23.11
C ARG B 160 37.00 4.78 22.89
N CYS B 161 36.65 5.17 21.67
CA CYS B 161 36.64 6.56 21.29
C CYS B 161 35.23 7.13 21.28
N LEU B 162 35.10 8.36 21.74
CA LEU B 162 33.88 9.11 21.57
C LEU B 162 33.79 9.60 20.12
N ALA B 163 32.57 9.79 19.65
CA ALA B 163 32.30 10.36 18.34
C ALA B 163 31.20 11.39 18.52
N PHE B 164 30.89 12.13 17.45
CA PHE B 164 29.78 13.06 17.47
C PHE B 164 28.91 12.99 16.23
N THR B 165 27.65 13.38 16.39
CA THR B 165 26.70 13.54 15.30
C THR B 165 26.25 15.00 15.32
N ASP B 166 26.52 15.72 14.24
CA ASP B 166 26.00 17.07 14.15
C ASP B 166 24.55 17.07 13.70
N VAL B 167 23.78 18.03 14.21
CA VAL B 167 22.44 18.28 13.72
C VAL B 167 22.42 19.58 12.95
N ALA B 168 21.39 19.74 12.12
CA ALA B 168 21.20 20.94 11.35
C ALA B 168 19.70 21.25 11.37
N PRO B 169 19.31 22.52 11.16
CA PRO B 169 20.13 23.69 10.85
C PRO B 169 20.96 24.19 12.01
N ARG B 170 21.82 25.17 11.73
CA ARG B 170 22.97 25.46 12.58
C ARG B 170 22.94 26.90 13.08
N GLY B 171 22.01 27.15 14.00
CA GLY B 171 21.80 28.48 14.54
C GLY B 171 20.34 28.86 14.62
N VAL B 172 20.09 30.15 14.80
CA VAL B 172 18.74 30.69 14.95
C VAL B 172 18.35 31.66 13.82
N ALA B 173 19.29 31.97 12.91
CA ALA B 173 19.07 32.95 11.85
C ALA B 173 19.98 32.72 10.64
N SER B 174 19.58 33.27 9.50
CA SER B 174 20.34 33.19 8.26
C SER B 174 21.72 33.79 8.46
N GLY B 175 22.76 33.07 8.06
CA GLY B 175 24.15 33.54 8.17
C GLY B 175 24.93 32.85 9.28
N GLN B 176 24.23 32.17 10.17
CA GLN B 176 24.90 31.48 11.28
C GLN B 176 25.39 30.10 10.87
N ARG B 177 26.44 29.65 11.54
CA ARG B 177 26.93 28.28 11.42
C ARG B 177 27.36 27.81 12.80
N ARG B 178 26.34 27.53 13.61
CA ARG B 178 26.52 27.14 15.01
C ARG B 178 25.82 25.81 15.21
N SER B 179 26.59 24.73 15.30
CA SER B 179 26.04 23.37 15.29
C SER B 179 26.03 22.72 16.67
N TRP B 180 24.87 22.16 17.02
CA TRP B 180 24.80 21.26 18.17
C TRP B 180 25.30 19.88 17.80
N LEU B 181 26.13 19.30 18.65
CA LEU B 181 26.77 18.03 18.40
C LEU B 181 26.37 17.05 19.50
N ILE B 182 25.85 15.90 19.10
CA ILE B 182 25.47 14.84 20.02
C ILE B 182 26.68 13.92 20.21
N ILE B 183 27.17 13.84 21.45
CA ILE B 183 28.35 13.02 21.76
C ILE B 183 27.90 11.57 21.97
N GLN B 184 28.59 10.66 21.31
CA GLN B 184 28.25 9.24 21.30
C GLN B 184 29.49 8.38 21.55
N ARG B 185 29.28 7.18 22.07
CA ARG B 185 30.33 6.16 22.07
C ARG B 185 30.45 5.54 20.70
N TYR B 186 31.66 5.55 20.14
CA TYR B 186 31.87 4.98 18.81
C TYR B 186 32.01 3.46 18.91
N VAL B 187 30.87 2.77 18.85
CA VAL B 187 30.81 1.30 18.80
C VAL B 187 29.93 0.90 17.63
N GLU B 188 29.78 -0.40 17.40
CA GLU B 188 28.88 -0.91 16.37
C GLU B 188 27.49 -0.31 16.56
N GLY B 189 26.98 0.36 15.52
CA GLY B 189 25.71 1.10 15.61
C GLY B 189 25.75 2.27 16.57
N TYR B 190 26.86 3.00 16.52
CA TYR B 190 27.15 4.13 17.43
C TYR B 190 26.03 5.18 17.55
N PHE B 191 25.19 5.27 16.53
CA PHE B 191 24.05 6.20 16.50
C PHE B 191 23.13 6.09 17.74
N LEU B 192 23.07 4.89 18.33
CA LEU B 192 22.18 4.62 19.46
C LEU B 192 22.90 4.66 20.81
N HIS B 193 24.08 5.28 20.84
CA HIS B 193 24.90 5.31 22.05
C HIS B 193 25.26 6.74 22.51
N PRO B 194 24.24 7.60 22.69
CA PRO B 194 24.52 8.94 23.24
C PRO B 194 25.04 8.89 24.68
N THR B 195 25.94 9.80 25.04
CA THR B 195 26.52 9.83 26.38
C THR B 195 25.78 10.75 27.36
N GLY B 196 25.01 11.71 26.84
CA GLY B 196 24.34 12.71 27.66
C GLY B 196 24.92 14.09 27.51
N LEU B 197 26.06 14.17 26.84
CA LEU B 197 26.72 15.44 26.53
C LEU B 197 26.36 15.90 25.13
N GLU B 198 25.98 17.16 25.01
CA GLU B 198 25.86 17.83 23.72
C GLU B 198 26.63 19.14 23.78
N LEU B 199 27.15 19.57 22.62
CA LEU B 199 28.02 20.73 22.52
C LEU B 199 27.63 21.62 21.35
N LEU B 200 27.54 22.93 21.61
CA LEU B 200 27.29 23.90 20.56
C LEU B 200 28.61 24.53 20.14
N VAL B 201 28.93 24.42 18.84
CA VAL B 201 30.18 24.90 18.30
C VAL B 201 29.93 25.96 17.23
N ASP B 202 30.54 27.13 17.39
CA ASP B 202 30.49 28.15 16.34
C ASP B 202 31.65 27.88 15.40
N HIS B 203 31.35 27.43 14.19
CA HIS B 203 32.41 27.15 13.20
C HIS B 203 32.21 27.91 11.90
N GLY B 204 31.83 29.18 11.99
CA GLY B 204 31.54 30.00 10.83
C GLY B 204 32.77 30.59 10.13
N SER B 205 33.77 30.96 10.91
CA SER B 205 34.98 31.57 10.35
C SER B 205 35.75 30.58 9.51
N THR B 206 36.39 31.06 8.45
CA THR B 206 37.27 30.25 7.63
C THR B 206 38.60 29.92 8.33
N ASP B 207 38.87 30.58 9.46
CA ASP B 207 40.00 30.24 10.30
C ASP B 207 39.50 29.40 11.47
N ALA B 208 39.74 28.09 11.40
CA ALA B 208 39.26 27.15 12.40
C ALA B 208 39.82 27.51 13.77
N GLY B 209 40.91 28.27 13.78
CA GLY B 209 41.45 28.84 15.00
C GLY B 209 40.45 29.64 15.82
N HIS B 210 39.50 30.29 15.15
CA HIS B 210 38.45 31.05 15.84
C HIS B 210 37.29 30.21 16.39
N TRP B 211 37.20 28.93 16.03
CA TRP B 211 36.03 28.11 16.37
C TRP B 211 35.98 27.85 17.87
N ALA B 212 34.78 27.88 18.43
CA ALA B 212 34.62 27.76 19.88
C ALA B 212 33.43 26.94 20.27
N VAL B 213 33.58 26.18 21.36
CA VAL B 213 32.44 25.63 22.09
C VAL B 213 31.82 26.81 22.85
N GLU B 214 30.60 27.20 22.49
CA GLU B 214 29.95 28.35 23.13
C GLU B 214 28.93 27.93 24.19
N GLN B 215 28.63 26.64 24.24
CA GLN B 215 27.62 26.14 25.16
C GLN B 215 27.75 24.63 25.29
N VAL B 216 27.39 24.11 26.46
CA VAL B 216 27.53 22.70 26.76
C VAL B 216 26.28 22.25 27.48
N TRP B 217 25.75 21.07 27.11
CA TRP B 217 24.57 20.50 27.76
C TRP B 217 24.91 19.11 28.22
N TYR B 218 24.67 18.84 29.51
CA TYR B 218 24.87 17.50 30.04
C TYR B 218 23.74 17.09 30.96
N ASN B 219 23.10 15.97 30.62
CA ASN B 219 22.08 15.36 31.48
C ASN B 219 21.10 16.39 32.01
N GLY B 220 20.55 17.20 31.11
CA GLY B 220 19.46 18.12 31.44
C GLY B 220 19.83 19.51 31.92
N LYS B 221 21.12 19.82 32.01
CA LYS B 221 21.57 21.16 32.46
C LYS B 221 22.57 21.75 31.48
N PHE B 222 22.53 23.07 31.33
CA PHE B 222 23.53 23.81 30.56
C PHE B 222 24.71 24.21 31.46
N TYR B 223 25.91 24.21 30.89
CA TYR B 223 27.12 24.52 31.65
C TYR B 223 28.03 25.58 31.07
N GLY B 224 27.76 26.11 29.87
CA GLY B 224 28.54 27.28 29.42
C GLY B 224 29.89 26.98 28.79
N SER B 225 30.71 26.16 29.46
CA SER B 225 31.97 25.71 28.85
C SER B 225 32.39 24.34 29.38
N PRO B 226 33.25 23.64 28.63
CA PRO B 226 33.84 22.39 29.09
C PRO B 226 34.59 22.53 30.41
N GLU B 227 35.30 23.64 30.57
CA GLU B 227 35.98 23.98 31.83
C GLU B 227 34.97 24.05 32.98
N GLU B 228 33.85 24.72 32.78
CA GLU B 228 32.85 24.85 33.84
C GLU B 228 32.28 23.49 34.24
N LEU B 229 31.89 22.69 33.25
CA LEU B 229 31.39 21.33 33.53
C LEU B 229 32.44 20.50 34.28
N ALA B 230 33.69 20.63 33.86
CA ALA B 230 34.82 19.93 34.51
C ALA B 230 34.96 20.31 35.99
N ARG B 231 34.92 21.61 36.28
CA ARG B 231 35.06 22.10 37.66
C ARG B 231 33.88 21.65 38.52
N LYS B 232 32.67 21.80 38.01
CA LYS B 232 31.49 21.38 38.75
C LYS B 232 31.45 19.87 39.00
N TYR B 233 31.91 19.10 38.01
CA TYR B 233 32.09 17.66 38.20
C TYR B 233 33.05 17.38 39.35
N ALA B 234 34.25 17.96 39.27
CA ALA B 234 35.25 17.82 40.35
C ALA B 234 34.68 18.23 41.72
N ASP B 235 33.87 19.28 41.74
CA ASP B 235 33.33 19.80 43.00
C ASP B 235 32.09 19.09 43.48
N GLY B 236 31.69 18.02 42.80
CA GLY B 236 30.55 17.22 43.22
C GLY B 236 29.23 17.89 42.95
N GLU B 237 29.20 18.74 41.93
CA GLU B 237 28.00 19.51 41.59
C GLU B 237 27.39 19.12 40.24
N VAL B 238 27.56 17.88 39.81
CA VAL B 238 26.96 17.41 38.57
C VAL B 238 26.25 16.08 38.81
N ASP B 239 25.04 15.99 38.30
CA ASP B 239 24.26 14.77 38.38
C ASP B 239 24.69 13.91 37.20
N VAL B 240 25.59 12.96 37.45
CA VAL B 240 26.15 12.17 36.38
C VAL B 240 25.42 10.84 36.23
N VAL B 241 25.34 10.39 34.99
CA VAL B 241 24.91 9.04 34.68
C VAL B 241 26.16 8.32 34.19
N VAL B 242 26.59 7.32 34.96
CA VAL B 242 27.68 6.46 34.56
C VAL B 242 27.07 5.40 33.64
N LEU B 243 27.50 5.38 32.38
CA LEU B 243 26.89 4.53 31.36
C LEU B 243 27.17 3.05 31.60
N GLU B 258 29.37 -13.85 24.75
CA GLU B 258 29.02 -12.43 24.73
C GLU B 258 27.80 -12.20 23.84
N PRO B 259 26.66 -11.80 24.44
CA PRO B 259 25.50 -11.46 23.61
C PRO B 259 25.77 -10.24 22.73
N PRO B 260 25.05 -10.10 21.59
CA PRO B 260 25.36 -8.93 20.77
C PRO B 260 24.98 -7.62 21.45
N LEU B 261 25.60 -6.54 21.01
CA LEU B 261 25.19 -5.20 21.41
C LEU B 261 23.76 -4.98 20.90
N PHE B 262 22.95 -4.26 21.67
CA PHE B 262 21.58 -3.96 21.23
C PHE B 262 21.53 -3.21 19.90
N SER B 263 22.59 -2.48 19.56
CA SER B 263 22.66 -1.69 18.32
C SER B 263 23.16 -2.50 17.11
N SER B 264 23.43 -3.77 17.35
CA SER B 264 23.90 -4.69 16.33
C SER B 264 22.75 -5.43 15.67
N HIS B 265 22.93 -5.79 14.40
CA HIS B 265 22.01 -6.62 13.64
C HIS B 265 22.14 -8.12 13.94
N LYS B 266 23.19 -8.50 14.65
CA LYS B 266 23.45 -9.93 14.91
C LYS B 266 22.27 -10.64 15.58
N PRO B 267 21.92 -11.85 15.12
CA PRO B 267 20.77 -12.54 15.68
C PRO B 267 20.88 -12.85 17.16
N ARG B 268 19.77 -12.69 17.87
CA ARG B 268 19.60 -13.22 19.22
C ARG B 268 18.13 -13.51 19.46
N GLY B 269 17.85 -14.23 20.53
CA GLY B 269 16.49 -14.67 20.82
C GLY B 269 16.17 -15.90 19.99
N ASP B 270 15.01 -16.49 20.24
CA ASP B 270 14.59 -17.71 19.54
C ASP B 270 13.13 -17.59 19.19
N PHE B 271 12.79 -17.86 17.94
CA PHE B 271 11.40 -18.01 17.57
C PHE B 271 10.85 -19.28 18.25
N PRO B 272 9.55 -19.32 18.51
CA PRO B 272 8.95 -20.56 19.00
C PRO B 272 9.08 -21.70 17.98
N SER B 273 9.04 -21.39 16.69
CA SER B 273 9.29 -22.35 15.63
C SER B 273 10.49 -21.88 14.81
N PRO B 274 11.71 -22.20 15.28
CA PRO B 274 12.93 -21.75 14.60
C PRO B 274 12.98 -22.13 13.11
N ILE B 275 13.59 -21.26 12.31
CA ILE B 275 13.77 -21.49 10.88
C ILE B 275 15.26 -21.65 10.58
N HIS B 276 15.62 -22.77 9.97
CA HIS B 276 17.03 -23.11 9.76
C HIS B 276 17.43 -23.10 8.29
N VAL B 277 16.48 -22.97 7.37
CA VAL B 277 16.80 -23.04 5.95
C VAL B 277 16.44 -21.74 5.25
N SER B 278 16.98 -21.56 4.06
CA SER B 278 16.73 -20.36 3.27
CA SER B 278 16.75 -20.37 3.26
C SER B 278 15.34 -20.38 2.67
N GLY B 279 14.76 -19.20 2.48
CA GLY B 279 13.42 -19.07 1.92
C GLY B 279 13.41 -19.11 0.42
N PRO B 280 12.21 -19.02 -0.18
CA PRO B 280 12.10 -19.08 -1.62
C PRO B 280 12.87 -17.95 -2.28
N ARG B 281 13.30 -18.17 -3.51
CA ARG B 281 14.02 -17.13 -4.24
C ARG B 281 13.56 -17.07 -5.69
N LEU B 282 13.77 -15.91 -6.30
CA LEU B 282 13.51 -15.71 -7.72
C LEU B 282 14.58 -16.38 -8.58
N VAL B 283 14.15 -17.05 -9.65
CA VAL B 283 15.08 -17.51 -10.69
C VAL B 283 14.67 -16.84 -12.00
N GLN B 284 15.65 -16.52 -12.82
CA GLN B 284 15.41 -15.88 -14.10
C GLN B 284 16.21 -16.62 -15.20
N PRO B 285 15.90 -17.91 -15.42
CA PRO B 285 16.66 -18.69 -16.41
C PRO B 285 16.63 -18.16 -17.84
N HIS B 286 15.59 -17.43 -18.22
CA HIS B 286 15.47 -16.94 -19.59
C HIS B 286 15.93 -15.50 -19.74
N GLY B 287 16.62 -14.98 -18.71
CA GLY B 287 17.20 -13.66 -18.77
C GLY B 287 16.14 -12.58 -18.60
N PRO B 288 16.57 -11.31 -18.51
CA PRO B 288 15.67 -10.17 -18.34
C PRO B 288 14.66 -10.01 -19.46
N ARG B 289 13.46 -9.54 -19.13
CA ARG B 289 12.40 -9.30 -20.12
C ARG B 289 12.31 -7.83 -20.45
N PHE B 290 13.11 -7.02 -19.77
CA PHE B 290 13.28 -5.62 -20.12
C PHE B 290 14.59 -5.48 -20.89
N ARG B 291 14.70 -4.43 -21.69
CA ARG B 291 15.93 -4.13 -22.41
C ARG B 291 16.55 -2.88 -21.81
N LEU B 292 17.82 -2.97 -21.44
CA LEU B 292 18.55 -1.83 -20.90
C LEU B 292 19.68 -1.54 -21.87
N GLU B 293 19.65 -0.35 -22.47
CA GLU B 293 20.74 0.14 -23.30
C GLU B 293 21.14 1.50 -22.76
N GLY B 294 22.28 1.55 -22.07
CA GLY B 294 22.74 2.78 -21.42
C GLY B 294 21.81 3.12 -20.27
N ASN B 295 21.18 4.29 -20.38
CA ASN B 295 20.19 4.74 -19.41
C ASN B 295 18.77 4.66 -19.96
N ALA B 296 18.56 3.86 -21.02
CA ALA B 296 17.25 3.70 -21.66
C ALA B 296 16.66 2.33 -21.37
N VAL B 297 15.40 2.29 -20.93
CA VAL B 297 14.74 1.03 -20.59
C VAL B 297 13.51 0.79 -21.44
N LEU B 298 13.38 -0.43 -21.96
CA LEU B 298 12.17 -0.89 -22.63
C LEU B 298 11.61 -2.08 -21.85
N TYR B 299 10.30 -2.12 -21.65
CA TYR B 299 9.65 -3.24 -20.93
C TYR B 299 8.16 -3.32 -21.25
N GLY B 300 7.79 -4.35 -22.03
CA GLY B 300 6.43 -4.46 -22.55
C GLY B 300 6.07 -3.17 -23.27
N GLY B 301 5.05 -2.47 -22.77
CA GLY B 301 4.62 -1.21 -23.36
C GLY B 301 5.49 -0.03 -22.99
N TRP B 302 6.35 -0.20 -21.99
CA TRP B 302 7.06 0.92 -21.38
C TRP B 302 8.33 1.30 -22.12
N SER B 303 8.55 2.60 -22.24
CA SER B 303 9.84 3.14 -22.63
C SER B 303 10.16 4.32 -21.72
N PHE B 304 11.36 4.35 -21.15
CA PHE B 304 11.79 5.50 -20.37
C PHE B 304 13.31 5.58 -20.23
N ALA B 305 13.77 6.77 -19.85
CA ALA B 305 15.16 7.02 -19.50
C ALA B 305 15.24 7.28 -18.02
N PHE B 306 16.44 7.18 -17.46
CA PHE B 306 16.63 7.48 -16.04
C PHE B 306 17.97 8.14 -15.78
N ARG B 307 18.04 8.87 -14.67
CA ARG B 307 19.31 9.39 -14.19
C ARG B 307 19.34 9.41 -12.67
N LEU B 308 20.56 9.45 -12.14
CA LEU B 308 20.78 9.52 -10.72
C LEU B 308 21.52 10.83 -10.46
N ARG B 309 20.76 11.84 -10.10
CA ARG B 309 21.28 13.18 -9.86
C ARG B 309 21.96 13.20 -8.50
N SER B 310 23.26 13.50 -8.49
CA SER B 310 24.07 13.44 -7.26
C SER B 310 23.50 14.28 -6.14
N SER B 311 22.93 15.43 -6.49
CA SER B 311 22.35 16.35 -5.50
C SER B 311 21.02 15.84 -4.93
N SER B 312 20.06 15.52 -5.80
CA SER B 312 18.67 15.31 -5.38
C SER B 312 18.14 13.88 -5.48
N GLY B 313 18.82 13.02 -6.24
CA GLY B 313 18.46 11.61 -6.31
C GLY B 313 17.81 11.16 -7.61
N LEU B 314 17.07 10.06 -7.52
CA LEU B 314 16.59 9.33 -8.68
C LEU B 314 15.56 10.08 -9.53
N GLN B 315 15.69 9.95 -10.84
CA GLN B 315 14.68 10.46 -11.77
C GLN B 315 14.39 9.47 -12.87
N VAL B 316 13.13 9.43 -13.30
CA VAL B 316 12.77 8.78 -14.54
C VAL B 316 12.24 9.86 -15.47
N LEU B 317 12.59 9.79 -16.75
CA LEU B 317 12.27 10.84 -17.72
C LEU B 317 11.75 10.28 -19.03
N ASN B 318 10.95 11.09 -19.72
CA ASN B 318 10.42 10.76 -21.03
C ASN B 318 9.67 9.44 -21.03
N VAL B 319 8.85 9.25 -19.99
CA VAL B 319 8.19 7.99 -19.76
C VAL B 319 7.07 7.84 -20.79
N HIS B 320 7.11 6.74 -21.54
CA HIS B 320 6.14 6.41 -22.57
C HIS B 320 5.47 5.07 -22.26
N PHE B 321 4.20 4.94 -22.59
CA PHE B 321 3.57 3.63 -22.69
C PHE B 321 2.82 3.53 -24.03
N GLY B 322 3.08 2.47 -24.78
CA GLY B 322 2.43 2.26 -26.08
C GLY B 322 2.83 3.29 -27.11
N GLY B 323 4.08 3.75 -27.01
CA GLY B 323 4.60 4.78 -27.91
C GLY B 323 4.07 6.17 -27.65
N GLU B 324 3.32 6.35 -26.56
CA GLU B 324 2.79 7.67 -26.22
C GLU B 324 3.32 8.18 -24.88
N ARG B 325 3.65 9.48 -24.84
CA ARG B 325 4.24 10.07 -23.65
C ARG B 325 3.22 10.19 -22.53
N ILE B 326 3.67 9.86 -21.33
CA ILE B 326 2.87 9.97 -20.11
C ILE B 326 3.44 11.05 -19.16
N ALA B 327 4.75 11.01 -18.94
CA ALA B 327 5.42 11.96 -18.06
C ALA B 327 6.81 12.31 -18.61
N TYR B 328 7.13 13.60 -18.67
CA TYR B 328 8.48 14.02 -19.07
C TYR B 328 9.48 13.80 -17.95
N GLU B 329 9.04 13.99 -16.71
CA GLU B 329 9.90 13.86 -15.53
C GLU B 329 9.13 13.42 -14.29
N VAL B 330 9.67 12.41 -13.60
CA VAL B 330 9.25 12.06 -12.24
C VAL B 330 10.50 11.96 -11.39
N SER B 331 10.60 12.84 -10.39
CA SER B 331 11.84 12.98 -9.61
C SER B 331 11.63 13.27 -8.14
N VAL B 332 12.50 12.69 -7.32
CA VAL B 332 12.64 13.06 -5.92
C VAL B 332 13.24 14.46 -5.86
N GLN B 333 12.62 15.34 -5.07
CA GLN B 333 13.05 16.73 -4.94
C GLN B 333 13.68 17.06 -3.59
N GLU B 334 13.19 16.44 -2.52
CA GLU B 334 13.70 16.68 -1.17
C GLU B 334 13.08 15.65 -0.22
N ALA B 335 13.79 15.38 0.87
CA ALA B 335 13.36 14.41 1.87
C ALA B 335 13.81 14.97 3.20
N VAL B 336 12.87 15.12 4.13
CA VAL B 336 13.14 15.80 5.38
C VAL B 336 12.68 14.95 6.56
N ALA B 337 13.33 15.19 7.70
CA ALA B 337 12.94 14.60 8.97
C ALA B 337 12.96 15.73 10.01
N LEU B 338 11.77 16.05 10.51
CA LEU B 338 11.54 17.20 11.35
C LEU B 338 11.28 16.73 12.78
N TYR B 339 12.21 17.06 13.67
CA TYR B 339 12.21 16.52 15.03
C TYR B 339 11.71 17.47 16.10
N GLY B 340 11.26 16.88 17.21
CA GLY B 340 11.11 17.57 18.47
C GLY B 340 12.03 16.90 19.48
N GLY B 341 12.33 17.61 20.57
CA GLY B 341 13.21 17.04 21.58
C GLY B 341 13.30 17.81 22.88
N HIS B 342 13.75 17.10 23.92
CA HIS B 342 14.06 17.67 25.22
C HIS B 342 15.49 18.21 25.28
N THR B 343 16.40 17.63 24.50
CA THR B 343 17.78 18.10 24.48
C THR B 343 17.91 19.16 23.38
N PRO B 344 18.88 20.07 23.52
CA PRO B 344 19.02 21.12 22.48
C PRO B 344 19.28 20.58 21.06
N ALA B 345 20.05 19.50 20.93
CA ALA B 345 20.27 18.89 19.62
C ALA B 345 18.94 18.40 19.04
N GLY B 346 18.15 17.73 19.88
CA GLY B 346 16.84 17.22 19.47
C GLY B 346 15.88 18.28 19.00
N MET B 347 15.73 19.35 19.78
CA MET B 347 14.82 20.42 19.38
C MET B 347 15.36 21.25 18.21
N GLN B 348 16.67 21.13 17.92
CA GLN B 348 17.27 21.83 16.78
C GLN B 348 17.05 21.13 15.43
N THR B 349 16.86 19.81 15.44
CA THR B 349 17.01 19.00 14.24
C THR B 349 15.86 19.09 13.24
N LYS B 350 16.16 19.69 12.09
CA LYS B 350 15.30 19.60 10.93
C LYS B 350 16.23 19.22 9.78
N TYR B 351 16.33 17.93 9.49
CA TYR B 351 17.24 17.46 8.48
C TYR B 351 16.57 17.60 7.13
N LEU B 352 17.30 18.15 6.17
CA LEU B 352 16.87 18.27 4.78
C LEU B 352 17.98 17.61 3.97
N ASP B 353 17.69 16.42 3.44
CA ASP B 353 18.74 15.53 2.96
C ASP B 353 19.33 15.90 1.61
N VAL B 354 18.67 16.74 0.83
CA VAL B 354 19.30 17.24 -0.38
C VAL B 354 20.52 18.08 0.03
N GLY B 355 20.45 18.73 1.20
CA GLY B 355 21.61 19.42 1.76
C GLY B 355 22.79 18.53 2.11
N TRP B 356 22.64 17.22 1.91
CA TRP B 356 23.69 16.21 2.18
C TRP B 356 24.02 15.35 0.97
N GLY B 357 23.62 15.78 -0.23
CA GLY B 357 23.82 14.96 -1.44
C GLY B 357 23.03 13.66 -1.39
N LEU B 358 21.71 13.79 -1.35
CA LEU B 358 20.80 12.65 -1.27
C LEU B 358 21.11 11.63 -2.37
N GLY B 359 21.41 12.14 -3.57
CA GLY B 359 21.67 11.30 -4.74
C GLY B 359 23.07 10.74 -4.87
N SER B 360 23.97 11.05 -3.94
CA SER B 360 25.34 10.51 -4.03
C SER B 360 25.77 9.67 -2.83
N VAL B 361 24.80 9.26 -2.01
CA VAL B 361 25.03 8.33 -0.92
C VAL B 361 24.34 7.02 -1.29
N THR B 362 24.42 6.71 -2.59
CA THR B 362 23.80 5.56 -3.20
C THR B 362 24.75 4.39 -3.07
N HIS B 363 24.87 3.86 -1.85
CA HIS B 363 25.92 2.89 -1.55
C HIS B 363 25.52 1.48 -1.97
N GLU B 364 26.48 0.57 -1.93
CA GLU B 364 26.38 -0.68 -2.67
C GLU B 364 25.19 -1.57 -2.31
N LEU B 365 24.40 -1.91 -3.31
CA LEU B 365 23.27 -2.81 -3.13
C LEU B 365 23.75 -4.25 -3.00
N ALA B 366 23.29 -4.93 -1.95
CA ALA B 366 23.71 -6.30 -1.66
C ALA B 366 22.79 -7.26 -2.41
N PRO B 367 23.34 -8.02 -3.38
CA PRO B 367 22.50 -8.91 -4.19
C PRO B 367 21.81 -9.99 -3.37
N GLY B 368 20.51 -10.14 -3.56
CA GLY B 368 19.72 -11.10 -2.78
C GLY B 368 18.97 -10.46 -1.62
N ILE B 369 19.48 -9.34 -1.12
CA ILE B 369 18.92 -8.65 0.03
C ILE B 369 18.28 -7.32 -0.42
N ASP B 370 19.10 -6.38 -0.90
CA ASP B 370 18.60 -5.09 -1.35
C ASP B 370 17.79 -5.16 -2.66
N CYS B 371 18.23 -6.00 -3.58
CA CYS B 371 17.47 -6.37 -4.76
C CYS B 371 17.58 -7.89 -4.94
N PRO B 372 16.66 -8.49 -5.70
CA PRO B 372 16.77 -9.95 -5.90
C PRO B 372 18.10 -10.37 -6.53
N GLU B 373 18.47 -11.63 -6.28
CA GLU B 373 19.73 -12.18 -6.75
C GLU B 373 19.81 -12.10 -8.27
N THR B 374 18.62 -12.10 -8.90
CA THR B 374 18.46 -12.06 -10.33
C THR B 374 18.51 -10.65 -10.93
N ALA B 375 18.68 -9.63 -10.09
CA ALA B 375 18.57 -8.25 -10.56
C ALA B 375 19.76 -7.80 -11.42
N THR B 376 19.52 -6.85 -12.31
CA THR B 376 20.63 -6.18 -13.01
C THR B 376 21.13 -5.04 -12.13
N PHE B 377 22.39 -5.11 -11.72
CA PHE B 377 22.98 -4.09 -10.85
C PHE B 377 23.79 -3.09 -11.67
N LEU B 378 23.63 -1.82 -11.38
CA LEU B 378 24.24 -0.76 -12.18
C LEU B 378 25.14 0.12 -11.34
N ASP B 379 26.32 0.39 -11.88
CA ASP B 379 27.28 1.27 -11.23
C ASP B 379 27.02 2.71 -11.62
N THR B 380 27.61 3.62 -10.87
CA THR B 380 27.60 5.01 -11.25
C THR B 380 28.83 5.73 -10.71
N PHE B 381 29.02 6.96 -11.18
CA PHE B 381 30.11 7.82 -10.72
C PHE B 381 29.51 9.07 -10.09
N HIS B 382 30.06 9.49 -8.95
CA HIS B 382 29.67 10.75 -8.30
C HIS B 382 30.91 11.61 -8.06
N TYR B 383 30.75 12.92 -8.25
CA TYR B 383 31.74 13.89 -7.80
C TYR B 383 31.03 14.84 -6.82
N TYR B 384 31.14 14.52 -5.54
CA TYR B 384 30.52 15.31 -4.48
C TYR B 384 31.47 15.27 -3.29
N ASP B 385 31.98 16.44 -2.89
CA ASP B 385 32.99 16.55 -1.82
C ASP B 385 34.12 15.52 -2.02
N ALA B 386 34.75 15.57 -3.18
CA ALA B 386 35.75 14.57 -3.55
C ALA B 386 36.90 15.19 -4.32
N ASP B 387 38.05 14.52 -4.29
CA ASP B 387 39.22 15.00 -5.00
C ASP B 387 39.16 14.57 -6.47
N ASP B 388 38.56 13.40 -6.71
CA ASP B 388 38.37 12.84 -8.05
C ASP B 388 36.96 12.25 -8.14
N PRO B 389 36.47 11.96 -9.36
CA PRO B 389 35.19 11.26 -9.49
C PRO B 389 35.26 9.88 -8.85
N VAL B 390 34.22 9.51 -8.11
CA VAL B 390 34.25 8.27 -7.34
C VAL B 390 33.30 7.22 -7.93
N HIS B 391 33.81 6.01 -8.14
CA HIS B 391 33.02 4.87 -8.62
C HIS B 391 32.16 4.31 -7.48
N TYR B 392 30.85 4.22 -7.72
CA TYR B 392 29.93 3.61 -6.75
C TYR B 392 29.39 2.31 -7.32
N PRO B 393 29.88 1.16 -6.82
CA PRO B 393 29.40 -0.12 -7.34
C PRO B 393 27.96 -0.43 -6.94
N ARG B 394 27.18 -0.98 -7.87
CA ARG B 394 25.81 -1.38 -7.61
C ARG B 394 25.02 -0.28 -6.89
N ALA B 395 25.03 0.92 -7.46
CA ALA B 395 24.36 2.10 -6.91
C ALA B 395 22.85 2.05 -7.16
N LEU B 396 22.47 1.49 -8.30
CA LEU B 396 21.08 1.20 -8.61
C LEU B 396 20.95 -0.26 -9.02
N CYS B 397 19.71 -0.74 -9.04
CA CYS B 397 19.40 -2.03 -9.64
C CYS B 397 18.08 -1.95 -10.40
N LEU B 398 17.95 -2.79 -11.42
CA LEU B 398 16.78 -2.85 -12.26
C LEU B 398 16.34 -4.30 -12.35
N PHE B 399 15.07 -4.58 -12.03
CA PHE B 399 14.64 -5.97 -11.98
C PHE B 399 13.15 -6.18 -12.13
N GLU B 400 12.78 -7.33 -12.67
CA GLU B 400 11.38 -7.75 -12.71
C GLU B 400 11.16 -8.74 -11.58
N MET B 401 10.03 -8.62 -10.90
CA MET B 401 9.72 -9.58 -9.84
C MET B 401 8.24 -9.88 -9.81
N PRO B 402 7.90 -11.14 -9.56
CA PRO B 402 6.49 -11.43 -9.35
C PRO B 402 5.95 -10.73 -8.10
N THR B 403 4.77 -10.14 -8.25
CA THR B 403 4.08 -9.46 -7.15
C THR B 403 3.35 -10.42 -6.23
N GLY B 404 3.13 -11.64 -6.69
CA GLY B 404 2.43 -12.64 -5.92
C GLY B 404 0.92 -12.44 -5.93
N VAL B 405 0.41 -11.57 -6.80
CA VAL B 405 -1.03 -11.40 -6.96
C VAL B 405 -1.31 -11.14 -8.45
N PRO B 406 -2.26 -11.89 -9.05
CA PRO B 406 -2.42 -11.76 -10.49
C PRO B 406 -2.79 -10.35 -10.87
N LEU B 407 -2.34 -9.91 -12.04
CA LEU B 407 -2.74 -8.59 -12.52
C LEU B 407 -4.26 -8.57 -12.74
N ARG B 408 -4.79 -9.67 -13.24
CA ARG B 408 -6.23 -9.88 -13.33
C ARG B 408 -6.52 -11.36 -13.36
N ARG B 409 -7.69 -11.74 -12.86
CA ARG B 409 -8.14 -13.12 -12.91
C ARG B 409 -9.65 -13.18 -12.80
N HIS B 410 -10.24 -14.23 -13.35
CA HIS B 410 -11.67 -14.45 -13.28
C HIS B 410 -12.03 -15.93 -13.40
N PHE B 411 -12.88 -16.39 -12.49
CA PHE B 411 -13.44 -17.72 -12.57
C PHE B 411 -14.88 -17.58 -13.08
N ASN B 412 -15.11 -18.00 -14.32
CA ASN B 412 -16.43 -17.88 -14.96
C ASN B 412 -17.21 -19.16 -14.71
N SER B 413 -17.91 -19.20 -13.60
CA SER B 413 -18.67 -20.38 -13.20
C SER B 413 -19.85 -20.64 -14.13
N ASN B 414 -20.20 -21.91 -14.30
CA ASN B 414 -21.46 -22.26 -14.96
C ASN B 414 -22.59 -22.47 -13.96
N PHE B 415 -22.27 -22.38 -12.66
CA PHE B 415 -23.24 -22.49 -11.57
C PHE B 415 -23.94 -23.86 -11.51
N LYS B 416 -23.36 -24.86 -12.16
CA LYS B 416 -23.86 -26.24 -12.17
C LYS B 416 -22.68 -27.17 -11.92
N GLY B 417 -21.84 -26.81 -10.98
CA GLY B 417 -20.70 -27.61 -10.58
C GLY B 417 -19.48 -27.51 -11.49
N GLY B 418 -19.48 -26.56 -12.42
CA GLY B 418 -18.36 -26.40 -13.33
C GLY B 418 -18.09 -24.97 -13.77
N PHE B 419 -17.45 -24.83 -14.93
CA PHE B 419 -17.00 -23.53 -15.40
C PHE B 419 -17.06 -23.39 -16.91
N ASN B 420 -17.12 -22.14 -17.36
CA ASN B 420 -17.03 -21.80 -18.78
C ASN B 420 -15.59 -21.52 -19.17
N PHE B 421 -14.87 -20.87 -18.25
CA PHE B 421 -13.42 -20.71 -18.36
C PHE B 421 -12.84 -20.13 -17.06
N TYR B 422 -11.53 -20.31 -16.90
CA TYR B 422 -10.72 -19.52 -15.97
C TYR B 422 -9.72 -18.75 -16.82
N ALA B 423 -9.60 -17.45 -16.56
CA ALA B 423 -8.61 -16.59 -17.21
C ALA B 423 -7.76 -15.92 -16.13
N GLY B 424 -6.44 -15.95 -16.30
CA GLY B 424 -5.56 -15.25 -15.37
C GLY B 424 -4.28 -14.72 -16.02
N LEU B 425 -3.76 -13.62 -15.47
CA LEU B 425 -2.47 -13.08 -15.85
C LEU B 425 -1.61 -12.93 -14.60
N LYS B 426 -0.55 -13.72 -14.51
CA LYS B 426 0.43 -13.65 -13.42
C LYS B 426 0.91 -12.22 -13.23
N GLY B 427 1.01 -11.80 -11.97
CA GLY B 427 1.51 -10.46 -11.64
C GLY B 427 3.02 -10.37 -11.73
N GLN B 428 3.51 -9.38 -12.48
CA GLN B 428 4.93 -9.01 -12.50
C GLN B 428 5.01 -7.50 -12.48
N VAL B 429 6.13 -6.97 -11.97
CA VAL B 429 6.41 -5.54 -12.00
CA VAL B 429 6.40 -5.55 -12.04
C VAL B 429 7.88 -5.32 -12.31
N LEU B 430 8.18 -4.21 -12.98
CA LEU B 430 9.57 -3.80 -13.19
C LEU B 430 9.89 -2.78 -12.09
N VAL B 431 11.01 -2.99 -11.40
CA VAL B 431 11.42 -2.09 -10.33
C VAL B 431 12.79 -1.48 -10.69
N LEU B 432 12.86 -0.15 -10.61
CA LEU B 432 14.09 0.62 -10.72
C LEU B 432 14.35 1.19 -9.33
N ARG B 433 15.48 0.85 -8.74
CA ARG B 433 15.73 1.16 -7.34
C ARG B 433 17.10 1.75 -7.09
N THR B 434 17.16 2.72 -6.18
CA THR B 434 18.43 3.11 -5.58
C THR B 434 18.16 3.31 -4.09
N THR B 435 19.19 3.70 -3.34
CA THR B 435 19.03 4.01 -1.92
C THR B 435 19.75 5.31 -1.62
N SER B 436 19.54 5.84 -0.42
CA SER B 436 20.40 6.89 0.12
C SER B 436 20.60 6.69 1.61
N THR B 437 21.87 6.56 2.00
CA THR B 437 22.27 6.51 3.38
C THR B 437 23.19 7.70 3.63
N VAL B 438 22.66 8.79 4.13
CA VAL B 438 23.52 9.92 4.46
C VAL B 438 24.39 9.53 5.66
N TYR B 439 23.78 8.86 6.63
CA TYR B 439 24.43 8.61 7.90
C TYR B 439 23.71 7.48 8.65
N ASN B 440 22.68 7.81 9.40
CA ASN B 440 21.99 6.85 10.27
C ASN B 440 20.88 6.06 9.56
N TPQ B 441 20.01 6.78 8.85
CA TPQ B 441 18.90 6.19 8.10
CB TPQ B 441 17.82 7.24 7.86
C TPQ B 441 19.25 5.77 6.68
O TPQ B 441 20.09 6.39 6.01
C1 TPQ B 441 16.74 7.27 8.89
C2 TPQ B 441 16.42 8.53 9.59
O2 TPQ B 441 17.07 9.56 9.35
C3 TPQ B 441 15.32 8.53 10.58
C4 TPQ B 441 14.57 7.38 10.88
O4 TPQ B 441 13.65 7.42 11.72
C5 TPQ B 441 14.88 6.11 10.18
O5 TPQ B 441 14.23 5.06 10.40
C6 TPQ B 441 15.99 6.12 9.16
N ASP B 442 18.55 4.74 6.19
CA ASP B 442 18.65 4.31 4.81
C ASP B 442 17.28 4.45 4.15
N TYR B 443 17.20 5.28 3.09
CA TYR B 443 15.98 5.33 2.33
CA TYR B 443 15.99 5.44 2.25
C TYR B 443 16.12 4.48 1.07
N ILE B 444 15.05 3.78 0.74
CA ILE B 444 15.03 2.92 -0.43
C ILE B 444 14.05 3.58 -1.40
N TRP B 445 14.56 3.99 -2.56
CA TRP B 445 13.76 4.72 -3.57
C TRP B 445 13.42 3.80 -4.74
N ASP B 446 12.12 3.59 -4.99
CA ASP B 446 11.63 2.74 -6.08
C ASP B 446 10.77 3.51 -7.09
N PHE B 447 10.93 3.16 -8.37
CA PHE B 447 9.97 3.49 -9.40
C PHE B 447 9.59 2.17 -10.03
N ILE B 448 8.28 1.92 -10.08
CA ILE B 448 7.75 0.60 -10.29
C ILE B 448 6.80 0.70 -11.47
N PHE B 449 6.94 -0.23 -12.43
CA PHE B 449 6.17 -0.17 -13.65
C PHE B 449 5.41 -1.48 -13.85
N TYR B 450 4.08 -1.39 -13.87
CA TYR B 450 3.21 -2.56 -14.02
C TYR B 450 2.93 -2.73 -15.51
N PRO B 451 2.65 -3.98 -15.96
CA PRO B 451 2.38 -4.25 -17.37
C PRO B 451 1.13 -3.58 -17.95
N ASN B 452 0.23 -3.07 -17.10
CA ASN B 452 -0.99 -2.40 -17.55
C ASN B 452 -0.90 -0.87 -17.54
N GLY B 453 0.31 -0.34 -17.63
CA GLY B 453 0.52 1.11 -17.74
C GLY B 453 0.47 1.88 -16.45
N VAL B 454 0.33 1.19 -15.33
CA VAL B 454 0.34 1.83 -14.02
C VAL B 454 1.79 1.93 -13.55
N MET B 455 2.23 3.13 -13.16
CA MET B 455 3.54 3.27 -12.52
C MET B 455 3.40 3.82 -11.12
N GLU B 456 4.36 3.49 -10.27
CA GLU B 456 4.28 3.82 -8.86
C GLU B 456 5.63 4.35 -8.38
N ALA B 457 5.58 5.37 -7.54
CA ALA B 457 6.76 5.82 -6.83
C ALA B 457 6.65 5.35 -5.38
N LYS B 458 7.77 4.97 -4.79
CA LYS B 458 7.78 4.51 -3.41
C LYS B 458 9.08 4.87 -2.70
N MET B 459 8.96 5.28 -1.44
CA MET B 459 10.10 5.41 -0.54
C MET B 459 9.86 4.48 0.66
N HIS B 460 10.88 3.71 1.04
CA HIS B 460 10.86 2.93 2.30
C HIS B 460 11.94 3.44 3.24
N ALA B 461 11.64 3.53 4.53
CA ALA B 461 12.62 3.94 5.52
C ALA B 461 13.09 2.73 6.31
N THR B 462 14.41 2.62 6.45
CA THR B 462 15.02 1.65 7.35
C THR B 462 16.33 2.25 7.92
N GLY B 463 17.22 1.43 8.43
CA GLY B 463 18.43 1.94 9.08
C GLY B 463 18.18 2.41 10.51
N TYR B 464 19.05 3.28 11.03
CA TYR B 464 19.01 3.70 12.43
C TYR B 464 18.26 5.02 12.61
N VAL B 465 17.46 5.09 13.67
CA VAL B 465 16.76 6.33 14.03
C VAL B 465 17.72 7.40 14.56
N HIS B 466 17.27 8.65 14.44
CA HIS B 466 17.95 9.79 15.05
C HIS B 466 17.52 9.84 16.51
N ALA B 467 18.48 9.72 17.42
CA ALA B 467 18.19 9.48 18.84
C ALA B 467 19.08 10.32 19.75
N THR B 468 18.59 10.56 20.97
CA THR B 468 19.29 11.38 21.95
C THR B 468 19.27 10.71 23.34
N PHE B 469 19.94 11.36 24.30
CA PHE B 469 20.14 10.77 25.63
C PHE B 469 18.87 10.79 26.46
N TYR B 470 18.57 9.68 27.11
CA TYR B 470 17.38 9.57 27.95
C TYR B 470 17.44 10.45 29.20
N THR B 471 16.42 11.29 29.38
CA THR B 471 16.02 11.81 30.69
C THR B 471 14.49 11.73 30.74
N PRO B 472 13.90 11.75 31.95
CA PRO B 472 12.42 11.73 32.05
C PRO B 472 11.72 12.77 31.17
N GLU B 473 12.32 13.96 31.07
CA GLU B 473 11.74 15.07 30.31
C GLU B 473 11.60 14.75 28.83
N GLY B 474 12.45 13.86 28.33
CA GLY B 474 12.39 13.43 26.94
C GLY B 474 11.13 12.70 26.55
N LEU B 475 10.44 12.11 27.51
CA LEU B 475 9.22 11.35 27.21
C LEU B 475 8.10 12.22 26.62
N ARG B 476 8.21 13.54 26.78
CA ARG B 476 7.33 14.48 26.09
C ARG B 476 7.66 14.68 24.60
N HIS B 477 8.81 14.21 24.14
CA HIS B 477 9.20 14.37 22.72
C HIS B 477 9.68 13.08 22.05
N GLY B 478 9.27 11.94 22.59
CA GLY B 478 9.77 10.66 22.10
C GLY B 478 9.56 9.51 23.07
N THR B 479 10.24 8.41 22.79
CA THR B 479 10.06 7.14 23.49
C THR B 479 11.39 6.58 23.97
N ARG B 480 11.41 6.08 25.20
CA ARG B 480 12.58 5.37 25.69
C ARG B 480 12.68 4.02 24.98
N LEU B 481 13.81 3.80 24.30
CA LEU B 481 14.08 2.60 23.51
C LEU B 481 15.16 1.69 24.10
N HIS B 482 15.96 2.25 25.00
CA HIS B 482 16.93 1.48 25.75
C HIS B 482 17.26 2.25 27.03
N THR B 483 18.18 1.73 27.82
CA THR B 483 18.50 2.30 29.12
C THR B 483 18.79 3.80 29.03
N HIS B 484 19.63 4.20 28.08
CA HIS B 484 20.06 5.59 28.00
C HIS B 484 19.60 6.30 26.72
N LEU B 485 18.53 5.79 26.11
CA LEU B 485 18.18 6.18 24.74
C LEU B 485 16.72 6.62 24.58
N ILE B 486 16.53 7.80 24.01
CA ILE B 486 15.21 8.31 23.62
C ILE B 486 15.13 8.35 22.11
N GLY B 487 14.09 7.76 21.55
CA GLY B 487 13.81 7.90 20.13
C GLY B 487 12.97 9.15 19.92
N ASN B 488 13.57 10.19 19.36
CA ASN B 488 12.85 11.46 19.19
C ASN B 488 11.70 11.35 18.20
N ILE B 489 10.59 11.99 18.55
CA ILE B 489 9.45 12.09 17.67
C ILE B 489 9.83 12.91 16.45
N HIS B 490 9.32 12.53 15.29
CA HIS B 490 9.61 13.27 14.06
C HIS B 490 8.62 12.91 12.98
N THR B 491 8.57 13.76 11.95
CA THR B 491 7.83 13.47 10.74
C THR B 491 8.76 13.41 9.53
N HIS B 492 8.59 12.36 8.73
CA HIS B 492 9.26 12.23 7.45
C HIS B 492 8.37 12.85 6.38
N LEU B 493 8.92 13.74 5.56
CA LEU B 493 8.17 14.29 4.43
C LEU B 493 9.07 14.26 3.22
N VAL B 494 8.50 13.86 2.08
CA VAL B 494 9.22 13.76 0.82
C VAL B 494 8.42 14.51 -0.22
N HIS B 495 9.12 15.25 -1.08
CA HIS B 495 8.50 15.96 -2.18
C HIS B 495 8.97 15.38 -3.50
N TYR B 496 8.01 15.16 -4.39
CA TYR B 496 8.26 14.66 -5.72
C TYR B 496 7.79 15.69 -6.72
N ARG B 497 8.53 15.83 -7.82
CA ARG B 497 8.09 16.62 -8.96
C ARG B 497 7.55 15.63 -9.96
N VAL B 498 6.32 15.85 -10.42
CA VAL B 498 5.67 14.92 -11.34
C VAL B 498 5.21 15.71 -12.56
N ASP B 499 6.11 15.84 -13.53
CA ASP B 499 5.83 16.60 -14.74
C ASP B 499 5.12 15.67 -15.69
N LEU B 500 3.82 15.54 -15.51
CA LEU B 500 3.03 14.69 -16.38
C LEU B 500 2.86 15.43 -17.69
N ASP B 501 3.05 14.72 -18.80
CA ASP B 501 2.71 15.20 -20.12
C ASP B 501 1.79 14.14 -20.74
N VAL B 502 0.52 14.16 -20.36
CA VAL B 502 -0.41 13.11 -20.77
C VAL B 502 -0.67 13.19 -22.29
N ALA B 503 -0.17 12.19 -23.02
CA ALA B 503 -0.29 12.12 -24.48
C ALA B 503 0.27 13.37 -25.19
N GLY B 504 1.18 14.09 -24.53
CA GLY B 504 1.57 15.41 -25.03
C GLY B 504 1.75 16.44 -23.94
N THR B 505 2.31 17.58 -24.34
CA THR B 505 2.72 18.60 -23.39
CA THR B 505 2.72 18.61 -23.39
C THR B 505 1.54 19.32 -22.74
N LYS B 506 0.48 19.55 -23.50
CA LYS B 506 -0.61 20.42 -23.01
C LYS B 506 -1.78 19.64 -22.41
N ASN B 507 -2.04 19.92 -21.13
CA ASN B 507 -3.01 19.21 -20.34
C ASN B 507 -3.90 20.17 -19.57
N SER B 508 -4.96 19.61 -19.00
CA SER B 508 -5.74 20.28 -17.97
C SER B 508 -5.77 19.39 -16.72
N PHE B 509 -6.26 19.94 -15.62
CA PHE B 509 -6.41 19.22 -14.36
C PHE B 509 -7.88 19.25 -13.98
N GLN B 510 -8.37 18.11 -13.53
CA GLN B 510 -9.78 17.91 -13.26
C GLN B 510 -9.89 16.90 -12.12
N THR B 511 -10.88 17.04 -11.28
CA THR B 511 -11.16 16.05 -10.26
C THR B 511 -12.60 15.54 -10.39
N LEU B 512 -12.80 14.30 -9.94
CA LEU B 512 -14.13 13.69 -9.92
C LEU B 512 -14.46 13.26 -8.49
N GLN B 513 -15.73 13.44 -8.12
CA GLN B 513 -16.25 13.00 -6.83
C GLN B 513 -17.59 12.29 -7.03
N MET B 514 -18.02 11.56 -6.00
CA MET B 514 -19.37 11.04 -5.98
C MET B 514 -20.22 12.01 -5.22
N LYS B 515 -21.37 12.37 -5.78
CA LYS B 515 -22.35 13.23 -5.14
C LYS B 515 -23.71 12.56 -5.20
N LEU B 516 -24.42 12.53 -4.08
CA LEU B 516 -25.71 11.87 -4.06
C LEU B 516 -26.78 12.76 -4.67
N GLU B 517 -27.76 12.13 -5.32
CA GLU B 517 -29.00 12.82 -5.66
C GLU B 517 -30.13 12.11 -4.93
N ASN B 518 -31.23 12.85 -4.75
CA ASN B 518 -32.42 12.33 -4.12
C ASN B 518 -33.60 12.60 -5.05
N ILE B 519 -34.02 11.59 -5.80
CA ILE B 519 -35.08 11.77 -6.80
C ILE B 519 -36.30 10.93 -6.48
N THR B 520 -37.38 11.21 -7.19
CA THR B 520 -38.55 10.34 -7.15
C THR B 520 -38.17 9.00 -7.80
N ASN B 521 -38.49 7.90 -7.12
CA ASN B 521 -38.30 6.60 -7.70
C ASN B 521 -39.15 6.50 -8.98
N PRO B 522 -38.51 6.43 -10.15
CA PRO B 522 -39.27 6.50 -11.41
C PRO B 522 -40.22 5.33 -11.67
N TRP B 523 -40.17 4.25 -10.88
CA TRP B 523 -41.10 3.13 -11.02
C TRP B 523 -41.97 2.87 -9.80
N SER B 524 -41.80 3.69 -8.76
CA SER B 524 -42.65 3.65 -7.58
C SER B 524 -42.69 5.08 -7.02
N PRO B 525 -43.54 5.94 -7.64
CA PRO B 525 -43.61 7.40 -7.43
C PRO B 525 -43.72 7.84 -5.97
N ARG B 526 -44.31 7.00 -5.12
CA ARG B 526 -44.43 7.32 -3.70
C ARG B 526 -43.11 7.13 -2.94
N HIS B 527 -42.07 6.66 -3.63
CA HIS B 527 -40.80 6.38 -2.99
C HIS B 527 -39.69 7.22 -3.60
N ARG B 528 -38.52 7.15 -2.97
CA ARG B 528 -37.37 7.95 -3.37
C ARG B 528 -36.22 7.06 -3.78
N VAL B 529 -35.39 7.53 -4.71
CA VAL B 529 -34.09 6.94 -4.95
C VAL B 529 -33.04 7.96 -4.51
N VAL B 530 -32.26 7.58 -3.48
CA VAL B 530 -31.11 8.38 -3.04
C VAL B 530 -29.86 7.62 -3.45
N GLN B 531 -29.14 8.14 -4.45
CA GLN B 531 -28.11 7.38 -5.14
C GLN B 531 -26.93 8.22 -5.63
N PRO B 532 -25.79 7.55 -5.91
CA PRO B 532 -24.60 8.21 -6.43
C PRO B 532 -24.79 8.83 -7.80
N THR B 533 -24.19 10.01 -7.99
CA THR B 533 -23.96 10.57 -9.31
C THR B 533 -22.49 10.96 -9.41
N LEU B 534 -22.04 11.15 -10.64
CA LEU B 534 -20.66 11.45 -10.94
C LEU B 534 -20.52 12.95 -11.15
N GLU B 535 -19.70 13.60 -10.32
CA GLU B 535 -19.50 15.05 -10.38
C GLU B 535 -18.09 15.37 -10.84
N GLN B 536 -17.98 16.27 -11.83
CA GLN B 536 -16.70 16.67 -12.39
C GLN B 536 -16.42 18.12 -12.05
N THR B 537 -15.20 18.40 -11.60
CA THR B 537 -14.79 19.76 -11.27
C THR B 537 -13.61 20.15 -12.13
N GLN B 538 -13.71 21.28 -12.83
CA GLN B 538 -12.60 21.82 -13.60
C GLN B 538 -11.81 22.82 -12.75
N TYR B 539 -10.58 23.07 -13.14
CA TYR B 539 -9.69 24.00 -12.44
C TYR B 539 -9.02 24.91 -13.47
N SER B 540 -9.15 26.21 -13.27
CA SER B 540 -8.64 27.19 -14.23
C SER B 540 -7.34 27.87 -13.81
N TRP B 541 -7.12 27.99 -12.50
CA TRP B 541 -6.03 28.79 -11.95
C TRP B 541 -5.20 28.00 -10.95
N GLU B 542 -3.88 28.17 -10.99
CA GLU B 542 -2.96 27.43 -10.12
C GLU B 542 -3.47 27.28 -8.68
N ARG B 543 -3.88 28.39 -8.07
CA ARG B 543 -4.31 28.42 -6.67
C ARG B 543 -5.48 27.47 -6.35
N GLN B 544 -6.38 27.29 -7.31
CA GLN B 544 -7.51 26.35 -7.15
C GLN B 544 -7.03 24.91 -7.02
N ALA B 545 -5.88 24.60 -7.62
CA ALA B 545 -5.30 23.25 -7.63
C ALA B 545 -4.17 23.07 -6.60
N ALA B 546 -4.08 23.99 -5.64
CA ALA B 546 -3.13 23.87 -4.53
C ALA B 546 -3.90 23.39 -3.32
N PHE B 547 -3.83 22.09 -3.06
CA PHE B 547 -4.60 21.46 -1.99
C PHE B 547 -3.78 21.46 -0.72
N ARG B 548 -4.27 22.14 0.31
CA ARG B 548 -3.66 22.09 1.63
C ARG B 548 -4.16 20.85 2.36
N PHE B 549 -3.43 20.45 3.40
CA PHE B 549 -3.82 19.30 4.21
C PHE B 549 -5.16 19.52 4.92
N LYS B 550 -5.52 20.78 5.16
CA LYS B 550 -6.85 21.10 5.69
C LYS B 550 -7.94 20.71 4.71
N ARG B 551 -7.75 21.05 3.44
CA ARG B 551 -8.72 20.79 2.37
C ARG B 551 -8.94 19.26 2.16
N LYS B 552 -10.17 18.89 1.82
CA LYS B 552 -10.50 17.49 1.50
C LYS B 552 -9.94 17.17 0.11
N LEU B 553 -9.14 16.12 0.01
CA LEU B 553 -8.52 15.75 -1.27
C LEU B 553 -9.51 14.90 -2.07
N PRO B 554 -9.87 15.34 -3.29
CA PRO B 554 -10.77 14.52 -4.11
C PRO B 554 -10.22 13.11 -4.38
N LYS B 555 -11.12 12.16 -4.56
CA LYS B 555 -10.74 10.77 -4.77
C LYS B 555 -10.14 10.53 -6.15
N TYR B 556 -10.55 11.33 -7.16
CA TYR B 556 -9.97 11.25 -8.50
C TYR B 556 -9.25 12.55 -8.86
N LEU B 557 -7.93 12.46 -8.99
CA LEU B 557 -7.09 13.57 -9.38
C LEU B 557 -6.57 13.30 -10.80
N LEU B 558 -7.12 14.00 -11.78
CA LEU B 558 -6.91 13.65 -13.19
C LEU B 558 -6.15 14.73 -13.96
N PHE B 559 -5.15 14.29 -14.71
CA PHE B 559 -4.46 15.13 -15.68
C PHE B 559 -4.88 14.63 -17.06
N THR B 560 -5.51 15.51 -17.82
CA THR B 560 -6.28 15.11 -18.99
C THR B 560 -5.73 15.73 -20.26
N SER B 561 -5.81 14.98 -21.35
CA SER B 561 -5.56 15.48 -22.70
C SER B 561 -6.91 15.86 -23.31
N PRO B 562 -6.92 16.85 -24.23
CA PRO B 562 -8.13 17.14 -25.01
C PRO B 562 -8.55 15.99 -25.92
N GLN B 563 -7.61 15.12 -26.28
CA GLN B 563 -7.93 13.93 -27.06
C GLN B 563 -8.91 13.04 -26.32
N GLU B 564 -9.82 12.42 -27.06
CA GLU B 564 -10.79 11.51 -26.50
C GLU B 564 -10.46 10.08 -26.89
N ASN B 565 -10.79 9.13 -26.01
CA ASN B 565 -10.70 7.72 -26.37
C ASN B 565 -11.87 7.34 -27.29
N PRO B 566 -11.91 6.09 -27.80
CA PRO B 566 -13.00 5.73 -28.72
C PRO B 566 -14.43 5.83 -28.18
N TRP B 567 -14.58 6.00 -26.86
CA TRP B 567 -15.90 6.02 -26.21
C TRP B 567 -16.31 7.42 -25.78
N GLY B 568 -15.54 8.42 -26.22
CA GLY B 568 -15.89 9.81 -26.00
C GLY B 568 -15.38 10.44 -24.71
N HIS B 569 -14.53 9.73 -23.97
CA HIS B 569 -14.03 10.26 -22.70
C HIS B 569 -12.62 10.77 -22.89
N LYS B 570 -12.28 11.85 -22.20
CA LYS B 570 -10.94 12.45 -22.32
C LYS B 570 -9.86 11.50 -21.83
N ARG B 571 -8.76 11.41 -22.59
CA ARG B 571 -7.63 10.56 -22.23
C ARG B 571 -6.89 11.20 -21.05
N SER B 572 -6.75 10.45 -19.95
CA SER B 572 -6.20 10.98 -18.71
CA SER B 572 -6.11 11.01 -18.77
C SER B 572 -5.29 10.00 -17.98
N TYR B 573 -4.50 10.51 -17.05
CA TYR B 573 -3.83 9.72 -16.03
C TYR B 573 -4.27 10.23 -14.67
N ARG B 574 -4.48 9.29 -13.75
CA ARG B 574 -4.95 9.59 -12.41
C ARG B 574 -3.78 9.52 -11.43
N LEU B 575 -3.70 10.49 -10.53
CA LEU B 575 -2.70 10.48 -9.45
C LEU B 575 -3.38 10.02 -8.16
N GLN B 576 -2.81 8.98 -7.55
CA GLN B 576 -3.34 8.38 -6.32
C GLN B 576 -2.23 8.35 -5.28
N ILE B 577 -2.42 9.11 -4.21
CA ILE B 577 -1.37 9.36 -3.22
C ILE B 577 -1.51 8.43 -2.02
N HIS B 578 -0.40 7.81 -1.64
N HIS B 578 -0.40 7.79 -1.65
CA HIS B 578 -0.37 6.94 -0.46
CA HIS B 578 -0.34 6.94 -0.45
C HIS B 578 0.51 7.59 0.59
C HIS B 578 0.53 7.64 0.58
N SER B 579 -0.12 8.20 1.60
CA SER B 579 0.57 9.06 2.56
C SER B 579 -0.15 9.18 3.89
N MET B 580 0.60 9.46 4.95
CA MET B 580 0.00 9.79 6.24
CA MET B 580 0.05 9.79 6.26
C MET B 580 0.40 11.20 6.67
N ALA B 581 0.92 12.00 5.73
CA ALA B 581 1.42 13.35 6.05
C ALA B 581 0.34 14.32 6.49
N ASP B 582 0.81 15.39 7.12
CA ASP B 582 -0.03 16.48 7.61
C ASP B 582 0.84 17.72 7.68
N GLN B 583 0.23 18.85 8.01
CA GLN B 583 0.99 20.07 8.29
C GLN B 583 1.83 19.86 9.53
N VAL B 584 3.13 20.10 9.42
CA VAL B 584 4.04 19.90 10.55
C VAL B 584 4.39 21.23 11.20
N LEU B 585 5.10 22.08 10.46
CA LEU B 585 5.46 23.39 10.97
C LEU B 585 4.36 24.42 10.68
N PRO B 586 4.25 25.48 11.50
CA PRO B 586 3.28 26.54 11.21
C PRO B 586 3.67 27.30 9.94
N PRO B 587 2.72 27.43 9.00
CA PRO B 587 3.01 28.26 7.84
C PRO B 587 3.50 29.65 8.22
N GLY B 588 4.63 30.07 7.66
CA GLY B 588 5.13 31.43 7.86
C GLY B 588 6.12 31.55 8.99
N TRP B 589 6.33 30.47 9.75
CA TRP B 589 7.21 30.54 10.92
C TRP B 589 8.65 30.08 10.64
N GLN B 590 9.56 31.04 10.57
CA GLN B 590 11.00 30.81 10.53
C GLN B 590 11.44 29.73 9.51
N GLU B 591 11.89 28.57 9.99
CA GLU B 591 12.48 27.51 9.13
C GLU B 591 11.48 26.89 8.17
N GLU B 592 10.19 27.02 8.44
CA GLU B 592 9.13 26.51 7.57
C GLU B 592 9.25 27.09 6.15
N GLN B 593 9.89 28.26 6.04
CA GLN B 593 10.17 28.88 4.74
C GLN B 593 10.95 27.94 3.81
N ALA B 594 11.73 27.04 4.41
CA ALA B 594 12.50 26.08 3.63
C ALA B 594 11.63 24.99 3.02
N ILE B 595 10.46 24.72 3.60
CA ILE B 595 9.63 23.58 3.20
C ILE B 595 8.15 23.94 2.98
N THR B 596 7.92 25.02 2.23
CA THR B 596 6.57 25.51 1.94
C THR B 596 5.81 24.53 1.04
N TRP B 597 6.55 23.72 0.31
CA TRP B 597 5.96 22.65 -0.46
C TRP B 597 5.18 21.66 0.42
N ALA B 598 5.62 21.48 1.67
CA ALA B 598 4.99 20.54 2.61
C ALA B 598 3.67 21.07 3.14
N ARG B 599 3.25 22.24 2.65
CA ARG B 599 1.88 22.68 2.85
C ARG B 599 0.91 21.90 1.98
N TYR B 600 1.40 21.25 0.94
CA TYR B 600 0.51 20.76 -0.12
C TYR B 600 0.76 19.28 -0.45
N PRO B 601 -0.19 18.40 -0.10
CA PRO B 601 -0.11 17.04 -0.65
C PRO B 601 -0.06 17.05 -2.17
N LEU B 602 -0.78 17.99 -2.78
CA LEU B 602 -0.75 18.17 -4.22
C LEU B 602 -0.85 19.65 -4.54
N ALA B 603 0.02 20.13 -5.42
CA ALA B 603 -0.13 21.43 -6.05
C ALA B 603 0.22 21.31 -7.50
N VAL B 604 -0.41 22.11 -8.33
CA VAL B 604 -0.23 22.02 -9.75
C VAL B 604 0.27 23.37 -10.23
N THR B 605 1.39 23.37 -10.95
CA THR B 605 1.93 24.60 -11.53
C THR B 605 2.06 24.52 -13.03
N LYS B 606 2.05 25.69 -13.65
CA LYS B 606 2.37 25.83 -15.05
C LYS B 606 3.88 25.66 -15.14
N TYR B 607 4.33 24.84 -16.09
CA TYR B 607 5.76 24.59 -16.30
C TYR B 607 6.53 25.90 -16.47
N ARG B 608 7.64 26.02 -15.75
CA ARG B 608 8.60 27.13 -15.88
C ARG B 608 10.04 26.62 -15.66
N GLU B 609 10.96 27.05 -16.54
CA GLU B 609 12.37 26.73 -16.40
C GLU B 609 12.98 27.31 -15.12
N SER B 610 12.37 28.36 -14.58
CA SER B 610 12.85 28.94 -13.34
C SER B 610 12.35 28.19 -12.10
N GLU B 611 11.56 27.14 -12.30
CA GLU B 611 10.94 26.39 -11.21
C GLU B 611 11.11 24.89 -11.41
N LEU B 612 12.31 24.44 -11.77
CA LEU B 612 12.54 23.02 -12.02
C LEU B 612 12.65 22.21 -10.72
N CYS B 613 12.99 22.90 -9.62
CA CYS B 613 13.24 22.25 -8.33
C CYS B 613 12.54 22.96 -7.18
N SER B 614 12.05 22.17 -6.22
CA SER B 614 11.39 22.73 -5.05
C SER B 614 12.38 22.94 -3.90
N SER B 615 13.58 22.39 -4.00
CA SER B 615 14.60 22.56 -2.95
C SER B 615 15.96 22.77 -3.58
N SER B 616 17.00 22.70 -2.75
CA SER B 616 18.39 22.84 -3.19
C SER B 616 19.31 22.33 -2.08
N ILE B 617 20.58 22.10 -2.41
CA ILE B 617 21.59 21.70 -1.39
C ILE B 617 21.87 22.76 -0.32
N TYR B 618 21.35 23.98 -0.53
CA TYR B 618 21.55 25.09 0.39
C TYR B 618 20.46 25.21 1.46
N HIS B 619 19.29 24.63 1.20
CA HIS B 619 18.16 24.77 2.13
C HIS B 619 18.46 24.31 3.55
N GLN B 620 19.22 23.23 3.70
CA GLN B 620 19.53 22.69 5.04
C GLN B 620 20.17 23.73 5.96
N ASN B 621 21.14 24.48 5.43
CA ASN B 621 21.95 25.36 6.27
C ASN B 621 21.53 26.84 6.20
N ASP B 622 20.60 27.18 5.31
CA ASP B 622 19.85 28.45 5.42
C ASP B 622 18.37 28.23 5.12
N PRO B 623 17.65 27.59 6.05
CA PRO B 623 16.21 27.37 5.85
C PRO B 623 15.39 28.65 6.06
N TRP B 624 16.01 29.68 6.64
CA TRP B 624 15.32 30.94 6.90
C TRP B 624 15.22 31.79 5.64
N ASP B 625 16.23 31.73 4.78
CA ASP B 625 16.24 32.55 3.57
C ASP B 625 16.79 31.76 2.37
N PRO B 626 16.09 30.67 1.98
CA PRO B 626 16.59 29.79 0.92
C PRO B 626 16.40 30.36 -0.48
N PRO B 627 17.15 29.82 -1.47
CA PRO B 627 17.09 30.29 -2.84
C PRO B 627 15.84 29.84 -3.61
N VAL B 628 15.08 28.90 -3.05
CA VAL B 628 13.84 28.47 -3.69
C VAL B 628 12.77 28.36 -2.62
N VAL B 629 11.69 29.11 -2.81
CA VAL B 629 10.53 29.05 -1.93
C VAL B 629 9.33 28.59 -2.74
N PHE B 630 8.90 27.34 -2.50
CA PHE B 630 7.88 26.73 -3.35
C PHE B 630 6.60 27.56 -3.45
N GLU B 631 6.16 28.13 -2.34
CA GLU B 631 4.97 29.01 -2.31
C GLU B 631 4.99 30.11 -3.38
N GLN B 632 6.18 30.66 -3.67
CA GLN B 632 6.32 31.74 -4.65
C GLN B 632 5.96 31.26 -6.04
N PHE B 633 6.08 29.96 -6.30
CA PHE B 633 5.64 29.37 -7.57
C PHE B 633 4.14 29.65 -7.82
N LEU B 634 3.35 29.71 -6.74
CA LEU B 634 1.91 29.94 -6.82
C LEU B 634 1.49 31.43 -6.81
N HIS B 635 2.44 32.34 -6.57
CA HIS B 635 2.11 33.75 -6.37
CA HIS B 635 2.10 33.76 -6.38
C HIS B 635 1.44 34.39 -7.60
N ASN B 636 1.95 34.08 -8.79
CA ASN B 636 1.36 34.64 -10.01
C ASN B 636 0.02 34.01 -10.38
N ASN B 637 -0.37 32.93 -9.69
CA ASN B 637 -1.66 32.27 -9.87
C ASN B 637 -2.08 32.17 -11.34
N GLU B 638 -1.29 31.44 -12.11
CA GLU B 638 -1.45 31.40 -13.55
C GLU B 638 -2.57 30.47 -14.01
N ASN B 639 -3.02 30.71 -15.24
CA ASN B 639 -4.00 29.87 -15.90
C ASN B 639 -3.41 28.49 -16.19
N ILE B 640 -4.14 27.43 -15.84
CA ILE B 640 -3.67 26.06 -16.04
C ILE B 640 -4.63 25.26 -16.94
N GLU B 641 -5.41 25.98 -17.74
CA GLU B 641 -6.27 25.35 -18.73
C GLU B 641 -5.42 25.16 -19.97
N ASN B 642 -5.24 23.92 -20.38
CA ASN B 642 -4.53 23.65 -21.61
C ASN B 642 -3.11 24.23 -21.59
N GLU B 643 -2.33 23.79 -20.62
CA GLU B 643 -0.95 24.22 -20.45
C GLU B 643 -0.07 23.03 -20.17
N ASP B 644 1.23 23.26 -20.17
CA ASP B 644 2.19 22.27 -19.67
C ASP B 644 2.10 22.35 -18.15
N LEU B 645 1.50 21.33 -17.53
CA LEU B 645 1.29 21.32 -16.09
C LEU B 645 2.36 20.48 -15.40
N VAL B 646 2.63 20.81 -14.14
CA VAL B 646 3.51 20.01 -13.31
C VAL B 646 2.80 19.75 -11.98
N ALA B 647 2.59 18.48 -11.64
CA ALA B 647 2.07 18.12 -10.33
C ALA B 647 3.24 18.01 -9.38
N TRP B 648 3.07 18.53 -8.17
CA TRP B 648 4.06 18.43 -7.13
C TRP B 648 3.40 17.71 -5.95
N VAL B 649 4.02 16.64 -5.47
CA VAL B 649 3.38 15.73 -4.49
C VAL B 649 4.19 15.60 -3.21
N THR B 650 3.54 15.87 -2.07
CA THR B 650 4.13 15.64 -0.74
C THR B 650 3.57 14.34 -0.15
N VAL B 651 4.46 13.45 0.26
CA VAL B 651 4.08 12.24 0.98
C VAL B 651 4.95 12.11 2.22
N GLY B 652 4.44 11.43 3.24
CA GLY B 652 5.18 11.31 4.49
C GLY B 652 4.42 10.61 5.59
N PHE B 653 5.03 10.56 6.77
CA PHE B 653 4.39 9.94 7.91
C PHE B 653 5.05 10.37 9.21
N LEU B 654 4.21 10.50 10.23
CA LEU B 654 4.68 10.69 11.58
C LEU B 654 5.36 9.41 12.04
N HIS B 655 6.52 9.52 12.65
CA HIS B 655 7.18 8.36 13.23
C HIS B 655 7.43 8.67 14.70
N ILE B 656 6.63 8.04 15.56
CA ILE B 656 6.89 8.06 16.99
C ILE B 656 7.68 6.78 17.23
N PRO B 657 8.98 6.90 17.58
CA PRO B 657 9.72 5.65 17.70
C PRO B 657 9.21 4.72 18.79
N HIS B 658 9.45 3.43 18.60
CA HIS B 658 9.05 2.39 19.53
C HIS B 658 10.18 1.37 19.63
N SER B 659 10.12 0.50 20.63
CA SER B 659 11.24 -0.39 20.94
C SER B 659 11.58 -1.34 19.78
N GLU B 660 10.59 -1.68 18.97
CA GLU B 660 10.88 -2.53 17.81
C GLU B 660 11.77 -1.85 16.75
N ASP B 661 11.96 -0.53 16.86
CA ASP B 661 12.91 0.22 15.98
C ASP B 661 14.38 -0.08 16.31
N ILE B 662 14.62 -0.87 17.36
CA ILE B 662 15.98 -1.22 17.77
C ILE B 662 16.39 -2.59 17.22
N PRO B 663 17.55 -2.68 16.53
CA PRO B 663 18.56 -1.68 16.20
C PRO B 663 18.17 -0.76 15.06
N ASN B 664 17.27 -1.23 14.19
CA ASN B 664 16.84 -0.45 13.03
C ASN B 664 15.33 -0.41 12.86
N THR B 665 14.83 0.72 12.34
N THR B 665 14.83 0.71 12.33
CA THR B 665 13.49 0.80 11.77
CA THR B 665 13.46 0.77 11.84
C THR B 665 13.38 -0.22 10.65
C THR B 665 13.36 -0.19 10.65
N ALA B 666 12.25 -0.92 10.57
CA ALA B 666 12.02 -1.91 9.52
C ALA B 666 11.07 -1.34 8.45
N THR B 667 11.10 -1.94 7.25
CA THR B 667 10.31 -1.43 6.12
C THR B 667 8.81 -1.77 6.11
N PRO B 668 8.40 -2.88 6.76
CA PRO B 668 6.96 -3.19 6.66
C PRO B 668 6.11 -2.07 7.23
N GLY B 669 5.18 -1.58 6.41
CA GLY B 669 4.33 -0.44 6.74
C GLY B 669 5.02 0.91 6.83
N ASN B 670 6.31 0.98 6.52
CA ASN B 670 7.03 2.25 6.61
C ASN B 670 7.39 2.74 5.22
N SER B 671 6.38 2.86 4.37
CA SER B 671 6.58 3.36 3.03
C SER B 671 5.43 4.26 2.59
N VAL B 672 5.78 5.21 1.74
CA VAL B 672 4.82 6.13 1.15
C VAL B 672 5.14 6.30 -0.33
N GLY B 673 4.21 6.90 -1.04
CA GLY B 673 4.42 7.16 -2.45
C GLY B 673 3.13 7.55 -3.13
N PHE B 674 3.07 7.26 -4.42
CA PHE B 674 1.88 7.53 -5.21
C PHE B 674 1.85 6.61 -6.43
N LEU B 675 0.66 6.46 -7.01
CA LEU B 675 0.49 5.73 -8.25
C LEU B 675 0.04 6.70 -9.34
N LEU B 676 0.40 6.37 -10.57
CA LEU B 676 -0.12 7.04 -11.75
C LEU B 676 -0.84 5.97 -12.58
N ARG B 677 -2.13 6.11 -12.76
CA ARG B 677 -2.96 5.09 -13.36
C ARG B 677 -3.61 5.64 -14.63
N PRO B 678 -3.60 4.85 -15.72
CA PRO B 678 -4.36 5.21 -16.91
C PRO B 678 -5.85 5.34 -16.60
N PHE B 679 -6.45 6.45 -17.00
CA PHE B 679 -7.88 6.67 -16.81
C PHE B 679 -8.53 7.15 -18.12
N ASN B 680 -9.11 6.20 -18.86
CA ASN B 680 -9.69 6.42 -20.20
C ASN B 680 -8.63 6.81 -21.23
N PHE B 681 -7.39 6.44 -20.94
CA PHE B 681 -6.27 6.75 -21.80
C PHE B 681 -6.18 5.75 -22.94
N PHE B 682 -6.37 4.47 -22.60
CA PHE B 682 -6.34 3.39 -23.58
C PHE B 682 -7.76 2.92 -23.87
N PRO B 683 -8.02 2.39 -25.07
CA PRO B 683 -9.36 1.93 -25.43
C PRO B 683 -9.88 0.78 -24.55
N GLU B 684 -8.96 -0.06 -24.09
CA GLU B 684 -9.28 -1.17 -23.18
C GLU B 684 -8.03 -1.48 -22.36
N ASP B 685 -8.08 -2.50 -21.50
CA ASP B 685 -6.93 -2.89 -20.68
C ASP B 685 -5.64 -3.00 -21.51
N PRO B 686 -4.65 -2.10 -21.26
CA PRO B 686 -3.41 -2.15 -22.07
C PRO B 686 -2.53 -3.39 -21.86
N SER B 687 -2.77 -4.15 -20.79
CA SER B 687 -2.08 -5.43 -20.56
C SER B 687 -2.59 -6.57 -21.44
N LEU B 688 -3.59 -6.32 -22.28
CA LEU B 688 -4.10 -7.37 -23.17
C LEU B 688 -3.08 -7.79 -24.24
N ALA B 689 -2.07 -6.96 -24.48
CA ALA B 689 -0.98 -7.36 -25.37
C ALA B 689 -0.06 -8.45 -24.78
N SER B 690 -0.08 -8.64 -23.45
CA SER B 690 0.79 -9.64 -22.83
C SER B 690 0.46 -11.05 -23.27
N ARG B 691 1.49 -11.80 -23.62
CA ARG B 691 1.29 -13.18 -24.07
C ARG B 691 1.41 -14.18 -22.91
N ASP B 692 1.49 -13.67 -21.68
CA ASP B 692 1.56 -14.50 -20.47
C ASP B 692 0.19 -15.00 -20.01
N THR B 693 -0.88 -14.36 -20.49
CA THR B 693 -2.25 -14.71 -20.10
C THR B 693 -2.50 -16.18 -20.35
N VAL B 694 -3.20 -16.82 -19.41
CA VAL B 694 -3.58 -18.22 -19.54
C VAL B 694 -5.10 -18.30 -19.42
N ILE B 695 -5.73 -19.04 -20.33
CA ILE B 695 -7.15 -19.33 -20.26
C ILE B 695 -7.36 -20.85 -20.28
N VAL B 696 -8.10 -21.34 -19.29
CA VAL B 696 -8.44 -22.76 -19.19
C VAL B 696 -9.90 -22.95 -19.60
N TRP B 697 -10.13 -23.78 -20.62
CA TRP B 697 -11.48 -24.06 -21.13
C TRP B 697 -11.88 -25.50 -20.88
N PRO B 698 -13.17 -25.74 -20.60
CA PRO B 698 -13.66 -27.10 -20.48
C PRO B 698 -13.80 -27.77 -21.86
N ARG B 699 -13.73 -29.09 -21.88
CA ARG B 699 -13.91 -29.88 -23.11
C ARG B 699 -14.87 -31.04 -22.82
N ASP B 700 -15.83 -31.23 -23.71
CA ASP B 700 -16.80 -32.34 -23.55
C ASP B 700 -16.08 -33.69 -23.51
N ASN B 701 -16.25 -34.40 -22.40
CA ASN B 701 -15.76 -35.78 -22.26
C ASN B 701 -14.24 -35.95 -22.37
N GLY B 702 -13.50 -34.90 -22.02
CA GLY B 702 -12.03 -34.92 -22.04
C GLY B 702 -11.43 -33.94 -21.05
N PRO B 703 -10.09 -33.91 -20.95
CA PRO B 703 -9.43 -32.93 -20.07
C PRO B 703 -9.57 -31.51 -20.61
N ASN B 704 -9.34 -30.52 -19.74
CA ASN B 704 -9.48 -29.13 -20.11
C ASN B 704 -8.40 -28.73 -21.11
N TYR B 705 -8.74 -27.76 -21.96
CA TYR B 705 -7.77 -27.14 -22.85
C TYR B 705 -7.13 -25.96 -22.13
N VAL B 706 -5.83 -26.04 -21.90
CA VAL B 706 -5.08 -24.95 -21.28
C VAL B 706 -4.44 -24.11 -22.39
N GLN B 707 -5.08 -23.00 -22.74
CA GLN B 707 -4.62 -22.15 -23.83
C GLN B 707 -3.53 -21.20 -23.33
N ARG B 708 -2.39 -21.22 -24.02
CA ARG B 708 -1.24 -20.36 -23.69
C ARG B 708 -0.74 -19.69 -24.96
N TRP B 709 0.02 -18.61 -24.79
CA TRP B 709 0.69 -17.94 -25.92
C TRP B 709 2.21 -17.86 -25.70
N ILE B 710 2.68 -18.43 -24.60
CA ILE B 710 4.09 -18.67 -24.33
C ILE B 710 4.14 -20.07 -23.68
N PRO B 711 5.14 -20.89 -24.02
CA PRO B 711 5.13 -22.25 -23.46
C PRO B 711 5.29 -22.25 -21.95
N GLU B 712 4.70 -23.25 -21.28
CA GLU B 712 4.88 -23.42 -19.85
C GLU B 712 6.37 -23.54 -19.57
N ASP B 713 6.82 -22.90 -18.51
CA ASP B 713 8.23 -22.93 -18.16
C ASP B 713 8.38 -23.42 -16.73
N ARG B 714 9.26 -24.39 -16.53
CA ARG B 714 9.59 -24.86 -15.18
C ARG B 714 11.10 -24.92 -14.95
N ASP B 715 11.86 -24.25 -15.82
CA ASP B 715 13.33 -24.25 -15.73
C ASP B 715 13.81 -23.54 -14.48
N CYS B 716 14.89 -24.06 -13.91
CA CYS B 716 15.53 -23.44 -12.77
C CYS B 716 16.98 -23.19 -13.13
N SER B 717 17.55 -22.11 -12.60
CA SER B 717 18.98 -21.84 -12.75
C SER B 717 19.51 -21.13 -11.50
N MET B 718 20.83 -21.07 -11.39
CA MET B 718 21.48 -20.43 -10.24
C MET B 718 21.87 -19.01 -10.56
N PRO B 719 21.81 -18.12 -9.55
CA PRO B 719 22.30 -16.78 -9.76
C PRO B 719 23.80 -16.71 -9.48
N PRO B 720 24.43 -15.57 -9.78
CA PRO B 720 25.81 -15.35 -9.36
C PRO B 720 25.98 -15.63 -7.88
N PRO B 721 27.14 -16.17 -7.47
CA PRO B 721 27.39 -16.30 -6.04
C PRO B 721 27.42 -14.92 -5.37
N PHE B 722 27.08 -14.86 -4.09
CA PHE B 722 27.05 -13.59 -3.39
C PHE B 722 28.43 -12.97 -3.34
N SER B 723 28.51 -11.68 -3.60
CA SER B 723 29.72 -10.92 -3.31
C SER B 723 29.33 -9.52 -2.89
N TYR B 724 30.23 -8.86 -2.16
CA TYR B 724 30.04 -7.48 -1.72
C TYR B 724 31.40 -6.85 -1.53
N ASN B 725 31.57 -5.65 -2.07
CA ASN B 725 32.84 -4.95 -2.04
C ASN B 725 32.93 -3.97 -0.87
N GLY B 726 32.02 -3.01 -0.85
CA GLY B 726 31.92 -2.06 0.24
C GLY B 726 32.80 -0.83 0.11
N THR B 727 33.66 -0.78 -0.90
CA THR B 727 34.46 0.42 -1.16
C THR B 727 33.95 1.16 -2.37
N TYR B 728 34.24 2.46 -2.42
CA TYR B 728 33.82 3.36 -3.49
C TYR B 728 35.01 4.30 -3.66
N ARG B 729 35.70 4.17 -4.79
CA ARG B 729 36.97 4.87 -5.05
C ARG B 729 37.06 5.41 -6.47
N PRO B 730 37.97 6.37 -6.71
CA PRO B 730 38.21 6.83 -8.07
C PRO B 730 38.75 5.72 -8.97
N VAL B 731 38.50 5.84 -10.27
CA VAL B 731 38.98 4.88 -11.24
C VAL B 731 39.71 5.63 -12.34
C1 NAG C . -40.98 -21.02 11.43
C2 NAG C . -41.77 -20.62 12.67
C3 NAG C . -41.57 -21.70 13.73
C4 NAG C . -41.98 -23.06 13.18
C5 NAG C . -41.18 -23.31 11.88
C6 NAG C . -41.52 -24.65 11.23
C7 NAG C . -42.03 -18.27 13.37
C8 NAG C . -41.34 -17.07 13.95
N2 NAG C . -41.27 -19.36 13.20
O3 NAG C . -42.28 -21.39 14.90
O4 NAG C . -41.66 -24.03 14.15
O5 NAG C . -41.43 -22.26 10.96
O6 NAG C . -42.79 -24.57 10.64
O7 NAG C . -43.23 -18.20 13.09
C1 NAG C . -42.74 -24.95 14.37
C2 NAG C . -42.20 -26.12 15.16
C3 NAG C . -43.28 -27.15 15.49
C4 NAG C . -44.65 -26.58 15.83
C5 NAG C . -44.94 -25.25 15.14
C6 NAG C . -46.03 -24.49 15.88
C7 NAG C . -39.88 -26.66 14.65
C8 NAG C . -38.95 -27.38 13.71
N2 NAG C . -41.17 -26.76 14.37
O3 NAG C . -42.84 -27.95 16.57
O4 NAG C . -45.59 -27.52 15.38
O5 NAG C . -43.81 -24.39 15.08
O6 NAG C . -46.42 -23.39 15.10
O7 NAG C . -39.45 -26.01 15.59
C1 BMA C . -46.43 -28.28 16.29
C2 BMA C . -45.69 -28.96 17.45
C3 BMA C . -46.67 -29.71 18.34
C4 BMA C . -47.88 -28.86 18.68
C5 BMA C . -48.51 -28.31 17.40
C6 BMA C . -49.74 -27.46 17.72
O2 BMA C . -44.98 -28.06 18.25
O3 BMA C . -46.00 -30.04 19.55
O4 BMA C . -48.83 -29.65 19.34
O5 BMA C . -47.51 -27.52 16.77
O6 BMA C . -50.93 -28.15 17.43
C1 NAG D . 5.49 31.71 19.58
C2 NAG D . 4.86 32.43 18.40
C3 NAG D . 5.48 33.81 18.22
C4 NAG D . 5.39 34.62 19.52
C5 NAG D . 5.99 33.78 20.65
C6 NAG D . 5.90 34.47 22.01
C7 NAG D . 4.20 30.76 16.75
C8 NAG D . 4.49 30.11 15.42
N2 NAG D . 5.03 31.71 17.15
O3 NAG D . 4.86 34.48 17.16
O4 NAG D . 6.21 35.75 19.39
O5 NAG D . 5.34 32.53 20.73
O6 NAG D . 4.56 34.76 22.28
O7 NAG D . 3.23 30.41 17.42
C1 NAG D . 5.49 37.01 19.40
C2 NAG D . 6.52 38.08 19.75
C3 NAG D . 5.96 39.49 19.65
C4 NAG D . 5.21 39.70 18.34
C5 NAG D . 4.27 38.54 18.00
C6 NAG D . 3.84 38.67 16.54
C7 NAG D . 8.18 37.33 21.40
C8 NAG D . 8.51 37.19 22.85
N2 NAG D . 6.99 37.87 21.11
O3 NAG D . 7.01 40.43 19.72
O4 NAG D . 4.48 40.89 18.48
O5 NAG D . 4.88 37.26 18.15
O6 NAG D . 2.69 37.89 16.32
O7 NAG D . 8.98 36.93 20.54
C1 NAG E . -11.40 -33.00 -12.17
C2 NAG E . -11.21 -33.77 -13.47
C3 NAG E . -11.95 -35.10 -13.48
C4 NAG E . -11.79 -35.83 -12.16
C5 NAG E . -12.11 -34.93 -10.97
C6 NAG E . -11.85 -35.64 -9.65
C7 NAG E . -10.87 -32.25 -15.38
C8 NAG E . -11.57 -31.46 -16.45
N2 NAG E . -11.67 -32.95 -14.57
O3 NAG E . -11.37 -35.87 -14.51
O4 NAG E . -12.64 -36.95 -12.10
O5 NAG E . -11.27 -33.82 -11.03
O6 NAG E . -10.52 -36.13 -9.65
O7 NAG E . -9.65 -32.22 -15.30
C1 NAG E . -11.85 -38.14 -12.31
C2 NAG E . -12.67 -39.36 -11.91
C3 NAG E . -11.87 -40.64 -12.17
C4 NAG E . -11.15 -40.66 -13.52
C5 NAG E . -10.54 -39.30 -13.89
C6 NAG E . -10.10 -39.28 -15.36
C7 NAG E . -14.20 -38.80 -10.09
C8 NAG E . -14.42 -38.78 -8.61
N2 NAG E . -13.03 -39.27 -10.50
O3 NAG E . -12.78 -41.72 -12.10
O4 NAG E . -10.09 -41.60 -13.51
O5 NAG E . -11.46 -38.26 -13.65
O6 NAG E . -8.79 -38.77 -15.47
O7 NAG E . -15.10 -38.40 -10.85
C1 NAG F . 31.63 35.19 -5.28
C2 NAG F . 31.14 36.51 -5.84
C3 NAG F . 31.69 36.80 -7.25
C4 NAG F . 33.10 36.28 -7.49
C5 NAG F . 33.37 34.95 -6.82
C6 NAG F . 34.84 34.56 -6.98
C7 NAG F . 28.90 37.30 -5.32
C8 NAG F . 27.41 37.19 -5.48
N2 NAG F . 29.68 36.46 -5.97
O3 NAG F . 31.58 38.20 -7.49
O4 NAG F . 33.26 36.04 -8.87
O5 NAG F . 33.02 35.03 -5.45
O6 NAG F . 35.67 35.38 -6.20
O7 NAG F . 29.38 38.14 -4.58
C1 NAG F . 34.19 36.95 -9.47
C2 NAG F . 34.54 36.43 -10.86
C3 NAG F . 35.40 37.41 -11.64
C4 NAG F . 34.88 38.83 -11.54
C5 NAG F . 34.56 39.19 -10.10
C6 NAG F . 34.00 40.61 -9.95
C7 NAG F . 34.65 34.02 -11.18
C8 NAG F . 35.44 32.76 -11.03
N2 NAG F . 35.22 35.14 -10.76
O3 NAG F . 35.43 37.01 -12.99
O4 NAG F . 35.90 39.69 -12.03
O5 NAG F . 33.63 38.26 -9.58
O6 NAG F . 32.60 40.62 -10.09
O7 NAG F . 33.52 33.98 -11.67
C1 NAG G . -35.17 12.86 -0.03
C2 NAG G . -35.00 12.95 1.47
C3 NAG G . -36.32 12.71 2.19
C4 NAG G . -37.42 13.62 1.65
C5 NAG G . -37.47 13.50 0.13
C6 NAG G . -38.47 14.49 -0.47
C7 NAG G . -32.73 12.28 2.12
C8 NAG G . -31.82 11.20 2.66
N2 NAG G . -34.02 11.99 1.98
O3 NAG G . -36.13 12.94 3.56
O4 NAG G . -38.66 13.15 2.14
O5 NAG G . -36.21 13.75 -0.42
O6 NAG G . -38.01 15.79 -0.22
O7 NAG G . -32.27 13.36 1.81
C1 NAG G . -39.45 14.11 2.84
C2 NAG G . -40.92 13.68 2.78
C3 NAG G . -41.82 14.44 3.74
C4 NAG G . -41.20 14.43 5.13
C5 NAG G . -39.79 14.99 5.04
C6 NAG G . -39.11 14.99 6.40
C7 NAG G . -41.58 12.81 0.56
C8 NAG G . -42.12 13.16 -0.79
N2 NAG G . -41.44 13.83 1.42
O3 NAG G . -43.09 13.84 3.78
O4 NAG G . -42.01 15.16 6.04
O5 NAG G . -39.01 14.18 4.18
O6 NAG G . -38.93 13.64 6.80
O7 NAG G . -41.27 11.64 0.82
C1 NAG H . 36.69 -4.08 -4.30
C2 NAG H . 37.66 -5.13 -3.78
C3 NAG H . 39.10 -4.86 -4.20
C4 NAG H . 39.19 -4.57 -5.69
C5 NAG H . 38.23 -3.41 -5.98
C6 NAG H . 38.25 -2.97 -7.45
C7 NAG H . 37.01 -6.10 -1.61
C8 NAG H . 37.08 -5.92 -0.13
N2 NAG H . 37.62 -5.15 -2.33
O3 NAG H . 39.88 -5.98 -3.88
O4 NAG H . 40.51 -4.19 -6.02
O5 NAG H . 36.92 -3.82 -5.66
O6 NAG H . 38.01 -4.10 -8.26
O7 NAG H . 36.43 -7.07 -2.08
C1 NAG H . 41.17 -5.11 -6.91
C2 NAG H . 42.34 -4.39 -7.56
C3 NAG H . 43.33 -5.30 -8.28
C4 NAG H . 43.63 -6.50 -7.42
C5 NAG H . 42.32 -7.16 -7.04
C6 NAG H . 42.56 -8.46 -6.30
C7 NAG H . 41.79 -2.13 -8.14
C8 NAG H . 41.25 -1.17 -9.16
N2 NAG H . 41.84 -3.40 -8.49
O3 NAG H . 44.52 -4.58 -8.54
O4 NAG H . 44.45 -7.40 -8.13
O5 NAG H . 41.61 -6.26 -6.22
O6 NAG H . 43.68 -8.32 -5.47
O7 NAG H . 42.16 -1.75 -7.03
CU CU I . -15.40 -1.67 -8.69
CA CA J . -10.36 -8.39 22.41
CA CA K . -21.59 -1.76 23.36
C1 GOL L . -3.97 -32.03 6.34
O1 GOL L . -4.84 -31.43 7.27
C2 GOL L . -2.57 -32.13 6.94
O2 GOL L . -2.11 -30.85 7.25
C3 GOL L . -2.56 -33.03 8.17
O3 GOL L . -1.23 -33.36 8.49
C1 PNT M . -25.00 -10.96 -9.14
C2 PNT M . -24.14 -9.90 -9.39
C3 PNT M . -23.32 -9.42 -8.39
C4 PNT M . -23.34 -10.00 -7.14
C5 PNT M . -24.21 -11.06 -6.88
C6 PNT M . -25.04 -11.53 -7.89
C7 PNT M . -25.89 -12.68 -10.70
C8 PNT M . -26.73 -13.61 -9.86
C9 PNT M . -22.47 -9.49 -6.04
C10 PNT M . -25.83 -14.58 -9.11
C1' PNT M . -24.56 -17.50 -6.69
C2' PNT M . -25.03 -17.41 -5.38
C3' PNT M . -24.43 -18.16 -4.37
C4' PNT M . -23.35 -18.99 -4.65
C5' PNT M . -22.88 -19.09 -5.97
C6' PNT M . -23.48 -18.34 -6.98
C7' PNT M . -24.74 -16.78 -9.02
C8' PNT M . -25.64 -15.88 -9.85
C9' PNT M . -22.72 -19.81 -3.57
O1 PNT M . -25.84 -11.39 -10.15
O1' PNT M . -25.17 -16.76 -7.66
N1 PNT M . -21.32 -9.03 -6.26
N2 PNT M . -22.95 -9.50 -4.80
N1' PNT M . -22.48 -19.27 -2.45
N2' PNT M . -22.40 -21.09 -3.79
CU CU N . 11.58 7.82 11.24
CA CA O . 3.70 18.68 -17.98
CA CA P . 3.16 30.05 -11.29
C1 PNT Q . 24.02 13.16 10.23
C2 PNT Q . 22.84 12.62 10.71
C3 PNT Q . 21.68 12.66 9.98
C4 PNT Q . 21.70 13.24 8.73
C5 PNT Q . 22.87 13.78 8.22
C6 PNT Q . 24.04 13.75 8.98
C7 PNT Q . 26.50 13.06 10.97
C8 PNT Q . 27.08 13.76 9.76
C9 PNT Q . 20.45 13.28 7.94
C10 PNT Q . 27.06 12.88 8.51
C1' PNT Q . 28.02 12.92 4.50
C2' PNT Q . 27.62 14.03 3.73
C3' PNT Q . 27.51 13.93 2.35
C4' PNT Q . 27.80 12.72 1.70
C5' PNT Q . 28.19 11.63 2.46
C6' PNT Q . 28.30 11.71 3.84
C7' PNT Q . 28.46 11.92 6.69
C8' PNT Q . 28.43 12.33 8.16
C9' PNT Q . 27.68 12.59 0.21
O1 PNT Q . 25.08 13.04 11.10
O1' PNT Q . 28.12 13.03 5.87
N1 PNT Q . 19.59 12.37 8.01
N2 PNT Q . 20.24 14.34 7.17
N1' PNT Q . 26.64 13.00 -0.36
N2' PNT Q . 28.64 12.00 -0.51
#